data_8QU9
# 
_entry.id   8QU9 
# 
_audit_conform.dict_name       mmcif_pdbx.dic 
_audit_conform.dict_version    5.404 
_audit_conform.dict_location   http://mmcif.pdb.org/dictionaries/ascii/mmcif_pdbx.dic 
# 
loop_
_database_2.database_id 
_database_2.database_code 
_database_2.pdbx_database_accession 
_database_2.pdbx_DOI 
PDB   8QU9         pdb_00008qu9 10.2210/pdb8qu9/pdb 
WWPDB D_1292133308 ?            ?                   
EMDB  EMD-18658    ?            ?                   
# 
loop_
_pdbx_audit_revision_history.ordinal 
_pdbx_audit_revision_history.data_content_type 
_pdbx_audit_revision_history.major_revision 
_pdbx_audit_revision_history.minor_revision 
_pdbx_audit_revision_history.revision_date 
_pdbx_audit_revision_history.part_number 
1  'Structure model' 1 0 2024-05-15 ? 
2  'EM metadata'     1 0 2024-05-15 ? 
3  FSC               1 0 2024-05-15 ? 
4  'Half map'        1 0 2024-05-15 1 
5  'Half map'        1 0 2024-05-15 2 
6  Image             1 0 2024-05-15 ? 
7  'Primary map'     1 0 2024-05-15 ? 
8  'Structure model' 1 1 2025-02-19 ? 
9  FSC               1 0 2024-05-15 ? 
10 'Half map'        1 0 2024-05-15 1 
11 'Half map'        1 0 2024-05-15 2 
12 Image             1 0 2024-05-15 ? 
13 'Primary map'     1 0 2024-05-15 ? 
14 'Structure model' 1 2 2025-07-02 ? 
15 'EM metadata'     1 1 2025-07-02 ? 
# 
loop_
_pdbx_audit_revision_details.ordinal 
_pdbx_audit_revision_details.revision_ordinal 
_pdbx_audit_revision_details.data_content_type 
_pdbx_audit_revision_details.provider 
_pdbx_audit_revision_details.type 
_pdbx_audit_revision_details.description 
_pdbx_audit_revision_details.details 
1  1  'Structure model' repository 'Initial release' ? ? 
2  2  'EM metadata'     repository 'Initial release' ? ? 
3  3  FSC               repository 'Initial release' ? ? 
4  4  'Half map'        repository 'Initial release' ? ? 
5  5  'Half map'        repository 'Initial release' ? ? 
6  6  Image             repository 'Initial release' ? ? 
7  7  'Primary map'     repository 'Initial release' ? ? 
8  9  FSC               repository 'Initial release' ? ? 
9  10 'Half map'        repository 'Initial release' ? ? 
10 11 'Half map'        repository 'Initial release' ? ? 
11 12 Image             repository 'Initial release' ? ? 
12 13 'Primary map'     repository 'Initial release' ? ? 
# 
loop_
_pdbx_audit_revision_group.ordinal 
_pdbx_audit_revision_group.revision_ordinal 
_pdbx_audit_revision_group.data_content_type 
_pdbx_audit_revision_group.group 
1 8  'Structure model' 'Data collection'      
2 8  'Structure model' 'Derived calculations' 
3 8  'Structure model' 'Structure summary'    
4 14 'Structure model' 'Data collection'      
5 15 'EM metadata'     'Data processing'      
6 15 'EM metadata'     'Experimental summary' 
# 
loop_
_pdbx_audit_revision_category.ordinal 
_pdbx_audit_revision_category.revision_ordinal 
_pdbx_audit_revision_category.data_content_type 
_pdbx_audit_revision_category.category 
1 8  'Structure model' em_admin                 
2 8  'Structure model' pdbx_entry_details       
3 8  'Structure model' pdbx_struct_assembly_gen 
4 8  'Structure model' pdbx_struct_oper_list    
5 14 'Structure model' em_admin                 
6 14 'Structure model' em_software              
7 15 'EM metadata'     em_admin                 
8 15 'EM metadata'     em_software              
# 
loop_
_pdbx_audit_revision_item.ordinal 
_pdbx_audit_revision_item.revision_ordinal 
_pdbx_audit_revision_item.data_content_type 
_pdbx_audit_revision_item.item 
1 8  'Structure model' '_em_admin.last_update'                        
2 8  'Structure model' '_pdbx_entry_details.has_protein_modification' 
3 14 'Structure model' '_em_admin.last_update'                        
4 14 'Structure model' '_em_software.name'                            
5 15 'EM metadata'     '_em_admin.last_update'                        
6 15 'EM metadata'     '_em_software.name'                            
# 
_pdbx_database_status.status_code                     REL 
_pdbx_database_status.status_code_sf                  ? 
_pdbx_database_status.status_code_mr                  ? 
_pdbx_database_status.entry_id                        8QU9 
_pdbx_database_status.recvd_initial_deposition_date   2023-10-15 
_pdbx_database_status.SG_entry                        N 
_pdbx_database_status.deposit_site                    PDBE 
_pdbx_database_status.process_site                    PDBE 
_pdbx_database_status.status_code_cs                  ? 
_pdbx_database_status.status_code_nmr_data            ? 
_pdbx_database_status.methods_development_category    ? 
_pdbx_database_status.pdb_format_compatible           Y 
# 
_pdbx_database_related.db_name        EMDB 
_pdbx_database_related.details        'Structure of the NCOA4 (Nuclear Receptor Coactivator 4)-FTH1 (H-Ferritin) complex' 
_pdbx_database_related.db_id          EMD-18658 
_pdbx_database_related.content_type   'associated EM volume' 
# 
_pdbx_contact_author.id                 2 
_pdbx_contact_author.email              frankg@bgu.ac.il 
_pdbx_contact_author.name_first         'Gabriel, A.' 
_pdbx_contact_author.name_last          Frank 
_pdbx_contact_author.name_mi            ? 
_pdbx_contact_author.role               'principal investigator/group leader' 
_pdbx_contact_author.identifier_ORCID   0000-0001-8379-5133 
# 
loop_
_audit_author.name 
_audit_author.pdbx_ordinal 
_audit_author.identifier_ORCID 
'Hoelzgen, F.'       1 0000-0002-9493-4490 
'Klukin, E.'         2 0009-0008-0298-6375 
'Zalk, R.'           3 0000-0003-4251-6497 
'Shahar, A.'         4 0000-0002-7287-2559 
'Cohen-Schwartz, S.' 5 0000-0002-0138-403X 
'Frank, G.A.'        6 0000-0001-8379-5133 
# 
_citation.abstract                  ? 
_citation.abstract_id_CAS           ? 
_citation.book_id_ISBN              ? 
_citation.book_publisher            ? 
_citation.book_publisher_city       ? 
_citation.book_title                ? 
_citation.coordinate_linkage        ? 
_citation.country                   UK 
_citation.database_id_Medline       ? 
_citation.details                   ? 
_citation.id                        primary 
_citation.journal_abbrev            'Nat Commun' 
_citation.journal_id_ASTM           ? 
_citation.journal_id_CSD            ? 
_citation.journal_id_ISSN           2041-1723 
_citation.journal_full              ? 
_citation.journal_issue             ? 
_citation.journal_volume            15 
_citation.language                  ? 
_citation.page_first                3802 
_citation.page_last                 3802 
_citation.title                     'Structural basis for the intracellular regulation of ferritin degradation.' 
_citation.year                      2024 
_citation.database_id_CSD           ? 
_citation.pdbx_database_id_DOI      10.1038/s41467-024-48151-1 
_citation.pdbx_database_id_PubMed   38714719 
_citation.pdbx_database_id_patent   ? 
_citation.unpublished_flag          ? 
# 
loop_
_citation_author.citation_id 
_citation_author.name 
_citation_author.ordinal 
_citation_author.identifier_ORCID 
primary 'Hoelzgen, F.'       1  ?                   
primary 'Nguyen, T.T.P.'     2  ?                   
primary 'Klukin, E.'         3  ?                   
primary 'Boumaiza, M.'       4  ?                   
primary 'Srivastava, A.K.'   5  ?                   
primary 'Kim, E.Y.'          6  ?                   
primary 'Zalk, R.'           7  0000-0003-4251-6497 
primary 'Shahar, A.'         8  ?                   
primary 'Cohen-Schwartz, S.' 9  ?                   
primary 'Meyron-Holtz, E.G.' 10 ?                   
primary 'Bou-Abdallah, F.'   11 0000-0002-8557-1827 
primary 'Mancias, J.D.'      12 0000-0002-0692-3717 
primary 'Frank, G.A.'        13 0000-0001-8379-5133 
# 
loop_
_entity.id 
_entity.type 
_entity.src_method 
_entity.pdbx_description 
_entity.formula_weight 
_entity.pdbx_number_of_molecules 
_entity.pdbx_ec 
_entity.pdbx_mutation 
_entity.pdbx_fragment 
_entity.details 
1 polymer     man 'Ferritin heavy chain'                   20764.098 1 ? ? ? ? 
2 polymer     man 'NCOA4 (Nuclear Receptor Coactivator 4)' 1877.122  1 ? ? ? ? 
3 non-polymer syn 'FE (III) ION'                           55.845    2 ? ? ? ? 
4 water       nat water                                    18.015    1 ? ? ? ? 
# 
loop_
_entity_poly.entity_id 
_entity_poly.type 
_entity_poly.nstd_linkage 
_entity_poly.nstd_monomer 
_entity_poly.pdbx_seq_one_letter_code 
_entity_poly.pdbx_seq_one_letter_code_can 
_entity_poly.pdbx_strand_id 
_entity_poly.pdbx_target_identifier 
1 'polypeptide(L)' no no 
;TSQVRQNYHQDSEAAINRQINLELYASYVYLSMSYYFDRDDVALKNFAKYFLHQSHEEREHAEKLMKLQNQRGGRIFLQD
IKKPDCDDWESGLNAMECALHLEKNVNQSLLELHKLATDKNDPHLCDFIETHYLNEQVKAIKELGDHVTNLRKMGAPESG
LAEYLFDKHTLGDSDNES
;
;TSQVRQNYHQDSEAAINRQINLELYASYVYLSMSYYFDRDDVALKNFAKYFLHQSHEEREHAEKLMKLQNQRGGRIFLQD
IKKPDCDDWESGLNAMECALHLEKNVNQSLLELHKLATDKNDPHLCDFIETHYLNEQVKAIKELGDHVTNLRKMGAPESG
LAEYLFDKHTLGDSDNES
;
A ? 
2 'polypeptide(L)' no no DSFQVIKNSPLSEWLI DSFQVIKNSPLSEWLI B ? 
# 
loop_
_pdbx_entity_nonpoly.entity_id 
_pdbx_entity_nonpoly.name 
_pdbx_entity_nonpoly.comp_id 
3 'FE (III) ION' FE  
4 water          HOH 
# 
loop_
_entity_poly_seq.entity_id 
_entity_poly_seq.num 
_entity_poly_seq.mon_id 
_entity_poly_seq.hetero 
1 1   THR n 
1 2   SER n 
1 3   GLN n 
1 4   VAL n 
1 5   ARG n 
1 6   GLN n 
1 7   ASN n 
1 8   TYR n 
1 9   HIS n 
1 10  GLN n 
1 11  ASP n 
1 12  SER n 
1 13  GLU n 
1 14  ALA n 
1 15  ALA n 
1 16  ILE n 
1 17  ASN n 
1 18  ARG n 
1 19  GLN n 
1 20  ILE n 
1 21  ASN n 
1 22  LEU n 
1 23  GLU n 
1 24  LEU n 
1 25  TYR n 
1 26  ALA n 
1 27  SER n 
1 28  TYR n 
1 29  VAL n 
1 30  TYR n 
1 31  LEU n 
1 32  SER n 
1 33  MET n 
1 34  SER n 
1 35  TYR n 
1 36  TYR n 
1 37  PHE n 
1 38  ASP n 
1 39  ARG n 
1 40  ASP n 
1 41  ASP n 
1 42  VAL n 
1 43  ALA n 
1 44  LEU n 
1 45  LYS n 
1 46  ASN n 
1 47  PHE n 
1 48  ALA n 
1 49  LYS n 
1 50  TYR n 
1 51  PHE n 
1 52  LEU n 
1 53  HIS n 
1 54  GLN n 
1 55  SER n 
1 56  HIS n 
1 57  GLU n 
1 58  GLU n 
1 59  ARG n 
1 60  GLU n 
1 61  HIS n 
1 62  ALA n 
1 63  GLU n 
1 64  LYS n 
1 65  LEU n 
1 66  MET n 
1 67  LYS n 
1 68  LEU n 
1 69  GLN n 
1 70  ASN n 
1 71  GLN n 
1 72  ARG n 
1 73  GLY n 
1 74  GLY n 
1 75  ARG n 
1 76  ILE n 
1 77  PHE n 
1 78  LEU n 
1 79  GLN n 
1 80  ASP n 
1 81  ILE n 
1 82  LYS n 
1 83  LYS n 
1 84  PRO n 
1 85  ASP n 
1 86  CYS n 
1 87  ASP n 
1 88  ASP n 
1 89  TRP n 
1 90  GLU n 
1 91  SER n 
1 92  GLY n 
1 93  LEU n 
1 94  ASN n 
1 95  ALA n 
1 96  MET n 
1 97  GLU n 
1 98  CYS n 
1 99  ALA n 
1 100 LEU n 
1 101 HIS n 
1 102 LEU n 
1 103 GLU n 
1 104 LYS n 
1 105 ASN n 
1 106 VAL n 
1 107 ASN n 
1 108 GLN n 
1 109 SER n 
1 110 LEU n 
1 111 LEU n 
1 112 GLU n 
1 113 LEU n 
1 114 HIS n 
1 115 LYS n 
1 116 LEU n 
1 117 ALA n 
1 118 THR n 
1 119 ASP n 
1 120 LYS n 
1 121 ASN n 
1 122 ASP n 
1 123 PRO n 
1 124 HIS n 
1 125 LEU n 
1 126 CYS n 
1 127 ASP n 
1 128 PHE n 
1 129 ILE n 
1 130 GLU n 
1 131 THR n 
1 132 HIS n 
1 133 TYR n 
1 134 LEU n 
1 135 ASN n 
1 136 GLU n 
1 137 GLN n 
1 138 VAL n 
1 139 LYS n 
1 140 ALA n 
1 141 ILE n 
1 142 LYS n 
1 143 GLU n 
1 144 LEU n 
1 145 GLY n 
1 146 ASP n 
1 147 HIS n 
1 148 VAL n 
1 149 THR n 
1 150 ASN n 
1 151 LEU n 
1 152 ARG n 
1 153 LYS n 
1 154 MET n 
1 155 GLY n 
1 156 ALA n 
1 157 PRO n 
1 158 GLU n 
1 159 SER n 
1 160 GLY n 
1 161 LEU n 
1 162 ALA n 
1 163 GLU n 
1 164 TYR n 
1 165 LEU n 
1 166 PHE n 
1 167 ASP n 
1 168 LYS n 
1 169 HIS n 
1 170 THR n 
1 171 LEU n 
1 172 GLY n 
1 173 ASP n 
1 174 SER n 
1 175 ASP n 
1 176 ASN n 
1 177 GLU n 
1 178 SER n 
2 1   ASP n 
2 2   SER n 
2 3   PHE n 
2 4   GLN n 
2 5   VAL n 
2 6   ILE n 
2 7   LYS n 
2 8   ASN n 
2 9   SER n 
2 10  PRO n 
2 11  LEU n 
2 12  SER n 
2 13  GLU n 
2 14  TRP n 
2 15  LEU n 
2 16  ILE n 
# 
loop_
_entity_src_gen.entity_id 
_entity_src_gen.pdbx_src_id 
_entity_src_gen.pdbx_alt_source_flag 
_entity_src_gen.pdbx_seq_type 
_entity_src_gen.pdbx_beg_seq_num 
_entity_src_gen.pdbx_end_seq_num 
_entity_src_gen.gene_src_common_name 
_entity_src_gen.gene_src_genus 
_entity_src_gen.pdbx_gene_src_gene 
_entity_src_gen.gene_src_species 
_entity_src_gen.gene_src_strain 
_entity_src_gen.gene_src_tissue 
_entity_src_gen.gene_src_tissue_fraction 
_entity_src_gen.gene_src_details 
_entity_src_gen.pdbx_gene_src_fragment 
_entity_src_gen.pdbx_gene_src_scientific_name 
_entity_src_gen.pdbx_gene_src_ncbi_taxonomy_id 
_entity_src_gen.pdbx_gene_src_variant 
_entity_src_gen.pdbx_gene_src_cell_line 
_entity_src_gen.pdbx_gene_src_atcc 
_entity_src_gen.pdbx_gene_src_organ 
_entity_src_gen.pdbx_gene_src_organelle 
_entity_src_gen.pdbx_gene_src_cell 
_entity_src_gen.pdbx_gene_src_cellular_location 
_entity_src_gen.host_org_common_name 
_entity_src_gen.pdbx_host_org_scientific_name 
_entity_src_gen.pdbx_host_org_ncbi_taxonomy_id 
_entity_src_gen.host_org_genus 
_entity_src_gen.pdbx_host_org_gene 
_entity_src_gen.pdbx_host_org_organ 
_entity_src_gen.host_org_species 
_entity_src_gen.pdbx_host_org_tissue 
_entity_src_gen.pdbx_host_org_tissue_fraction 
_entity_src_gen.pdbx_host_org_strain 
_entity_src_gen.pdbx_host_org_variant 
_entity_src_gen.pdbx_host_org_cell_line 
_entity_src_gen.pdbx_host_org_atcc 
_entity_src_gen.pdbx_host_org_culture_collection 
_entity_src_gen.pdbx_host_org_cell 
_entity_src_gen.pdbx_host_org_organelle 
_entity_src_gen.pdbx_host_org_cellular_location 
_entity_src_gen.pdbx_host_org_vector_type 
_entity_src_gen.pdbx_host_org_vector 
_entity_src_gen.host_org_details 
_entity_src_gen.expression_system_id 
_entity_src_gen.plasmid_name 
_entity_src_gen.plasmid_details 
_entity_src_gen.pdbx_description 
1 1 sample 'Biological sequence' 1 178 human ? FTH1 ? ? ? ? ? ? 'Homo sapiens' 9606 ? ? ? ? ? ? ? ? 'Escherichia coli' 562 ? ? ? ? 
? ? ? ? ? ? ? ? ? ? ? ? ? ? ? ? ? 
2 1 sample 'Biological sequence' 1 16  ?     ? ?    ? ? ? ? ? ? 'Homo sapiens' 9606 ? ? ? ? ? ? ? ? 'Escherichia coli' 562 ? ? ? ? 
? ? ? ? ? ? ? ? ? ? ? ? ? ? ? ? ? 
# 
loop_
_chem_comp.id 
_chem_comp.type 
_chem_comp.mon_nstd_flag 
_chem_comp.name 
_chem_comp.pdbx_synonyms 
_chem_comp.formula 
_chem_comp.formula_weight 
ALA 'L-peptide linking' y ALANINE         ? 'C3 H7 N O2'     89.093  
ARG 'L-peptide linking' y ARGININE        ? 'C6 H15 N4 O2 1' 175.209 
ASN 'L-peptide linking' y ASPARAGINE      ? 'C4 H8 N2 O3'    132.118 
ASP 'L-peptide linking' y 'ASPARTIC ACID' ? 'C4 H7 N O4'     133.103 
CYS 'L-peptide linking' y CYSTEINE        ? 'C3 H7 N O2 S'   121.158 
FE  non-polymer         . 'FE (III) ION'  ? 'Fe 3'           55.845  
GLN 'L-peptide linking' y GLUTAMINE       ? 'C5 H10 N2 O3'   146.144 
GLU 'L-peptide linking' y 'GLUTAMIC ACID' ? 'C5 H9 N O4'     147.129 
GLY 'peptide linking'   y GLYCINE         ? 'C2 H5 N O2'     75.067  
HIS 'L-peptide linking' y HISTIDINE       ? 'C6 H10 N3 O2 1' 156.162 
HOH non-polymer         . WATER           ? 'H2 O'           18.015  
ILE 'L-peptide linking' y ISOLEUCINE      ? 'C6 H13 N O2'    131.173 
LEU 'L-peptide linking' y LEUCINE         ? 'C6 H13 N O2'    131.173 
LYS 'L-peptide linking' y LYSINE          ? 'C6 H15 N2 O2 1' 147.195 
MET 'L-peptide linking' y METHIONINE      ? 'C5 H11 N O2 S'  149.211 
PHE 'L-peptide linking' y PHENYLALANINE   ? 'C9 H11 N O2'    165.189 
PRO 'L-peptide linking' y PROLINE         ? 'C5 H9 N O2'     115.130 
SER 'L-peptide linking' y SERINE          ? 'C3 H7 N O3'     105.093 
THR 'L-peptide linking' y THREONINE       ? 'C4 H9 N O3'     119.119 
TRP 'L-peptide linking' y TRYPTOPHAN      ? 'C11 H12 N2 O2'  204.225 
TYR 'L-peptide linking' y TYROSINE        ? 'C9 H11 N O3'    181.189 
VAL 'L-peptide linking' y VALINE          ? 'C5 H11 N O2'    117.146 
# 
loop_
_pdbx_poly_seq_scheme.asym_id 
_pdbx_poly_seq_scheme.entity_id 
_pdbx_poly_seq_scheme.seq_id 
_pdbx_poly_seq_scheme.mon_id 
_pdbx_poly_seq_scheme.ndb_seq_num 
_pdbx_poly_seq_scheme.pdb_seq_num 
_pdbx_poly_seq_scheme.auth_seq_num 
_pdbx_poly_seq_scheme.pdb_mon_id 
_pdbx_poly_seq_scheme.auth_mon_id 
_pdbx_poly_seq_scheme.pdb_strand_id 
_pdbx_poly_seq_scheme.pdb_ins_code 
_pdbx_poly_seq_scheme.hetero 
A 1 1   THR 1   6   6   THR THR A . n 
A 1 2   SER 2   7   7   SER SER A . n 
A 1 3   GLN 3   8   8   GLN GLN A . n 
A 1 4   VAL 4   9   9   VAL VAL A . n 
A 1 5   ARG 5   10  10  ARG ARG A . n 
A 1 6   GLN 6   11  11  GLN GLN A . n 
A 1 7   ASN 7   12  12  ASN ASN A . n 
A 1 8   TYR 8   13  13  TYR TYR A . n 
A 1 9   HIS 9   14  14  HIS HIS A . n 
A 1 10  GLN 10  15  15  GLN GLN A . n 
A 1 11  ASP 11  16  16  ASP ASP A . n 
A 1 12  SER 12  17  17  SER SER A . n 
A 1 13  GLU 13  18  18  GLU GLU A . n 
A 1 14  ALA 14  19  19  ALA ALA A . n 
A 1 15  ALA 15  20  20  ALA ALA A . n 
A 1 16  ILE 16  21  21  ILE ILE A . n 
A 1 17  ASN 17  22  22  ASN ASN A . n 
A 1 18  ARG 18  23  23  ARG ARG A . n 
A 1 19  GLN 19  24  24  GLN GLN A . n 
A 1 20  ILE 20  25  25  ILE ILE A . n 
A 1 21  ASN 21  26  26  ASN ASN A . n 
A 1 22  LEU 22  27  27  LEU LEU A . n 
A 1 23  GLU 23  28  28  GLU GLU A . n 
A 1 24  LEU 24  29  29  LEU LEU A . n 
A 1 25  TYR 25  30  30  TYR TYR A . n 
A 1 26  ALA 26  31  31  ALA ALA A . n 
A 1 27  SER 27  32  32  SER SER A . n 
A 1 28  TYR 28  33  33  TYR TYR A . n 
A 1 29  VAL 29  34  34  VAL VAL A . n 
A 1 30  TYR 30  35  35  TYR TYR A . n 
A 1 31  LEU 31  36  36  LEU LEU A . n 
A 1 32  SER 32  37  37  SER SER A . n 
A 1 33  MET 33  38  38  MET MET A . n 
A 1 34  SER 34  39  39  SER SER A . n 
A 1 35  TYR 35  40  40  TYR TYR A . n 
A 1 36  TYR 36  41  41  TYR TYR A . n 
A 1 37  PHE 37  42  42  PHE PHE A . n 
A 1 38  ASP 38  43  43  ASP ASP A . n 
A 1 39  ARG 39  44  44  ARG ARG A . n 
A 1 40  ASP 40  45  45  ASP ASP A . n 
A 1 41  ASP 41  46  46  ASP ASP A . n 
A 1 42  VAL 42  47  47  VAL VAL A . n 
A 1 43  ALA 43  48  48  ALA ALA A . n 
A 1 44  LEU 44  49  49  LEU LEU A . n 
A 1 45  LYS 45  50  50  LYS LYS A . n 
A 1 46  ASN 46  51  51  ASN ASN A . n 
A 1 47  PHE 47  52  52  PHE PHE A . n 
A 1 48  ALA 48  53  53  ALA ALA A . n 
A 1 49  LYS 49  54  54  LYS LYS A . n 
A 1 50  TYR 50  55  55  TYR TYR A . n 
A 1 51  PHE 51  56  56  PHE PHE A . n 
A 1 52  LEU 52  57  57  LEU LEU A . n 
A 1 53  HIS 53  58  58  HIS HIS A . n 
A 1 54  GLN 54  59  59  GLN GLN A . n 
A 1 55  SER 55  60  60  SER SER A . n 
A 1 56  HIS 56  61  61  HIS HIS A . n 
A 1 57  GLU 57  62  62  GLU GLU A . n 
A 1 58  GLU 58  63  63  GLU GLU A . n 
A 1 59  ARG 59  64  64  ARG ARG A . n 
A 1 60  GLU 60  65  65  GLU GLU A . n 
A 1 61  HIS 61  66  66  HIS HIS A . n 
A 1 62  ALA 62  67  67  ALA ALA A . n 
A 1 63  GLU 63  68  68  GLU GLU A . n 
A 1 64  LYS 64  69  69  LYS LYS A . n 
A 1 65  LEU 65  70  70  LEU LEU A . n 
A 1 66  MET 66  71  71  MET MET A . n 
A 1 67  LYS 67  72  72  LYS LYS A . n 
A 1 68  LEU 68  73  73  LEU LEU A . n 
A 1 69  GLN 69  74  74  GLN GLN A . n 
A 1 70  ASN 70  75  75  ASN ASN A . n 
A 1 71  GLN 71  76  76  GLN GLN A . n 
A 1 72  ARG 72  77  77  ARG ARG A . n 
A 1 73  GLY 73  78  78  GLY GLY A . n 
A 1 74  GLY 74  79  79  GLY GLY A . n 
A 1 75  ARG 75  80  80  ARG ARG A . n 
A 1 76  ILE 76  81  81  ILE ILE A . n 
A 1 77  PHE 77  82  82  PHE PHE A . n 
A 1 78  LEU 78  83  83  LEU LEU A . n 
A 1 79  GLN 79  84  84  GLN GLN A . n 
A 1 80  ASP 80  85  85  ASP ASP A . n 
A 1 81  ILE 81  86  86  ILE ILE A . n 
A 1 82  LYS 82  87  87  LYS LYS A . n 
A 1 83  LYS 83  88  88  LYS LYS A . n 
A 1 84  PRO 84  89  89  PRO PRO A . n 
A 1 85  ASP 85  90  90  ASP ASP A . n 
A 1 86  CYS 86  91  91  CYS CYS A . n 
A 1 87  ASP 87  92  92  ASP ASP A . n 
A 1 88  ASP 88  93  93  ASP ASP A . n 
A 1 89  TRP 89  94  94  TRP TRP A . n 
A 1 90  GLU 90  95  95  GLU GLU A . n 
A 1 91  SER 91  96  96  SER SER A . n 
A 1 92  GLY 92  97  97  GLY GLY A . n 
A 1 93  LEU 93  98  98  LEU LEU A . n 
A 1 94  ASN 94  99  99  ASN ASN A . n 
A 1 95  ALA 95  100 100 ALA ALA A . n 
A 1 96  MET 96  101 101 MET MET A . n 
A 1 97  GLU 97  102 102 GLU GLU A . n 
A 1 98  CYS 98  103 103 CYS CYS A . n 
A 1 99  ALA 99  104 104 ALA ALA A . n 
A 1 100 LEU 100 105 105 LEU LEU A . n 
A 1 101 HIS 101 106 106 HIS HIS A . n 
A 1 102 LEU 102 107 107 LEU LEU A . n 
A 1 103 GLU 103 108 108 GLU GLU A . n 
A 1 104 LYS 104 109 109 LYS LYS A . n 
A 1 105 ASN 105 110 110 ASN ASN A . n 
A 1 106 VAL 106 111 111 VAL VAL A . n 
A 1 107 ASN 107 112 112 ASN ASN A . n 
A 1 108 GLN 108 113 113 GLN GLN A . n 
A 1 109 SER 109 114 114 SER SER A . n 
A 1 110 LEU 110 115 115 LEU LEU A . n 
A 1 111 LEU 111 116 116 LEU LEU A . n 
A 1 112 GLU 112 117 117 GLU GLU A . n 
A 1 113 LEU 113 118 118 LEU LEU A . n 
A 1 114 HIS 114 119 119 HIS HIS A . n 
A 1 115 LYS 115 120 120 LYS LYS A . n 
A 1 116 LEU 116 121 121 LEU LEU A . n 
A 1 117 ALA 117 122 122 ALA ALA A . n 
A 1 118 THR 118 123 123 THR THR A . n 
A 1 119 ASP 119 124 124 ASP ASP A . n 
A 1 120 LYS 120 125 125 LYS LYS A . n 
A 1 121 ASN 121 126 126 ASN ASN A . n 
A 1 122 ASP 122 127 127 ASP ASP A . n 
A 1 123 PRO 123 128 128 PRO PRO A . n 
A 1 124 HIS 124 129 129 HIS HIS A . n 
A 1 125 LEU 125 130 130 LEU LEU A . n 
A 1 126 CYS 126 131 131 CYS CYS A . n 
A 1 127 ASP 127 132 132 ASP ASP A . n 
A 1 128 PHE 128 133 133 PHE PHE A . n 
A 1 129 ILE 129 134 134 ILE ILE A . n 
A 1 130 GLU 130 135 135 GLU GLU A . n 
A 1 131 THR 131 136 136 THR THR A . n 
A 1 132 HIS 132 137 137 HIS HIS A . n 
A 1 133 TYR 133 138 138 TYR TYR A . n 
A 1 134 LEU 134 139 139 LEU LEU A . n 
A 1 135 ASN 135 140 140 ASN ASN A . n 
A 1 136 GLU 136 141 141 GLU GLU A . n 
A 1 137 GLN 137 142 142 GLN GLN A . n 
A 1 138 VAL 138 143 143 VAL VAL A . n 
A 1 139 LYS 139 144 144 LYS LYS A . n 
A 1 140 ALA 140 145 145 ALA ALA A . n 
A 1 141 ILE 141 146 146 ILE ILE A . n 
A 1 142 LYS 142 147 147 LYS LYS A . n 
A 1 143 GLU 143 148 148 GLU GLU A . n 
A 1 144 LEU 144 149 149 LEU LEU A . n 
A 1 145 GLY 145 150 150 GLY GLY A . n 
A 1 146 ASP 146 151 151 ASP ASP A . n 
A 1 147 HIS 147 152 152 HIS HIS A . n 
A 1 148 VAL 148 153 153 VAL VAL A . n 
A 1 149 THR 149 154 154 THR THR A . n 
A 1 150 ASN 150 155 155 ASN ASN A . n 
A 1 151 LEU 151 156 156 LEU LEU A . n 
A 1 152 ARG 152 157 157 ARG ARG A . n 
A 1 153 LYS 153 158 158 LYS LYS A . n 
A 1 154 MET 154 159 159 MET MET A . n 
A 1 155 GLY 155 160 160 GLY GLY A . n 
A 1 156 ALA 156 161 161 ALA ALA A . n 
A 1 157 PRO 157 162 162 PRO PRO A . n 
A 1 158 GLU 158 163 163 GLU GLU A . n 
A 1 159 SER 159 164 164 SER SER A . n 
A 1 160 GLY 160 165 165 GLY GLY A . n 
A 1 161 LEU 161 166 166 LEU LEU A . n 
A 1 162 ALA 162 167 167 ALA ALA A . n 
A 1 163 GLU 163 168 168 GLU GLU A . n 
A 1 164 TYR 164 169 169 TYR TYR A . n 
A 1 165 LEU 165 170 170 LEU LEU A . n 
A 1 166 PHE 166 171 171 PHE PHE A . n 
A 1 167 ASP 167 172 172 ASP ASP A . n 
A 1 168 LYS 168 173 173 LYS LYS A . n 
A 1 169 HIS 169 174 174 HIS HIS A . n 
A 1 170 THR 170 175 175 THR THR A . n 
A 1 171 LEU 171 176 176 LEU LEU A . n 
A 1 172 GLY 172 177 177 GLY GLY A . n 
A 1 173 ASP 173 178 ?   ?   ?   A . n 
A 1 174 SER 174 179 ?   ?   ?   A . n 
A 1 175 ASP 175 180 ?   ?   ?   A . n 
A 1 176 ASN 176 181 ?   ?   ?   A . n 
A 1 177 GLU 177 182 ?   ?   ?   A . n 
A 1 178 SER 178 183 ?   ?   ?   A . n 
B 2 1   ASP 1   484 484 ASP ASP B . n 
B 2 2   SER 2   485 485 SER SER B . n 
B 2 3   PHE 3   486 486 PHE PHE B . n 
B 2 4   GLN 4   487 487 GLN GLN B . n 
B 2 5   VAL 5   488 488 VAL VAL B . n 
B 2 6   ILE 6   489 489 ILE ILE B . n 
B 2 7   LYS 7   490 490 LYS LYS B . n 
B 2 8   ASN 8   491 491 ASN ASN B . n 
B 2 9   SER 9   492 492 SER SER B . n 
B 2 10  PRO 10  493 493 PRO PRO B . n 
B 2 11  LEU 11  494 494 LEU LEU B . n 
B 2 12  SER 12  495 495 SER SER B . n 
B 2 13  GLU 13  496 496 GLU GLU B . n 
B 2 14  TRP 14  497 497 TRP TRP B . n 
B 2 15  LEU 15  498 498 LEU LEU B . n 
B 2 16  ILE 16  499 499 ILE ILE B . n 
# 
_pdbx_entity_instance_feature.ordinal        1 
_pdbx_entity_instance_feature.comp_id        FE 
_pdbx_entity_instance_feature.asym_id        ? 
_pdbx_entity_instance_feature.seq_num        ? 
_pdbx_entity_instance_feature.auth_comp_id   FE 
_pdbx_entity_instance_feature.auth_asym_id   ? 
_pdbx_entity_instance_feature.auth_seq_num   ? 
_pdbx_entity_instance_feature.feature_type   'SUBJECT OF INVESTIGATION' 
_pdbx_entity_instance_feature.details        ? 
# 
loop_
_pdbx_nonpoly_scheme.asym_id 
_pdbx_nonpoly_scheme.entity_id 
_pdbx_nonpoly_scheme.mon_id 
_pdbx_nonpoly_scheme.ndb_seq_num 
_pdbx_nonpoly_scheme.pdb_seq_num 
_pdbx_nonpoly_scheme.auth_seq_num 
_pdbx_nonpoly_scheme.pdb_mon_id 
_pdbx_nonpoly_scheme.auth_mon_id 
_pdbx_nonpoly_scheme.pdb_strand_id 
_pdbx_nonpoly_scheme.pdb_ins_code 
C 3 FE  1 201 1   FE  FE  A . 
D 3 FE  1 202 2   FE  FE  A . 
E 4 HOH 1 301 201 HOH HOH A . 
# 
_cell.angle_alpha                  90.00 
_cell.angle_alpha_esd              ? 
_cell.angle_beta                   90.00 
_cell.angle_beta_esd               ? 
_cell.angle_gamma                  90.00 
_cell.angle_gamma_esd              ? 
_cell.entry_id                     8QU9 
_cell.details                      ? 
_cell.formula_units_Z              ? 
_cell.length_a                     1.00 
_cell.length_a_esd                 ? 
_cell.length_b                     1.00 
_cell.length_b_esd                 ? 
_cell.length_c                     1.00 
_cell.length_c_esd                 ? 
_cell.volume                       ? 
_cell.volume_esd                   ? 
_cell.Z_PDB                        ? 
_cell.reciprocal_angle_alpha       ? 
_cell.reciprocal_angle_beta        ? 
_cell.reciprocal_angle_gamma       ? 
_cell.reciprocal_angle_alpha_esd   ? 
_cell.reciprocal_angle_beta_esd    ? 
_cell.reciprocal_angle_gamma_esd   ? 
_cell.reciprocal_length_a          ? 
_cell.reciprocal_length_b          ? 
_cell.reciprocal_length_c          ? 
_cell.reciprocal_length_a_esd      ? 
_cell.reciprocal_length_b_esd      ? 
_cell.reciprocal_length_c_esd      ? 
_cell.pdbx_unique_axis             ? 
_cell.pdbx_esd_method              ? 
# 
_symmetry.entry_id                         8QU9 
_symmetry.cell_setting                     ? 
_symmetry.Int_Tables_number                1 
_symmetry.space_group_name_Hall            ? 
_symmetry.space_group_name_H-M             'P 1' 
_symmetry.pdbx_full_space_group_name_H-M   ? 
# 
_exptl.absorpt_coefficient_mu     ? 
_exptl.absorpt_correction_T_max   ? 
_exptl.absorpt_correction_T_min   ? 
_exptl.absorpt_correction_type    ? 
_exptl.absorpt_process_details    ? 
_exptl.entry_id                   8QU9 
_exptl.crystals_number            ? 
_exptl.details                    ? 
_exptl.method                     'ELECTRON MICROSCOPY' 
_exptl.method_details             ? 
# 
_struct.entry_id                     8QU9 
_struct.title                        'Structure of the NCOA4 (Nuclear Receptor Coactivator 4)-FTH1 (H-Ferritin) complex' 
_struct.pdbx_model_details           ? 
_struct.pdbx_formula_weight          ? 
_struct.pdbx_formula_weight_method   ? 
_struct.pdbx_model_type_details      ? 
_struct.pdbx_CASP_flag               N 
# 
_struct_keywords.entry_id        8QU9 
_struct_keywords.text            'Ferritinophagy, Iron homeostasis, NCOA4, Ferritin heavy chain, METAL TRANSPORT' 
_struct_keywords.pdbx_keywords   'METAL TRANSPORT' 
# 
loop_
_struct_asym.id 
_struct_asym.pdbx_blank_PDB_chainid_flag 
_struct_asym.pdbx_modified 
_struct_asym.entity_id 
_struct_asym.details 
A N N 1 ? 
B N N 2 ? 
C N N 3 ? 
D N N 3 ? 
E N N 4 ? 
# 
loop_
_struct_ref.id 
_struct_ref.db_name 
_struct_ref.db_code 
_struct_ref.pdbx_db_accession 
_struct_ref.pdbx_db_isoform 
_struct_ref.entity_id 
_struct_ref.pdbx_seq_one_letter_code 
_struct_ref.pdbx_align_begin 
1 UNP FRIH_HUMAN P02794 ? 1 
;TSQVRQNYHQDSEAAINRQINLELYASYVYLSMSYYFDRDDVALKNFAKYFLHQSHEEREHAEKLMKLQNQRGGRIFLQD
IKKPDCDDWESGLNAMECALHLEKNVNQSLLELHKLATDKNDPHLCDFIETHYLNEQVKAIKELGDHVTNLRKMGAPESG
LAEYLFDKHTLGDSDNES
;
6 
2 PDB 8QU9       8QU9   ? 2 ? 1 
# 
loop_
_struct_ref_seq.align_id 
_struct_ref_seq.ref_id 
_struct_ref_seq.pdbx_PDB_id_code 
_struct_ref_seq.pdbx_strand_id 
_struct_ref_seq.seq_align_beg 
_struct_ref_seq.pdbx_seq_align_beg_ins_code 
_struct_ref_seq.seq_align_end 
_struct_ref_seq.pdbx_seq_align_end_ins_code 
_struct_ref_seq.pdbx_db_accession 
_struct_ref_seq.db_align_beg 
_struct_ref_seq.pdbx_db_align_beg_ins_code 
_struct_ref_seq.db_align_end 
_struct_ref_seq.pdbx_db_align_end_ins_code 
_struct_ref_seq.pdbx_auth_seq_align_beg 
_struct_ref_seq.pdbx_auth_seq_align_end 
1 1 8QU9 A 1 ? 178 ? P02794 6   ? 183 ? 6   183 
2 2 8QU9 B 1 ? 16  ? 8QU9   484 ? 499 ? 484 499 
# 
_pdbx_struct_assembly.id                   1 
_pdbx_struct_assembly.details              author_defined_assembly 
_pdbx_struct_assembly.method_details       ? 
_pdbx_struct_assembly.oligomeric_details   48-meric 
_pdbx_struct_assembly.oligomeric_count     48 
# 
_pdbx_struct_assembly_gen.assembly_id       1 
_pdbx_struct_assembly_gen.oper_expression   1,2,3,4,5,6,7,8,9,10,11,12,13,14,15,16,17,18,19,20,21,22,23,24 
_pdbx_struct_assembly_gen.asym_id_list      A,B,C,D,E 
# 
_pdbx_struct_assembly_auth_evidence.id                     1 
_pdbx_struct_assembly_auth_evidence.assembly_id            1 
_pdbx_struct_assembly_auth_evidence.experimental_support   'electron microscopy' 
_pdbx_struct_assembly_auth_evidence.details                'not applicable' 
# 
loop_
_pdbx_struct_oper_list.id 
_pdbx_struct_oper_list.type 
_pdbx_struct_oper_list.name 
_pdbx_struct_oper_list.symmetry_operation 
_pdbx_struct_oper_list.matrix[1][1] 
_pdbx_struct_oper_list.matrix[1][2] 
_pdbx_struct_oper_list.matrix[1][3] 
_pdbx_struct_oper_list.vector[1] 
_pdbx_struct_oper_list.matrix[2][1] 
_pdbx_struct_oper_list.matrix[2][2] 
_pdbx_struct_oper_list.matrix[2][3] 
_pdbx_struct_oper_list.vector[2] 
_pdbx_struct_oper_list.matrix[3][1] 
_pdbx_struct_oper_list.matrix[3][2] 
_pdbx_struct_oper_list.matrix[3][3] 
_pdbx_struct_oper_list.vector[3] 
1  'identity operation'       1_555 x,y,z 1.0         0.0         0.0         0.0       0.0         1.0         0.0         0.0       0.0         0.0         1.0         0.0       
2  'point symmetry operation' ?     ?     0.01751382  -0.05000159 0.99859557  -58.30062 -0.21147819 0.97596751  0.05257756  -7.43040  -0.97722579 -0.21210202 0.00651867  4.64360   
3  'point symmetry operation' ?     ?     -0.96497236 -0.26147978 0.02136978  -54.31308 -0.26147978 0.95193501  -0.15952446 -2.10878  0.02136978  -0.15952446 -0.98696265 63.22274  
4  'point symmetry operation' ?     ?     0.21996089  0.41089254  -0.88475111 24.81632  0.94433583  0.13775824  0.29875157  -15.04652 0.24463655  -0.90121584 -0.35771913 23.96771  
5  'point symmetry operation' ?     ?     0.20092704  -0.89964197 -0.38765016 -33.17959 0.88798655  0.00016903  0.45986939  -26.10327 -0.41365228 -0.43662832 0.79890394  -16.25991 
6  'point symmetry operation' ?     ?     0.57259539  -0.80584662 0.15081691  -40.00915 -0.43387994 -0.14177500 0.88974606  -75.73924 -0.69561679 -0.57490092 -0.43082039 14.81038  
7  'point symmetry operation' ?     ?     -0.43491922 0.85875479  0.27089754  -15.81769 0.85875479  0.30505198  0.41168373  -15.68775 0.27089754  0.41168373  -0.87013276 82.72574  
8  'point symmetry operation' ?     ?     -0.45395307 -0.45177973 0.76799849  -73.81359 0.80240551  0.16746277  0.57280155  -26.74449 -0.38739129 0.87627125  0.28649030  42.49811  
9  'point symmetry operation' ?     ?     -0.90020146 0.30798279  -0.30786999 -23.94792 0.30798279  -0.04955124 -0.95010067 6.95276   -0.30786999 -0.95010067 -0.05024730 -0.80760  
10 'point symmetry operation' ?     ?     0.21996089  0.94433583  0.24463655  2.88697   0.41089254  0.13775824  -0.90121584 13.47602  -0.88475111 0.29875157  -0.35771913 35.02515  
11 'point symmetry operation' ?     ?     0.01751382  -0.21147819 -0.97722579 3.98754   -0.05000159 0.97596751  -0.21210202 5.32163   0.99859557  0.05257756  0.00651867  58.57914  
12 'point symmetry operation' ?     ?     -0.33860320 0.47476712  0.81236941  -43.93330 -0.94089472 -0.16344601 -0.29665220 -47.73892 -0.00806217 -0.86480147 0.50204922  -10.03477 
13 'point symmetry operation' ?     ?     0.78155914  0.57767687  0.23548829  4.83094   -0.30454167 0.02386347  0.95220003  -69.73821 0.54444437  -0.81591664 0.19457739  14.74054  
14 'point symmetry operation' ?     ?     0.03306515  -0.84709937 0.53040490  -66.70371 -0.84709937 -0.30539004 -0.43492480 -45.25871 0.53040490  -0.43492480 -0.72767511 57.63646  
15 'point symmetry operation' ?     ?     0.57259539  -0.43387994 -0.69561679 0.34967   -0.80584662 -0.14177500 -0.57490092 -34.46466 0.15081691  0.88974606  -0.43082039 79.80336  
16 'point symmetry operation' ?     ?     -0.45395307 0.80240551  -0.38739129 4.41542   -0.45177973 0.16746277  0.87627125  -66.10865 0.76799849  0.57280155  0.28649030  59.83272  
17 'point symmetry operation' ?     ?     -0.66291683 -0.58111799 -0.47206267 -40.42467 -0.58111799 0.00182431  0.81381727  -72.10969 -0.47206267 0.81381727  -0.33890748 59.90256  
18 'point symmetry operation' ?     ?     0.56311829  0.27313520  0.77993266  -28.20832 0.27313520  -0.95227307 0.13628339  -58.83768 0.77993266  0.13628339  -0.61084522 77.13946  
19 'point symmetry operation' ?     ?     0.77504246  0.18849080  -0.60314211 21.17844  0.18849080  -0.97998426 -0.06404733 -54.83281 -0.60314211 -0.06404733 -0.79505819 45.19193  
20 'point symmetry operation' ?     ?     -0.59814593 -0.01165542 -0.80130244 -10.05951 -0.01165542 -0.99966194 0.02324107  -63.04815 -0.80130244 0.02324107  0.59780787  -4.12778  
21 'point symmetry operation' ?     ?     -0.81007010 0.07298898  0.58177233  -59.44628 0.07298898  -0.97195075 0.22357179  -67.05301 0.58177233  0.22357179  0.78202085  27.81974  
22 'point symmetry operation' ?     ?     0.78155914  -0.30454167 0.54444437  -33.03926 0.57767687  0.02386347  -0.81591664 10.90053  0.23548829  0.95220003  0.19457739  62.39892  
23 'point symmetry operation' ?     ?     0.20092704  0.88798655  -0.41365228 23.12008  -0.89964197 0.00016903  -0.43662832 -36.94488 -0.38765016 0.45986939  0.79890394  12.13213  
24 'point symmetry operation' ?     ?     -0.33860320 -0.94089472 -0.00806217 -59.87416 0.47476712  -0.16344601 -0.86480147 4.37727   0.81236941  -0.29665220 0.50204922  26.56617 
# 
loop_
_struct_conf.conf_type_id 
_struct_conf.id 
_struct_conf.pdbx_PDB_helix_id 
_struct_conf.beg_label_comp_id 
_struct_conf.beg_label_asym_id 
_struct_conf.beg_label_seq_id 
_struct_conf.pdbx_beg_PDB_ins_code 
_struct_conf.end_label_comp_id 
_struct_conf.end_label_asym_id 
_struct_conf.end_label_seq_id 
_struct_conf.pdbx_end_PDB_ins_code 
_struct_conf.beg_auth_comp_id 
_struct_conf.beg_auth_asym_id 
_struct_conf.beg_auth_seq_id 
_struct_conf.end_auth_comp_id 
_struct_conf.end_auth_asym_id 
_struct_conf.end_auth_seq_id 
_struct_conf.pdbx_PDB_helix_class 
_struct_conf.details 
_struct_conf.pdbx_PDB_helix_length 
HELX_P HELX_P1 AA1 HIS A 9   ? TYR A 35  ? HIS A 14  TYR A 40  1 ? 27 
HELX_P HELX_P2 AA2 LEU A 44  ? ARG A 72  ? LEU A 49  ARG A 77  1 ? 29 
HELX_P HELX_P3 AA3 SER A 91  ? LYS A 120 ? SER A 96  LYS A 125 1 ? 30 
HELX_P HELX_P4 AA4 ASP A 122 ? TYR A 133 ? ASP A 127 TYR A 138 1 ? 12 
HELX_P HELX_P5 AA5 TYR A 133 ? GLY A 155 ? TYR A 138 GLY A 160 1 ? 23 
HELX_P HELX_P6 AA6 SER A 159 ? THR A 170 ? SER A 164 THR A 175 1 ? 12 
HELX_P HELX_P7 AA7 SER B 2   ? ASN B 8   ? SER B 485 ASN B 491 1 ? 7  
HELX_P HELX_P8 AA8 PRO B 10  ? TRP B 14  ? PRO B 493 TRP B 497 5 ? 5  
# 
_struct_conf_type.id          HELX_P 
_struct_conf_type.criteria    ? 
_struct_conf_type.reference   ? 
# 
loop_
_struct_conn.id 
_struct_conn.conn_type_id 
_struct_conn.pdbx_leaving_atom_flag 
_struct_conn.pdbx_PDB_id 
_struct_conn.ptnr1_label_asym_id 
_struct_conn.ptnr1_label_comp_id 
_struct_conn.ptnr1_label_seq_id 
_struct_conn.ptnr1_label_atom_id 
_struct_conn.pdbx_ptnr1_label_alt_id 
_struct_conn.pdbx_ptnr1_PDB_ins_code 
_struct_conn.pdbx_ptnr1_standard_comp_id 
_struct_conn.ptnr1_symmetry 
_struct_conn.ptnr2_label_asym_id 
_struct_conn.ptnr2_label_comp_id 
_struct_conn.ptnr2_label_seq_id 
_struct_conn.ptnr2_label_atom_id 
_struct_conn.pdbx_ptnr2_label_alt_id 
_struct_conn.pdbx_ptnr2_PDB_ins_code 
_struct_conn.ptnr1_auth_asym_id 
_struct_conn.ptnr1_auth_comp_id 
_struct_conn.ptnr1_auth_seq_id 
_struct_conn.ptnr2_auth_asym_id 
_struct_conn.ptnr2_auth_comp_id 
_struct_conn.ptnr2_auth_seq_id 
_struct_conn.ptnr2_symmetry 
_struct_conn.pdbx_ptnr3_label_atom_id 
_struct_conn.pdbx_ptnr3_label_seq_id 
_struct_conn.pdbx_ptnr3_label_comp_id 
_struct_conn.pdbx_ptnr3_label_asym_id 
_struct_conn.pdbx_ptnr3_label_alt_id 
_struct_conn.pdbx_ptnr3_PDB_ins_code 
_struct_conn.details 
_struct_conn.pdbx_dist_value 
_struct_conn.pdbx_value_order 
_struct_conn.pdbx_role 
metalc1 metalc ? ? A GLU 23  OE1 ? ? ? 1_555 D FE . FE ? ? A GLU 28  A FE 202 1_555 ? ? ? ? ? ? ? 2.767 ? ? 
metalc2 metalc ? ? A GLU 58  OE2 ? ? ? 1_555 C FE . FE ? ? A GLU 63  A FE 201 1_555 ? ? ? ? ? ? ? 2.516 ? ? 
metalc3 metalc ? ? A HIS 61  ND1 ? ? ? 1_555 D FE . FE ? ? A HIS 66  A FE 202 1_555 ? ? ? ? ? ? ? 2.227 ? ? 
metalc4 metalc ? ? A GLU 103 OE2 ? ? ? 1_555 C FE . FE ? ? A GLU 108 A FE 201 1_555 ? ? ? ? ? ? ? 2.538 ? ? 
# 
_struct_conn_type.id          metalc 
_struct_conn_type.criteria    ? 
_struct_conn_type.reference   ? 
# 
loop_
_pdbx_struct_conn_angle.id 
_pdbx_struct_conn_angle.ptnr1_label_atom_id 
_pdbx_struct_conn_angle.ptnr1_label_alt_id 
_pdbx_struct_conn_angle.ptnr1_label_asym_id 
_pdbx_struct_conn_angle.ptnr1_label_comp_id 
_pdbx_struct_conn_angle.ptnr1_label_seq_id 
_pdbx_struct_conn_angle.ptnr1_auth_atom_id 
_pdbx_struct_conn_angle.ptnr1_auth_asym_id 
_pdbx_struct_conn_angle.ptnr1_auth_comp_id 
_pdbx_struct_conn_angle.ptnr1_auth_seq_id 
_pdbx_struct_conn_angle.ptnr1_PDB_ins_code 
_pdbx_struct_conn_angle.ptnr1_symmetry 
_pdbx_struct_conn_angle.ptnr2_label_atom_id 
_pdbx_struct_conn_angle.ptnr2_label_alt_id 
_pdbx_struct_conn_angle.ptnr2_label_asym_id 
_pdbx_struct_conn_angle.ptnr2_label_comp_id 
_pdbx_struct_conn_angle.ptnr2_label_seq_id 
_pdbx_struct_conn_angle.ptnr2_auth_atom_id 
_pdbx_struct_conn_angle.ptnr2_auth_asym_id 
_pdbx_struct_conn_angle.ptnr2_auth_comp_id 
_pdbx_struct_conn_angle.ptnr2_auth_seq_id 
_pdbx_struct_conn_angle.ptnr2_PDB_ins_code 
_pdbx_struct_conn_angle.ptnr2_symmetry 
_pdbx_struct_conn_angle.ptnr3_label_atom_id 
_pdbx_struct_conn_angle.ptnr3_label_alt_id 
_pdbx_struct_conn_angle.ptnr3_label_asym_id 
_pdbx_struct_conn_angle.ptnr3_label_comp_id 
_pdbx_struct_conn_angle.ptnr3_label_seq_id 
_pdbx_struct_conn_angle.ptnr3_auth_atom_id 
_pdbx_struct_conn_angle.ptnr3_auth_asym_id 
_pdbx_struct_conn_angle.ptnr3_auth_comp_id 
_pdbx_struct_conn_angle.ptnr3_auth_seq_id 
_pdbx_struct_conn_angle.ptnr3_PDB_ins_code 
_pdbx_struct_conn_angle.ptnr3_symmetry 
_pdbx_struct_conn_angle.value 
_pdbx_struct_conn_angle.value_esd 
1 OE1 ? A GLU 23 ? A GLU 28 ? 1_555 FE ? D FE . ? A FE 202 ? 1_555 ND1 ? A HIS 61  ? A HIS 66  ? 1_555 104.9 ? 
2 OE2 ? A GLU 58 ? A GLU 63 ? 1_555 FE ? C FE . ? A FE 201 ? 1_555 OE2 ? A GLU 103 ? A GLU 108 ? 1_555 87.5  ? 
# 
_struct_mon_prot_cis.pdbx_id                1 
_struct_mon_prot_cis.label_comp_id          ALA 
_struct_mon_prot_cis.label_seq_id           156 
_struct_mon_prot_cis.label_asym_id          A 
_struct_mon_prot_cis.label_alt_id           . 
_struct_mon_prot_cis.pdbx_PDB_ins_code      ? 
_struct_mon_prot_cis.auth_comp_id           ALA 
_struct_mon_prot_cis.auth_seq_id            161 
_struct_mon_prot_cis.auth_asym_id           A 
_struct_mon_prot_cis.pdbx_label_comp_id_2   PRO 
_struct_mon_prot_cis.pdbx_label_seq_id_2    157 
_struct_mon_prot_cis.pdbx_label_asym_id_2   A 
_struct_mon_prot_cis.pdbx_PDB_ins_code_2    ? 
_struct_mon_prot_cis.pdbx_auth_comp_id_2    PRO 
_struct_mon_prot_cis.pdbx_auth_seq_id_2     162 
_struct_mon_prot_cis.pdbx_auth_asym_id_2    A 
_struct_mon_prot_cis.pdbx_PDB_model_num     1 
_struct_mon_prot_cis.pdbx_omega_angle       0.67 
# 
_pdbx_entry_details.entry_id                   8QU9 
_pdbx_entry_details.nonpolymer_details         ? 
_pdbx_entry_details.sequence_details           ? 
_pdbx_entry_details.compound_details           ? 
_pdbx_entry_details.source_details             ? 
_pdbx_entry_details.has_ligand_of_interest     Y 
_pdbx_entry_details.has_protein_modification   N 
# 
_pdbx_validate_torsion.id              1 
_pdbx_validate_torsion.PDB_model_num   1 
_pdbx_validate_torsion.auth_comp_id    VAL 
_pdbx_validate_torsion.auth_asym_id    A 
_pdbx_validate_torsion.auth_seq_id     47 
_pdbx_validate_torsion.PDB_ins_code    ? 
_pdbx_validate_torsion.label_alt_id    ? 
_pdbx_validate_torsion.phi             -106.86 
_pdbx_validate_torsion.psi             -61.88 
# 
_em_3d_fitting.id                1 
_em_3d_fitting.entry_id          8QU9 
_em_3d_fitting.method            ? 
_em_3d_fitting.target_criteria   ? 
_em_3d_fitting.details           ? 
_em_3d_fitting.overall_b_value   ? 
_em_3d_fitting.ref_space         ? 
_em_3d_fitting.ref_protocol      ? 
# 
_em_3d_reconstruction.entry_id                    8QU9 
_em_3d_reconstruction.id                          1 
_em_3d_reconstruction.method                      ? 
_em_3d_reconstruction.algorithm                   ? 
_em_3d_reconstruction.citation_id                 ? 
_em_3d_reconstruction.details                     ? 
_em_3d_reconstruction.resolution                  2.88 
_em_3d_reconstruction.resolution_method           'FSC 0.143 CUT-OFF' 
_em_3d_reconstruction.magnification_calibration   ? 
_em_3d_reconstruction.nominal_pixel_size          ? 
_em_3d_reconstruction.actual_pixel_size           ? 
_em_3d_reconstruction.num_particles               49794 
_em_3d_reconstruction.euler_angles_details        ? 
_em_3d_reconstruction.num_class_averages          ? 
_em_3d_reconstruction.refinement_type             ? 
_em_3d_reconstruction.image_processing_id         1 
_em_3d_reconstruction.symmetry_type               POINT 
# 
_em_buffer.id            1 
_em_buffer.specimen_id   1 
_em_buffer.name          ? 
_em_buffer.details       ? 
_em_buffer.pH            7.5 
# 
_em_entity_assembly.id                   1 
_em_entity_assembly.parent_id            0 
_em_entity_assembly.source               RECOMBINANT 
_em_entity_assembly.type                 COMPLEX 
_em_entity_assembly.name                 'FTH1 NCOA4 complex' 
_em_entity_assembly.details              ? 
_em_entity_assembly.synonym              ? 
_em_entity_assembly.oligomeric_details   ? 
_em_entity_assembly.entity_id_list       1,2 
# 
_em_imaging.entry_id                        8QU9 
_em_imaging.id                              1 
_em_imaging.astigmatism                     ? 
_em_imaging.electron_beam_tilt_params       ? 
_em_imaging.residual_tilt                   ? 
_em_imaging.microscope_model                'TFS GLACIOS' 
_em_imaging.specimen_holder_type            ? 
_em_imaging.specimen_holder_model           ? 
_em_imaging.details                         ? 
_em_imaging.date                            ? 
_em_imaging.accelerating_voltage            200 
_em_imaging.illumination_mode               'FLOOD BEAM' 
_em_imaging.mode                            'BRIGHT FIELD' 
_em_imaging.nominal_cs                      ? 
_em_imaging.nominal_defocus_min             500 
_em_imaging.nominal_defocus_max             2000 
_em_imaging.calibrated_defocus_min          ? 
_em_imaging.calibrated_defocus_max          ? 
_em_imaging.tilt_angle_min                  ? 
_em_imaging.tilt_angle_max                  ? 
_em_imaging.nominal_magnification           130000 
_em_imaging.calibrated_magnification        ? 
_em_imaging.electron_source                 'FIELD EMISSION GUN' 
_em_imaging.citation_id                     ? 
_em_imaging.temperature                     ? 
_em_imaging.detector_distance               ? 
_em_imaging.recording_temperature_minimum   ? 
_em_imaging.recording_temperature_maximum   ? 
_em_imaging.alignment_procedure             ? 
_em_imaging.c2_aperture_diameter            ? 
_em_imaging.specimen_id                     1 
_em_imaging.cryogen                         NITROGEN 
# 
_em_vitrification.entry_id              8QU9 
_em_vitrification.id                    1 
_em_vitrification.specimen_id           1 
_em_vitrification.cryogen_name          ETHANE 
_em_vitrification.humidity              ? 
_em_vitrification.temp                  ? 
_em_vitrification.chamber_temperature   ? 
_em_vitrification.instrument            ? 
_em_vitrification.method                ? 
_em_vitrification.time_resolved_state   ? 
_em_vitrification.citation_id           ? 
_em_vitrification.details               ? 
# 
_em_experiment.entry_id                8QU9 
_em_experiment.id                      1 
_em_experiment.reconstruction_method   'SINGLE PARTICLE' 
_em_experiment.aggregation_state       PARTICLE 
_em_experiment.entity_assembly_id      1 
# 
loop_
_pdbx_unobs_or_zero_occ_residues.id 
_pdbx_unobs_or_zero_occ_residues.PDB_model_num 
_pdbx_unobs_or_zero_occ_residues.polymer_flag 
_pdbx_unobs_or_zero_occ_residues.occupancy_flag 
_pdbx_unobs_or_zero_occ_residues.auth_asym_id 
_pdbx_unobs_or_zero_occ_residues.auth_comp_id 
_pdbx_unobs_or_zero_occ_residues.auth_seq_id 
_pdbx_unobs_or_zero_occ_residues.PDB_ins_code 
_pdbx_unobs_or_zero_occ_residues.label_asym_id 
_pdbx_unobs_or_zero_occ_residues.label_comp_id 
_pdbx_unobs_or_zero_occ_residues.label_seq_id 
1 1 Y 1 A ASP 178 ? A ASP 173 
2 1 Y 1 A SER 179 ? A SER 174 
3 1 Y 1 A ASP 180 ? A ASP 175 
4 1 Y 1 A ASN 181 ? A ASN 176 
5 1 Y 1 A GLU 182 ? A GLU 177 
6 1 Y 1 A SER 183 ? A SER 178 
# 
loop_
_chem_comp_atom.comp_id 
_chem_comp_atom.atom_id 
_chem_comp_atom.type_symbol 
_chem_comp_atom.pdbx_aromatic_flag 
_chem_comp_atom.pdbx_stereo_config 
_chem_comp_atom.pdbx_ordinal 
ALA N    N  N N 1   
ALA CA   C  N S 2   
ALA C    C  N N 3   
ALA O    O  N N 4   
ALA CB   C  N N 5   
ALA OXT  O  N N 6   
ALA H    H  N N 7   
ALA H2   H  N N 8   
ALA HA   H  N N 9   
ALA HB1  H  N N 10  
ALA HB2  H  N N 11  
ALA HB3  H  N N 12  
ALA HXT  H  N N 13  
ARG N    N  N N 14  
ARG CA   C  N S 15  
ARG C    C  N N 16  
ARG O    O  N N 17  
ARG CB   C  N N 18  
ARG CG   C  N N 19  
ARG CD   C  N N 20  
ARG NE   N  N N 21  
ARG CZ   C  N N 22  
ARG NH1  N  N N 23  
ARG NH2  N  N N 24  
ARG OXT  O  N N 25  
ARG H    H  N N 26  
ARG H2   H  N N 27  
ARG HA   H  N N 28  
ARG HB2  H  N N 29  
ARG HB3  H  N N 30  
ARG HG2  H  N N 31  
ARG HG3  H  N N 32  
ARG HD2  H  N N 33  
ARG HD3  H  N N 34  
ARG HE   H  N N 35  
ARG HH11 H  N N 36  
ARG HH12 H  N N 37  
ARG HH21 H  N N 38  
ARG HH22 H  N N 39  
ARG HXT  H  N N 40  
ASN N    N  N N 41  
ASN CA   C  N S 42  
ASN C    C  N N 43  
ASN O    O  N N 44  
ASN CB   C  N N 45  
ASN CG   C  N N 46  
ASN OD1  O  N N 47  
ASN ND2  N  N N 48  
ASN OXT  O  N N 49  
ASN H    H  N N 50  
ASN H2   H  N N 51  
ASN HA   H  N N 52  
ASN HB2  H  N N 53  
ASN HB3  H  N N 54  
ASN HD21 H  N N 55  
ASN HD22 H  N N 56  
ASN HXT  H  N N 57  
ASP N    N  N N 58  
ASP CA   C  N S 59  
ASP C    C  N N 60  
ASP O    O  N N 61  
ASP CB   C  N N 62  
ASP CG   C  N N 63  
ASP OD1  O  N N 64  
ASP OD2  O  N N 65  
ASP OXT  O  N N 66  
ASP H    H  N N 67  
ASP H2   H  N N 68  
ASP HA   H  N N 69  
ASP HB2  H  N N 70  
ASP HB3  H  N N 71  
ASP HD2  H  N N 72  
ASP HXT  H  N N 73  
CYS N    N  N N 74  
CYS CA   C  N R 75  
CYS C    C  N N 76  
CYS O    O  N N 77  
CYS CB   C  N N 78  
CYS SG   S  N N 79  
CYS OXT  O  N N 80  
CYS H    H  N N 81  
CYS H2   H  N N 82  
CYS HA   H  N N 83  
CYS HB2  H  N N 84  
CYS HB3  H  N N 85  
CYS HG   H  N N 86  
CYS HXT  H  N N 87  
FE  FE   FE N N 88  
GLN N    N  N N 89  
GLN CA   C  N S 90  
GLN C    C  N N 91  
GLN O    O  N N 92  
GLN CB   C  N N 93  
GLN CG   C  N N 94  
GLN CD   C  N N 95  
GLN OE1  O  N N 96  
GLN NE2  N  N N 97  
GLN OXT  O  N N 98  
GLN H    H  N N 99  
GLN H2   H  N N 100 
GLN HA   H  N N 101 
GLN HB2  H  N N 102 
GLN HB3  H  N N 103 
GLN HG2  H  N N 104 
GLN HG3  H  N N 105 
GLN HE21 H  N N 106 
GLN HE22 H  N N 107 
GLN HXT  H  N N 108 
GLU N    N  N N 109 
GLU CA   C  N S 110 
GLU C    C  N N 111 
GLU O    O  N N 112 
GLU CB   C  N N 113 
GLU CG   C  N N 114 
GLU CD   C  N N 115 
GLU OE1  O  N N 116 
GLU OE2  O  N N 117 
GLU OXT  O  N N 118 
GLU H    H  N N 119 
GLU H2   H  N N 120 
GLU HA   H  N N 121 
GLU HB2  H  N N 122 
GLU HB3  H  N N 123 
GLU HG2  H  N N 124 
GLU HG3  H  N N 125 
GLU HE2  H  N N 126 
GLU HXT  H  N N 127 
GLY N    N  N N 128 
GLY CA   C  N N 129 
GLY C    C  N N 130 
GLY O    O  N N 131 
GLY OXT  O  N N 132 
GLY H    H  N N 133 
GLY H2   H  N N 134 
GLY HA2  H  N N 135 
GLY HA3  H  N N 136 
GLY HXT  H  N N 137 
HIS N    N  N N 138 
HIS CA   C  N S 139 
HIS C    C  N N 140 
HIS O    O  N N 141 
HIS CB   C  N N 142 
HIS CG   C  Y N 143 
HIS ND1  N  Y N 144 
HIS CD2  C  Y N 145 
HIS CE1  C  Y N 146 
HIS NE2  N  Y N 147 
HIS OXT  O  N N 148 
HIS H    H  N N 149 
HIS H2   H  N N 150 
HIS HA   H  N N 151 
HIS HB2  H  N N 152 
HIS HB3  H  N N 153 
HIS HD1  H  N N 154 
HIS HD2  H  N N 155 
HIS HE1  H  N N 156 
HIS HE2  H  N N 157 
HIS HXT  H  N N 158 
HOH O    O  N N 159 
HOH H1   H  N N 160 
HOH H2   H  N N 161 
ILE N    N  N N 162 
ILE CA   C  N S 163 
ILE C    C  N N 164 
ILE O    O  N N 165 
ILE CB   C  N S 166 
ILE CG1  C  N N 167 
ILE CG2  C  N N 168 
ILE CD1  C  N N 169 
ILE OXT  O  N N 170 
ILE H    H  N N 171 
ILE H2   H  N N 172 
ILE HA   H  N N 173 
ILE HB   H  N N 174 
ILE HG12 H  N N 175 
ILE HG13 H  N N 176 
ILE HG21 H  N N 177 
ILE HG22 H  N N 178 
ILE HG23 H  N N 179 
ILE HD11 H  N N 180 
ILE HD12 H  N N 181 
ILE HD13 H  N N 182 
ILE HXT  H  N N 183 
LEU N    N  N N 184 
LEU CA   C  N S 185 
LEU C    C  N N 186 
LEU O    O  N N 187 
LEU CB   C  N N 188 
LEU CG   C  N N 189 
LEU CD1  C  N N 190 
LEU CD2  C  N N 191 
LEU OXT  O  N N 192 
LEU H    H  N N 193 
LEU H2   H  N N 194 
LEU HA   H  N N 195 
LEU HB2  H  N N 196 
LEU HB3  H  N N 197 
LEU HG   H  N N 198 
LEU HD11 H  N N 199 
LEU HD12 H  N N 200 
LEU HD13 H  N N 201 
LEU HD21 H  N N 202 
LEU HD22 H  N N 203 
LEU HD23 H  N N 204 
LEU HXT  H  N N 205 
LYS N    N  N N 206 
LYS CA   C  N S 207 
LYS C    C  N N 208 
LYS O    O  N N 209 
LYS CB   C  N N 210 
LYS CG   C  N N 211 
LYS CD   C  N N 212 
LYS CE   C  N N 213 
LYS NZ   N  N N 214 
LYS OXT  O  N N 215 
LYS H    H  N N 216 
LYS H2   H  N N 217 
LYS HA   H  N N 218 
LYS HB2  H  N N 219 
LYS HB3  H  N N 220 
LYS HG2  H  N N 221 
LYS HG3  H  N N 222 
LYS HD2  H  N N 223 
LYS HD3  H  N N 224 
LYS HE2  H  N N 225 
LYS HE3  H  N N 226 
LYS HZ1  H  N N 227 
LYS HZ2  H  N N 228 
LYS HZ3  H  N N 229 
LYS HXT  H  N N 230 
MET N    N  N N 231 
MET CA   C  N S 232 
MET C    C  N N 233 
MET O    O  N N 234 
MET CB   C  N N 235 
MET CG   C  N N 236 
MET SD   S  N N 237 
MET CE   C  N N 238 
MET OXT  O  N N 239 
MET H    H  N N 240 
MET H2   H  N N 241 
MET HA   H  N N 242 
MET HB2  H  N N 243 
MET HB3  H  N N 244 
MET HG2  H  N N 245 
MET HG3  H  N N 246 
MET HE1  H  N N 247 
MET HE2  H  N N 248 
MET HE3  H  N N 249 
MET HXT  H  N N 250 
PHE N    N  N N 251 
PHE CA   C  N S 252 
PHE C    C  N N 253 
PHE O    O  N N 254 
PHE CB   C  N N 255 
PHE CG   C  Y N 256 
PHE CD1  C  Y N 257 
PHE CD2  C  Y N 258 
PHE CE1  C  Y N 259 
PHE CE2  C  Y N 260 
PHE CZ   C  Y N 261 
PHE OXT  O  N N 262 
PHE H    H  N N 263 
PHE H2   H  N N 264 
PHE HA   H  N N 265 
PHE HB2  H  N N 266 
PHE HB3  H  N N 267 
PHE HD1  H  N N 268 
PHE HD2  H  N N 269 
PHE HE1  H  N N 270 
PHE HE2  H  N N 271 
PHE HZ   H  N N 272 
PHE HXT  H  N N 273 
PRO N    N  N N 274 
PRO CA   C  N S 275 
PRO C    C  N N 276 
PRO O    O  N N 277 
PRO CB   C  N N 278 
PRO CG   C  N N 279 
PRO CD   C  N N 280 
PRO OXT  O  N N 281 
PRO H    H  N N 282 
PRO HA   H  N N 283 
PRO HB2  H  N N 284 
PRO HB3  H  N N 285 
PRO HG2  H  N N 286 
PRO HG3  H  N N 287 
PRO HD2  H  N N 288 
PRO HD3  H  N N 289 
PRO HXT  H  N N 290 
SER N    N  N N 291 
SER CA   C  N S 292 
SER C    C  N N 293 
SER O    O  N N 294 
SER CB   C  N N 295 
SER OG   O  N N 296 
SER OXT  O  N N 297 
SER H    H  N N 298 
SER H2   H  N N 299 
SER HA   H  N N 300 
SER HB2  H  N N 301 
SER HB3  H  N N 302 
SER HG   H  N N 303 
SER HXT  H  N N 304 
THR N    N  N N 305 
THR CA   C  N S 306 
THR C    C  N N 307 
THR O    O  N N 308 
THR CB   C  N R 309 
THR OG1  O  N N 310 
THR CG2  C  N N 311 
THR OXT  O  N N 312 
THR H    H  N N 313 
THR H2   H  N N 314 
THR HA   H  N N 315 
THR HB   H  N N 316 
THR HG1  H  N N 317 
THR HG21 H  N N 318 
THR HG22 H  N N 319 
THR HG23 H  N N 320 
THR HXT  H  N N 321 
TRP N    N  N N 322 
TRP CA   C  N S 323 
TRP C    C  N N 324 
TRP O    O  N N 325 
TRP CB   C  N N 326 
TRP CG   C  Y N 327 
TRP CD1  C  Y N 328 
TRP CD2  C  Y N 329 
TRP NE1  N  Y N 330 
TRP CE2  C  Y N 331 
TRP CE3  C  Y N 332 
TRP CZ2  C  Y N 333 
TRP CZ3  C  Y N 334 
TRP CH2  C  Y N 335 
TRP OXT  O  N N 336 
TRP H    H  N N 337 
TRP H2   H  N N 338 
TRP HA   H  N N 339 
TRP HB2  H  N N 340 
TRP HB3  H  N N 341 
TRP HD1  H  N N 342 
TRP HE1  H  N N 343 
TRP HE3  H  N N 344 
TRP HZ2  H  N N 345 
TRP HZ3  H  N N 346 
TRP HH2  H  N N 347 
TRP HXT  H  N N 348 
TYR N    N  N N 349 
TYR CA   C  N S 350 
TYR C    C  N N 351 
TYR O    O  N N 352 
TYR CB   C  N N 353 
TYR CG   C  Y N 354 
TYR CD1  C  Y N 355 
TYR CD2  C  Y N 356 
TYR CE1  C  Y N 357 
TYR CE2  C  Y N 358 
TYR CZ   C  Y N 359 
TYR OH   O  N N 360 
TYR OXT  O  N N 361 
TYR H    H  N N 362 
TYR H2   H  N N 363 
TYR HA   H  N N 364 
TYR HB2  H  N N 365 
TYR HB3  H  N N 366 
TYR HD1  H  N N 367 
TYR HD2  H  N N 368 
TYR HE1  H  N N 369 
TYR HE2  H  N N 370 
TYR HH   H  N N 371 
TYR HXT  H  N N 372 
VAL N    N  N N 373 
VAL CA   C  N S 374 
VAL C    C  N N 375 
VAL O    O  N N 376 
VAL CB   C  N N 377 
VAL CG1  C  N N 378 
VAL CG2  C  N N 379 
VAL OXT  O  N N 380 
VAL H    H  N N 381 
VAL H2   H  N N 382 
VAL HA   H  N N 383 
VAL HB   H  N N 384 
VAL HG11 H  N N 385 
VAL HG12 H  N N 386 
VAL HG13 H  N N 387 
VAL HG21 H  N N 388 
VAL HG22 H  N N 389 
VAL HG23 H  N N 390 
VAL HXT  H  N N 391 
# 
loop_
_chem_comp_bond.comp_id 
_chem_comp_bond.atom_id_1 
_chem_comp_bond.atom_id_2 
_chem_comp_bond.value_order 
_chem_comp_bond.pdbx_aromatic_flag 
_chem_comp_bond.pdbx_stereo_config 
_chem_comp_bond.pdbx_ordinal 
ALA N   CA   sing N N 1   
ALA N   H    sing N N 2   
ALA N   H2   sing N N 3   
ALA CA  C    sing N N 4   
ALA CA  CB   sing N N 5   
ALA CA  HA   sing N N 6   
ALA C   O    doub N N 7   
ALA C   OXT  sing N N 8   
ALA CB  HB1  sing N N 9   
ALA CB  HB2  sing N N 10  
ALA CB  HB3  sing N N 11  
ALA OXT HXT  sing N N 12  
ARG N   CA   sing N N 13  
ARG N   H    sing N N 14  
ARG N   H2   sing N N 15  
ARG CA  C    sing N N 16  
ARG CA  CB   sing N N 17  
ARG CA  HA   sing N N 18  
ARG C   O    doub N N 19  
ARG C   OXT  sing N N 20  
ARG CB  CG   sing N N 21  
ARG CB  HB2  sing N N 22  
ARG CB  HB3  sing N N 23  
ARG CG  CD   sing N N 24  
ARG CG  HG2  sing N N 25  
ARG CG  HG3  sing N N 26  
ARG CD  NE   sing N N 27  
ARG CD  HD2  sing N N 28  
ARG CD  HD3  sing N N 29  
ARG NE  CZ   sing N N 30  
ARG NE  HE   sing N N 31  
ARG CZ  NH1  sing N N 32  
ARG CZ  NH2  doub N N 33  
ARG NH1 HH11 sing N N 34  
ARG NH1 HH12 sing N N 35  
ARG NH2 HH21 sing N N 36  
ARG NH2 HH22 sing N N 37  
ARG OXT HXT  sing N N 38  
ASN N   CA   sing N N 39  
ASN N   H    sing N N 40  
ASN N   H2   sing N N 41  
ASN CA  C    sing N N 42  
ASN CA  CB   sing N N 43  
ASN CA  HA   sing N N 44  
ASN C   O    doub N N 45  
ASN C   OXT  sing N N 46  
ASN CB  CG   sing N N 47  
ASN CB  HB2  sing N N 48  
ASN CB  HB3  sing N N 49  
ASN CG  OD1  doub N N 50  
ASN CG  ND2  sing N N 51  
ASN ND2 HD21 sing N N 52  
ASN ND2 HD22 sing N N 53  
ASN OXT HXT  sing N N 54  
ASP N   CA   sing N N 55  
ASP N   H    sing N N 56  
ASP N   H2   sing N N 57  
ASP CA  C    sing N N 58  
ASP CA  CB   sing N N 59  
ASP CA  HA   sing N N 60  
ASP C   O    doub N N 61  
ASP C   OXT  sing N N 62  
ASP CB  CG   sing N N 63  
ASP CB  HB2  sing N N 64  
ASP CB  HB3  sing N N 65  
ASP CG  OD1  doub N N 66  
ASP CG  OD2  sing N N 67  
ASP OD2 HD2  sing N N 68  
ASP OXT HXT  sing N N 69  
CYS N   CA   sing N N 70  
CYS N   H    sing N N 71  
CYS N   H2   sing N N 72  
CYS CA  C    sing N N 73  
CYS CA  CB   sing N N 74  
CYS CA  HA   sing N N 75  
CYS C   O    doub N N 76  
CYS C   OXT  sing N N 77  
CYS CB  SG   sing N N 78  
CYS CB  HB2  sing N N 79  
CYS CB  HB3  sing N N 80  
CYS SG  HG   sing N N 81  
CYS OXT HXT  sing N N 82  
GLN N   CA   sing N N 83  
GLN N   H    sing N N 84  
GLN N   H2   sing N N 85  
GLN CA  C    sing N N 86  
GLN CA  CB   sing N N 87  
GLN CA  HA   sing N N 88  
GLN C   O    doub N N 89  
GLN C   OXT  sing N N 90  
GLN CB  CG   sing N N 91  
GLN CB  HB2  sing N N 92  
GLN CB  HB3  sing N N 93  
GLN CG  CD   sing N N 94  
GLN CG  HG2  sing N N 95  
GLN CG  HG3  sing N N 96  
GLN CD  OE1  doub N N 97  
GLN CD  NE2  sing N N 98  
GLN NE2 HE21 sing N N 99  
GLN NE2 HE22 sing N N 100 
GLN OXT HXT  sing N N 101 
GLU N   CA   sing N N 102 
GLU N   H    sing N N 103 
GLU N   H2   sing N N 104 
GLU CA  C    sing N N 105 
GLU CA  CB   sing N N 106 
GLU CA  HA   sing N N 107 
GLU C   O    doub N N 108 
GLU C   OXT  sing N N 109 
GLU CB  CG   sing N N 110 
GLU CB  HB2  sing N N 111 
GLU CB  HB3  sing N N 112 
GLU CG  CD   sing N N 113 
GLU CG  HG2  sing N N 114 
GLU CG  HG3  sing N N 115 
GLU CD  OE1  doub N N 116 
GLU CD  OE2  sing N N 117 
GLU OE2 HE2  sing N N 118 
GLU OXT HXT  sing N N 119 
GLY N   CA   sing N N 120 
GLY N   H    sing N N 121 
GLY N   H2   sing N N 122 
GLY CA  C    sing N N 123 
GLY CA  HA2  sing N N 124 
GLY CA  HA3  sing N N 125 
GLY C   O    doub N N 126 
GLY C   OXT  sing N N 127 
GLY OXT HXT  sing N N 128 
HIS N   CA   sing N N 129 
HIS N   H    sing N N 130 
HIS N   H2   sing N N 131 
HIS CA  C    sing N N 132 
HIS CA  CB   sing N N 133 
HIS CA  HA   sing N N 134 
HIS C   O    doub N N 135 
HIS C   OXT  sing N N 136 
HIS CB  CG   sing N N 137 
HIS CB  HB2  sing N N 138 
HIS CB  HB3  sing N N 139 
HIS CG  ND1  sing Y N 140 
HIS CG  CD2  doub Y N 141 
HIS ND1 CE1  doub Y N 142 
HIS ND1 HD1  sing N N 143 
HIS CD2 NE2  sing Y N 144 
HIS CD2 HD2  sing N N 145 
HIS CE1 NE2  sing Y N 146 
HIS CE1 HE1  sing N N 147 
HIS NE2 HE2  sing N N 148 
HIS OXT HXT  sing N N 149 
HOH O   H1   sing N N 150 
HOH O   H2   sing N N 151 
ILE N   CA   sing N N 152 
ILE N   H    sing N N 153 
ILE N   H2   sing N N 154 
ILE CA  C    sing N N 155 
ILE CA  CB   sing N N 156 
ILE CA  HA   sing N N 157 
ILE C   O    doub N N 158 
ILE C   OXT  sing N N 159 
ILE CB  CG1  sing N N 160 
ILE CB  CG2  sing N N 161 
ILE CB  HB   sing N N 162 
ILE CG1 CD1  sing N N 163 
ILE CG1 HG12 sing N N 164 
ILE CG1 HG13 sing N N 165 
ILE CG2 HG21 sing N N 166 
ILE CG2 HG22 sing N N 167 
ILE CG2 HG23 sing N N 168 
ILE CD1 HD11 sing N N 169 
ILE CD1 HD12 sing N N 170 
ILE CD1 HD13 sing N N 171 
ILE OXT HXT  sing N N 172 
LEU N   CA   sing N N 173 
LEU N   H    sing N N 174 
LEU N   H2   sing N N 175 
LEU CA  C    sing N N 176 
LEU CA  CB   sing N N 177 
LEU CA  HA   sing N N 178 
LEU C   O    doub N N 179 
LEU C   OXT  sing N N 180 
LEU CB  CG   sing N N 181 
LEU CB  HB2  sing N N 182 
LEU CB  HB3  sing N N 183 
LEU CG  CD1  sing N N 184 
LEU CG  CD2  sing N N 185 
LEU CG  HG   sing N N 186 
LEU CD1 HD11 sing N N 187 
LEU CD1 HD12 sing N N 188 
LEU CD1 HD13 sing N N 189 
LEU CD2 HD21 sing N N 190 
LEU CD2 HD22 sing N N 191 
LEU CD2 HD23 sing N N 192 
LEU OXT HXT  sing N N 193 
LYS N   CA   sing N N 194 
LYS N   H    sing N N 195 
LYS N   H2   sing N N 196 
LYS CA  C    sing N N 197 
LYS CA  CB   sing N N 198 
LYS CA  HA   sing N N 199 
LYS C   O    doub N N 200 
LYS C   OXT  sing N N 201 
LYS CB  CG   sing N N 202 
LYS CB  HB2  sing N N 203 
LYS CB  HB3  sing N N 204 
LYS CG  CD   sing N N 205 
LYS CG  HG2  sing N N 206 
LYS CG  HG3  sing N N 207 
LYS CD  CE   sing N N 208 
LYS CD  HD2  sing N N 209 
LYS CD  HD3  sing N N 210 
LYS CE  NZ   sing N N 211 
LYS CE  HE2  sing N N 212 
LYS CE  HE3  sing N N 213 
LYS NZ  HZ1  sing N N 214 
LYS NZ  HZ2  sing N N 215 
LYS NZ  HZ3  sing N N 216 
LYS OXT HXT  sing N N 217 
MET N   CA   sing N N 218 
MET N   H    sing N N 219 
MET N   H2   sing N N 220 
MET CA  C    sing N N 221 
MET CA  CB   sing N N 222 
MET CA  HA   sing N N 223 
MET C   O    doub N N 224 
MET C   OXT  sing N N 225 
MET CB  CG   sing N N 226 
MET CB  HB2  sing N N 227 
MET CB  HB3  sing N N 228 
MET CG  SD   sing N N 229 
MET CG  HG2  sing N N 230 
MET CG  HG3  sing N N 231 
MET SD  CE   sing N N 232 
MET CE  HE1  sing N N 233 
MET CE  HE2  sing N N 234 
MET CE  HE3  sing N N 235 
MET OXT HXT  sing N N 236 
PHE N   CA   sing N N 237 
PHE N   H    sing N N 238 
PHE N   H2   sing N N 239 
PHE CA  C    sing N N 240 
PHE CA  CB   sing N N 241 
PHE CA  HA   sing N N 242 
PHE C   O    doub N N 243 
PHE C   OXT  sing N N 244 
PHE CB  CG   sing N N 245 
PHE CB  HB2  sing N N 246 
PHE CB  HB3  sing N N 247 
PHE CG  CD1  doub Y N 248 
PHE CG  CD2  sing Y N 249 
PHE CD1 CE1  sing Y N 250 
PHE CD1 HD1  sing N N 251 
PHE CD2 CE2  doub Y N 252 
PHE CD2 HD2  sing N N 253 
PHE CE1 CZ   doub Y N 254 
PHE CE1 HE1  sing N N 255 
PHE CE2 CZ   sing Y N 256 
PHE CE2 HE2  sing N N 257 
PHE CZ  HZ   sing N N 258 
PHE OXT HXT  sing N N 259 
PRO N   CA   sing N N 260 
PRO N   CD   sing N N 261 
PRO N   H    sing N N 262 
PRO CA  C    sing N N 263 
PRO CA  CB   sing N N 264 
PRO CA  HA   sing N N 265 
PRO C   O    doub N N 266 
PRO C   OXT  sing N N 267 
PRO CB  CG   sing N N 268 
PRO CB  HB2  sing N N 269 
PRO CB  HB3  sing N N 270 
PRO CG  CD   sing N N 271 
PRO CG  HG2  sing N N 272 
PRO CG  HG3  sing N N 273 
PRO CD  HD2  sing N N 274 
PRO CD  HD3  sing N N 275 
PRO OXT HXT  sing N N 276 
SER N   CA   sing N N 277 
SER N   H    sing N N 278 
SER N   H2   sing N N 279 
SER CA  C    sing N N 280 
SER CA  CB   sing N N 281 
SER CA  HA   sing N N 282 
SER C   O    doub N N 283 
SER C   OXT  sing N N 284 
SER CB  OG   sing N N 285 
SER CB  HB2  sing N N 286 
SER CB  HB3  sing N N 287 
SER OG  HG   sing N N 288 
SER OXT HXT  sing N N 289 
THR N   CA   sing N N 290 
THR N   H    sing N N 291 
THR N   H2   sing N N 292 
THR CA  C    sing N N 293 
THR CA  CB   sing N N 294 
THR CA  HA   sing N N 295 
THR C   O    doub N N 296 
THR C   OXT  sing N N 297 
THR CB  OG1  sing N N 298 
THR CB  CG2  sing N N 299 
THR CB  HB   sing N N 300 
THR OG1 HG1  sing N N 301 
THR CG2 HG21 sing N N 302 
THR CG2 HG22 sing N N 303 
THR CG2 HG23 sing N N 304 
THR OXT HXT  sing N N 305 
TRP N   CA   sing N N 306 
TRP N   H    sing N N 307 
TRP N   H2   sing N N 308 
TRP CA  C    sing N N 309 
TRP CA  CB   sing N N 310 
TRP CA  HA   sing N N 311 
TRP C   O    doub N N 312 
TRP C   OXT  sing N N 313 
TRP CB  CG   sing N N 314 
TRP CB  HB2  sing N N 315 
TRP CB  HB3  sing N N 316 
TRP CG  CD1  doub Y N 317 
TRP CG  CD2  sing Y N 318 
TRP CD1 NE1  sing Y N 319 
TRP CD1 HD1  sing N N 320 
TRP CD2 CE2  doub Y N 321 
TRP CD2 CE3  sing Y N 322 
TRP NE1 CE2  sing Y N 323 
TRP NE1 HE1  sing N N 324 
TRP CE2 CZ2  sing Y N 325 
TRP CE3 CZ3  doub Y N 326 
TRP CE3 HE3  sing N N 327 
TRP CZ2 CH2  doub Y N 328 
TRP CZ2 HZ2  sing N N 329 
TRP CZ3 CH2  sing Y N 330 
TRP CZ3 HZ3  sing N N 331 
TRP CH2 HH2  sing N N 332 
TRP OXT HXT  sing N N 333 
TYR N   CA   sing N N 334 
TYR N   H    sing N N 335 
TYR N   H2   sing N N 336 
TYR CA  C    sing N N 337 
TYR CA  CB   sing N N 338 
TYR CA  HA   sing N N 339 
TYR C   O    doub N N 340 
TYR C   OXT  sing N N 341 
TYR CB  CG   sing N N 342 
TYR CB  HB2  sing N N 343 
TYR CB  HB3  sing N N 344 
TYR CG  CD1  doub Y N 345 
TYR CG  CD2  sing Y N 346 
TYR CD1 CE1  sing Y N 347 
TYR CD1 HD1  sing N N 348 
TYR CD2 CE2  doub Y N 349 
TYR CD2 HD2  sing N N 350 
TYR CE1 CZ   doub Y N 351 
TYR CE1 HE1  sing N N 352 
TYR CE2 CZ   sing Y N 353 
TYR CE2 HE2  sing N N 354 
TYR CZ  OH   sing N N 355 
TYR OH  HH   sing N N 356 
TYR OXT HXT  sing N N 357 
VAL N   CA   sing N N 358 
VAL N   H    sing N N 359 
VAL N   H2   sing N N 360 
VAL CA  C    sing N N 361 
VAL CA  CB   sing N N 362 
VAL CA  HA   sing N N 363 
VAL C   O    doub N N 364 
VAL C   OXT  sing N N 365 
VAL CB  CG1  sing N N 366 
VAL CB  CG2  sing N N 367 
VAL CB  HB   sing N N 368 
VAL CG1 HG11 sing N N 369 
VAL CG1 HG12 sing N N 370 
VAL CG1 HG13 sing N N 371 
VAL CG2 HG21 sing N N 372 
VAL CG2 HG22 sing N N 373 
VAL CG2 HG23 sing N N 374 
VAL OXT HXT  sing N N 375 
# 
_em_admin.current_status     REL 
_em_admin.deposition_date    2023-10-15 
_em_admin.deposition_site    PDBE 
_em_admin.entry_id           8QU9 
_em_admin.last_update        2025-07-02 
_em_admin.map_release_date   2024-05-15 
_em_admin.title              'Structure of the NCOA4 (Nuclear Receptor Coactivator 4)-FTH1 (H-Ferritin) complex' 
# 
_em_ctf_correction.details                  ? 
_em_ctf_correction.em_image_processing_id   1 
_em_ctf_correction.id                       1 
_em_ctf_correction.type                     'PHASE FLIPPING AND AMPLITUDE CORRECTION' 
# 
_em_entity_assembly_naturalsource.cell                 ? 
_em_entity_assembly_naturalsource.cellular_location    ? 
_em_entity_assembly_naturalsource.entity_assembly_id   1 
_em_entity_assembly_naturalsource.id                   2 
_em_entity_assembly_naturalsource.ncbi_tax_id          9606 
_em_entity_assembly_naturalsource.organism             'Homo sapiens' 
_em_entity_assembly_naturalsource.organelle            ? 
_em_entity_assembly_naturalsource.organ                ? 
_em_entity_assembly_naturalsource.strain               ? 
_em_entity_assembly_naturalsource.tissue               ? 
_em_entity_assembly_naturalsource.details              ? 
# 
_em_entity_assembly_recombinant.cell                 ? 
_em_entity_assembly_recombinant.entity_assembly_id   1 
_em_entity_assembly_recombinant.id                   2 
_em_entity_assembly_recombinant.ncbi_tax_id          562 
_em_entity_assembly_recombinant.organism             'Escherichia coli' 
_em_entity_assembly_recombinant.plasmid              ? 
_em_entity_assembly_recombinant.strain               ? 
# 
_em_image_processing.details              ? 
_em_image_processing.id                   1 
_em_image_processing.image_recording_id   1 
# 
_em_image_recording.average_exposure_time               ? 
_em_image_recording.avg_electron_dose_per_subtomogram   ? 
_em_image_recording.avg_electron_dose_per_image         30 
_em_image_recording.details                             ? 
_em_image_recording.detector_mode                       ? 
_em_image_recording.film_or_detector_model              'FEI FALCON IV (4k x 4k)' 
_em_image_recording.id                                  1 
_em_image_recording.imaging_id                          1 
_em_image_recording.num_diffraction_images              ? 
_em_image_recording.num_grids_imaged                    ? 
_em_image_recording.num_real_images                     ? 
# 
loop_
_em_software.category 
_em_software.details 
_em_software.id 
_em_software.image_processing_id 
_em_software.fitting_id 
_em_software.imaging_id 
_em_software.name 
_em_software.version 
'PARTICLE SELECTION'            ? 1  1 ? ? ?      ? 
'IMAGE ACQUISITION'             ? 2  ? ? 1 ?      ? 
MASKING                         ? 3  ? ? ? ?      ? 
'CTF CORRECTION'                ? 4  1 ? ? ?      ? 
'LAYERLINE INDEXING'            ? 5  ? ? ? ?      ? 
'DIFFRACTION INDEXING'          ? 6  ? ? ? ?      ? 
'MODEL FITTING'                 ? 7  ? ? ? ?      ? 
'MODEL REFINEMENT'              ? 8  ? ? ? PHENIX ? 
OTHER                           ? 9  ? ? ? ?      ? 
'INITIAL EULER ASSIGNMENT'      ? 10 1 ? ? ?      ? 
'FINAL EULER ASSIGNMENT'        ? 11 1 ? ? ?      ? 
CLASSIFICATION                  ? 12 1 ? ? ?      ? 
RECONSTRUCTION                  ? 13 1 ? ? ?      ? 
'VOLUME SELECTION'              ? 14 1 1 1 ?      ? 
'SERIES ALIGNMENT'              ? 15 1 1 1 ?      ? 
'MOLECULAR REPLACEMENT'         ? 16 1 1 1 ?      ? 
'LATTICE DISTORTION CORRECTION' ? 17 1 1 1 ?      ? 
'SYMMETRY DETERMINATION'        ? 18 1 1 1 ?      ? 
'CRYSTALLOGRAPHY MERGING'       ? 19 1 1 1 ?      ? 
# 
_em_specimen.concentration           ? 
_em_specimen.details                 ? 
_em_specimen.embedding_applied       NO 
_em_specimen.experiment_id           1 
_em_specimen.id                      1 
_em_specimen.shadowing_applied       NO 
_em_specimen.staining_applied        NO 
_em_specimen.vitrification_applied   YES 
# 
loop_
_pdbx_audit_support.funding_organization 
_pdbx_audit_support.country 
_pdbx_audit_support.grant_number 
_pdbx_audit_support.ordinal 
'United States - Israel Binational Science Foundation (BSF)' 'United States' '#2022614' 1 
'National Science Foundation (NSF, United States)'           'United States' 2231900    2 
# 
_atom_sites.entry_id                    8QU9 
_atom_sites.Cartn_transf_matrix[1][1]   ? 
_atom_sites.Cartn_transf_matrix[1][2]   ? 
_atom_sites.Cartn_transf_matrix[1][3]   ? 
_atom_sites.Cartn_transf_matrix[2][1]   ? 
_atom_sites.Cartn_transf_matrix[2][2]   ? 
_atom_sites.Cartn_transf_matrix[2][3]   ? 
_atom_sites.Cartn_transf_matrix[3][1]   ? 
_atom_sites.Cartn_transf_matrix[3][2]   ? 
_atom_sites.Cartn_transf_matrix[3][3]   ? 
_atom_sites.Cartn_transf_vector[1]      ? 
_atom_sites.Cartn_transf_vector[2]      ? 
_atom_sites.Cartn_transf_vector[3]      ? 
_atom_sites.Cartn_transform_axes        ? 
_atom_sites.fract_transf_matrix[1][1]   1.000000 
_atom_sites.fract_transf_matrix[1][2]   0.000000 
_atom_sites.fract_transf_matrix[1][3]   0.000000 
_atom_sites.fract_transf_matrix[2][1]   0.000000 
_atom_sites.fract_transf_matrix[2][2]   1.000000 
_atom_sites.fract_transf_matrix[2][3]   0.000000 
_atom_sites.fract_transf_matrix[3][1]   0.000000 
_atom_sites.fract_transf_matrix[3][2]   0.000000 
_atom_sites.fract_transf_matrix[3][3]   1.000000 
_atom_sites.fract_transf_vector[1]      0.00000 
_atom_sites.fract_transf_vector[2]      0.00000 
_atom_sites.fract_transf_vector[3]      0.00000 
_atom_sites.solution_primary            ? 
_atom_sites.solution_secondary          ? 
_atom_sites.solution_hydrogens          ? 
_atom_sites.special_details             ? 
# 
loop_
_atom_type.symbol 
C  
FE 
N  
O  
S  
# 
loop_
_atom_site.group_PDB 
_atom_site.id 
_atom_site.type_symbol 
_atom_site.label_atom_id 
_atom_site.label_alt_id 
_atom_site.label_comp_id 
_atom_site.label_asym_id 
_atom_site.label_entity_id 
_atom_site.label_seq_id 
_atom_site.pdbx_PDB_ins_code 
_atom_site.Cartn_x 
_atom_site.Cartn_y 
_atom_site.Cartn_z 
_atom_site.occupancy 
_atom_site.B_iso_or_equiv 
_atom_site.pdbx_formal_charge 
_atom_site.auth_seq_id 
_atom_site.auth_comp_id 
_atom_site.auth_asym_id 
_atom_site.auth_atom_id 
_atom_site.pdbx_PDB_model_num 
ATOM   1    N  N   . THR A 1 1   ? -1.231  25.737  16.812  1.00 43.69 ? 6   THR A N   1 
ATOM   2    C  CA  . THR A 1 1   ? -2.592  26.263  16.815  1.00 51.99 ? 6   THR A CA  1 
ATOM   3    C  C   . THR A 1 1   ? -3.525  25.353  17.606  1.00 50.81 ? 6   THR A C   1 
ATOM   4    O  O   . THR A 1 1   ? -4.387  25.825  18.347  1.00 48.66 ? 6   THR A O   1 
ATOM   5    C  CB  . THR A 1 1   ? -3.134  26.433  15.386  1.00 55.09 ? 6   THR A CB  1 
ATOM   6    O  OG1 . THR A 1 1   ? -2.164  27.120  14.586  1.00 55.16 ? 6   THR A OG1 1 
ATOM   7    C  CG2 . THR A 1 1   ? -4.426  27.236  15.397  1.00 50.58 ? 6   THR A CG2 1 
ATOM   8    N  N   . SER A 1 2   ? -3.345  24.045  17.445  1.00 40.33 ? 7   SER A N   1 
ATOM   9    C  CA  . SER A 1 2   ? -4.142  23.085  18.195  1.00 38.49 ? 7   SER A CA  1 
ATOM   10   C  C   . SER A 1 2   ? -3.689  23.049  19.649  1.00 37.92 ? 7   SER A C   1 
ATOM   11   O  O   . SER A 1 2   ? -2.510  23.241  19.954  1.00 37.91 ? 7   SER A O   1 
ATOM   12   C  CB  . SER A 1 2   ? -4.027  21.697  17.569  1.00 37.79 ? 7   SER A CB  1 
ATOM   13   O  OG  . SER A 1 2   ? -4.579  20.707  18.418  1.00 33.75 ? 7   SER A OG  1 
ATOM   14   N  N   . GLN A 1 3   ? -4.641  22.807  20.554  1.00 36.64 ? 8   GLN A N   1 
ATOM   15   C  CA  . GLN A 1 3   ? -4.316  22.815  21.977  1.00 30.91 ? 8   GLN A CA  1 
ATOM   16   C  C   . GLN A 1 3   ? -3.454  21.623  22.371  1.00 28.74 ? 8   GLN A C   1 
ATOM   17   O  O   . GLN A 1 3   ? -2.754  21.677  23.387  1.00 34.03 ? 8   GLN A O   1 
ATOM   18   C  CB  . GLN A 1 3   ? -5.595  22.833  22.814  1.00 32.52 ? 8   GLN A CB  1 
ATOM   19   C  CG  . GLN A 1 3   ? -6.453  21.591  22.663  1.00 33.13 ? 8   GLN A CG  1 
ATOM   20   C  CD  . GLN A 1 3   ? -7.709  21.652  23.499  1.00 34.41 ? 8   GLN A CD  1 
ATOM   21   O  OE1 . GLN A 1 3   ? -7.863  22.533  24.342  1.00 39.15 ? 8   GLN A OE1 1 
ATOM   22   N  NE2 . GLN A 1 3   ? -8.615  20.712  23.273  1.00 28.29 ? 8   GLN A NE2 1 
ATOM   23   N  N   . VAL A 1 4   ? -3.491  20.544  21.589  1.00 26.67 ? 9   VAL A N   1 
ATOM   24   C  CA  . VAL A 1 4   ? -2.737  19.337  21.900  1.00 28.46 ? 9   VAL A CA  1 
ATOM   25   C  C   . VAL A 1 4   ? -1.480  19.214  21.046  1.00 33.23 ? 9   VAL A C   1 
ATOM   26   O  O   . VAL A 1 4   ? -0.781  18.201  21.124  1.00 37.97 ? 9   VAL A O   1 
ATOM   27   C  CB  . VAL A 1 4   ? -3.615  18.083  21.758  1.00 31.10 ? 9   VAL A CB  1 
ATOM   28   C  CG1 . VAL A 1 4   ? -4.880  18.224  22.584  1.00 32.83 ? 9   VAL A CG1 1 
ATOM   29   C  CG2 . VAL A 1 4   ? -3.950  17.832  20.300  1.00 30.03 ? 9   VAL A CG2 1 
ATOM   30   N  N   . ARG A 1 5   ? -1.170  20.225  20.240  1.00 32.17 ? 10  ARG A N   1 
ATOM   31   C  CA  . ARG A 1 5   ? -0.023  20.172  19.340  1.00 33.25 ? 10  ARG A CA  1 
ATOM   32   C  C   . ARG A 1 5   ? 1.243   20.478  20.129  1.00 38.57 ? 10  ARG A C   1 
ATOM   33   O  O   . ARG A 1 5   ? 1.329   21.505  20.810  1.00 38.20 ? 10  ARG A O   1 
ATOM   34   C  CB  . ARG A 1 5   ? -0.195  21.148  18.180  1.00 30.05 ? 10  ARG A CB  1 
ATOM   35   C  CG  . ARG A 1 5   ? 0.462   20.676  16.900  1.00 29.25 ? 10  ARG A CG  1 
ATOM   36   C  CD  . ARG A 1 5   ? 1.038   21.828  16.104  1.00 34.99 ? 10  ARG A CD  1 
ATOM   37   N  NE  . ARG A 1 5   ? 1.621   21.375  14.848  1.00 35.93 ? 10  ARG A NE  1 
ATOM   38   C  CZ  . ARG A 1 5   ? 1.014   21.445  13.673  1.00 37.19 ? 10  ARG A CZ  1 
ATOM   39   N  NH1 . ARG A 1 5   ? -0.202  21.951  13.554  1.00 37.76 ? 10  ARG A NH1 1 
ATOM   40   N  NH2 . ARG A 1 5   ? 1.640   20.997  12.591  1.00 35.89 ? 10  ARG A NH2 1 
ATOM   41   N  N   . GLN A 1 6   ? 2.224   19.584  20.037  1.00 38.40 ? 11  GLN A N   1 
ATOM   42   C  CA  . GLN A 1 6   ? 3.509   19.753  20.698  1.00 31.35 ? 11  GLN A CA  1 
ATOM   43   C  C   . GLN A 1 6   ? 4.557   18.968  19.929  1.00 35.81 ? 11  GLN A C   1 
ATOM   44   O  O   . GLN A 1 6   ? 4.394   17.763  19.718  1.00 37.42 ? 11  GLN A O   1 
ATOM   45   C  CB  . GLN A 1 6   ? 3.456   19.275  22.152  1.00 31.85 ? 11  GLN A CB  1 
ATOM   46   C  CG  . GLN A 1 6   ? 4.670   19.666  22.969  1.00 32.61 ? 11  GLN A CG  1 
ATOM   47   C  CD  . GLN A 1 6   ? 4.610   19.140  24.382  1.00 34.64 ? 11  GLN A CD  1 
ATOM   48   O  OE1 . GLN A 1 6   ? 3.726   18.359  24.727  1.00 36.83 ? 11  GLN A OE1 1 
ATOM   49   N  NE2 . GLN A 1 6   ? 5.546   19.574  25.214  1.00 33.72 ? 11  GLN A NE2 1 
ATOM   50   N  N   . ASN A 1 7   ? 5.631   19.649  19.521  1.00 29.99 ? 12  ASN A N   1 
ATOM   51   C  CA  . ASN A 1 7   ? 6.717   19.031  18.760  1.00 28.28 ? 12  ASN A CA  1 
ATOM   52   C  C   . ASN A 1 7   ? 6.192   18.353  17.498  1.00 34.21 ? 12  ASN A C   1 
ATOM   53   O  O   . ASN A 1 7   ? 6.476   17.184  17.233  1.00 34.68 ? 12  ASN A O   1 
ATOM   54   C  CB  . ASN A 1 7   ? 7.498   18.037  19.623  1.00 33.24 ? 12  ASN A CB  1 
ATOM   55   C  CG  . ASN A 1 7   ? 8.847   17.681  19.031  1.00 34.14 ? 12  ASN A CG  1 
ATOM   56   O  OD1 . ASN A 1 7   ? 9.469   18.487  18.344  1.00 37.13 ? 12  ASN A OD1 1 
ATOM   57   N  ND2 . ASN A 1 7   ? 9.298   16.462  19.286  1.00 28.84 ? 12  ASN A ND2 1 
ATOM   58   N  N   . TYR A 1 8   ? 5.417   19.092  16.709  1.00 36.73 ? 13  TYR A N   1 
ATOM   59   C  CA  . TYR A 1 8   ? 4.828   18.579  15.481  1.00 29.00 ? 13  TYR A CA  1 
ATOM   60   C  C   . TYR A 1 8   ? 5.034   19.601  14.376  1.00 31.62 ? 13  TYR A C   1 
ATOM   61   O  O   . TYR A 1 8   ? 4.426   20.677  14.398  1.00 34.46 ? 13  TYR A O   1 
ATOM   62   C  CB  . TYR A 1 8   ? 3.340   18.280  15.671  1.00 25.59 ? 13  TYR A CB  1 
ATOM   63   C  CG  . TYR A 1 8   ? 2.754   17.351  14.634  1.00 24.45 ? 13  TYR A CG  1 
ATOM   64   C  CD1 . TYR A 1 8   ? 3.355   16.136  14.345  1.00 30.92 ? 13  TYR A CD1 1 
ATOM   65   C  CD2 . TYR A 1 8   ? 1.595   17.686  13.949  1.00 28.24 ? 13  TYR A CD2 1 
ATOM   66   C  CE1 . TYR A 1 8   ? 2.821   15.281  13.402  1.00 32.34 ? 13  TYR A CE1 1 
ATOM   67   C  CE2 . TYR A 1 8   ? 1.056   16.839  13.003  1.00 28.26 ? 13  TYR A CE2 1 
ATOM   68   C  CZ  . TYR A 1 8   ? 1.671   15.639  12.735  1.00 32.97 ? 13  TYR A CZ  1 
ATOM   69   O  OH  . TYR A 1 8   ? 1.134   14.793  11.794  1.00 36.39 ? 13  TYR A OH  1 
ATOM   70   N  N   . HIS A 1 9   ? 5.890   19.266  13.419  1.00 38.03 ? 14  HIS A N   1 
ATOM   71   C  CA  . HIS A 1 9   ? 6.260   20.157  12.332  1.00 35.37 ? 14  HIS A CA  1 
ATOM   72   C  C   . HIS A 1 9   ? 5.196   20.152  11.244  1.00 39.33 ? 14  HIS A C   1 
ATOM   73   O  O   . HIS A 1 9   ? 4.445   19.187  11.088  1.00 45.02 ? 14  HIS A O   1 
ATOM   74   C  CB  . HIS A 1 9   ? 7.611   19.746  11.740  1.00 32.11 ? 14  HIS A CB  1 
ATOM   75   C  CG  . HIS A 1 9   ? 8.399   20.886  11.177  1.00 36.57 ? 14  HIS A CG  1 
ATOM   76   N  ND1 . HIS A 1 9   ? 8.434   21.173  9.830   1.00 43.81 ? 14  HIS A ND1 1 
ATOM   77   C  CD2 . HIS A 1 9   ? 9.187   21.808  11.778  1.00 42.54 ? 14  HIS A CD2 1 
ATOM   78   C  CE1 . HIS A 1 9   ? 9.208   22.224  9.625   1.00 42.07 ? 14  HIS A CE1 1 
ATOM   79   N  NE2 . HIS A 1 9   ? 9.678   22.628  10.792  1.00 45.81 ? 14  HIS A NE2 1 
ATOM   80   N  N   . GLN A 1 10  ? 5.132   21.256  10.493  1.00 43.05 ? 15  GLN A N   1 
ATOM   81   C  CA  . GLN A 1 10  ? 4.251   21.311  9.332   1.00 40.54 ? 15  GLN A CA  1 
ATOM   82   C  C   . GLN A 1 10  ? 4.684   20.319  8.262   1.00 45.81 ? 15  GLN A C   1 
ATOM   83   O  O   . GLN A 1 10  ? 3.844   19.732  7.571   1.00 44.61 ? 15  GLN A O   1 
ATOM   84   C  CB  . GLN A 1 10  ? 4.217   22.725  8.760   1.00 39.92 ? 15  GLN A CB  1 
ATOM   85   C  CG  . GLN A 1 10  ? 3.359   23.696  9.543   1.00 48.30 ? 15  GLN A CG  1 
ATOM   86   C  CD  . GLN A 1 10  ? 3.258   25.046  8.866   1.00 52.19 ? 15  GLN A CD  1 
ATOM   87   O  OE1 . GLN A 1 10  ? 2.535   25.931  9.323   1.00 52.48 ? 15  GLN A OE1 1 
ATOM   88   N  NE2 . GLN A 1 10  ? 3.988   25.212  7.770   1.00 47.76 ? 15  GLN A NE2 1 
ATOM   89   N  N   . ASP A 1 11  ? 5.996   20.136  8.094   1.00 39.32 ? 16  ASP A N   1 
ATOM   90   C  CA  . ASP A 1 11  ? 6.494   19.183  7.108   1.00 32.18 ? 16  ASP A CA  1 
ATOM   91   C  C   . ASP A 1 11  ? 6.108   17.757  7.476   1.00 31.39 ? 16  ASP A C   1 
ATOM   92   O  O   . ASP A 1 11  ? 5.782   16.949  6.599   1.00 41.94 ? 16  ASP A O   1 
ATOM   93   C  CB  . ASP A 1 11  ? 8.009   19.316  6.971   1.00 36.46 ? 16  ASP A CB  1 
ATOM   94   C  CG  . ASP A 1 11  ? 8.413   20.545  6.186   1.00 42.64 ? 16  ASP A CG  1 
ATOM   95   O  OD1 . ASP A 1 11  ? 7.515   21.242  5.672   1.00 43.05 ? 16  ASP A OD1 1 
ATOM   96   O  OD2 . ASP A 1 11  ? 9.627   20.811  6.076   1.00 42.27 ? 16  ASP A OD2 1 
ATOM   97   N  N   . SER A 1 12  ? 6.153   17.423  8.765   1.00 29.10 ? 17  SER A N   1 
ATOM   98   C  CA  . SER A 1 12  ? 5.682   16.113  9.201   1.00 29.23 ? 17  SER A CA  1 
ATOM   99   C  C   . SER A 1 12  ? 4.174   15.989  9.033   1.00 28.82 ? 17  SER A C   1 
ATOM   100  O  O   . SER A 1 12  ? 3.666   14.914  8.700   1.00 36.73 ? 17  SER A O   1 
ATOM   101  C  CB  . SER A 1 12  ? 6.082   15.869  10.654  1.00 32.11 ? 17  SER A CB  1 
ATOM   102  O  OG  . SER A 1 12  ? 7.490   15.823  10.794  1.00 42.51 ? 17  SER A OG  1 
ATOM   103  N  N   . GLU A 1 13  ? 3.443   17.080  9.272   1.00 31.60 ? 18  GLU A N   1 
ATOM   104  C  CA  . GLU A 1 13  ? 1.997   17.068  9.079   1.00 33.31 ? 18  GLU A CA  1 
ATOM   105  C  C   . GLU A 1 13  ? 1.634   16.867  7.615   1.00 36.73 ? 18  GLU A C   1 
ATOM   106  O  O   . GLU A 1 13  ? 0.721   16.098  7.292   1.00 35.20 ? 18  GLU A O   1 
ATOM   107  C  CB  . GLU A 1 13  ? 1.395   18.369  9.606   1.00 30.98 ? 18  GLU A CB  1 
ATOM   108  C  CG  . GLU A 1 13  ? -0.008  18.647  9.113   1.00 35.98 ? 18  GLU A CG  1 
ATOM   109  C  CD  . GLU A 1 13  ? -0.702  19.716  9.923   1.00 38.98 ? 18  GLU A CD  1 
ATOM   110  O  OE1 . GLU A 1 13  ? -0.014  20.647  10.390  1.00 39.88 ? 18  GLU A OE1 1 
ATOM   111  O  OE2 . GLU A 1 13  ? -1.935  19.632  10.088  1.00 40.52 ? 18  GLU A OE2 1 
ATOM   112  N  N   . ALA A 1 14  ? 2.342   17.547  6.711   1.00 38.29 ? 19  ALA A N   1 
ATOM   113  C  CA  . ALA A 1 14  ? 2.035   17.430  5.289   1.00 34.24 ? 19  ALA A CA  1 
ATOM   114  C  C   . ALA A 1 14  ? 2.463   16.076  4.738   1.00 37.97 ? 19  ALA A C   1 
ATOM   115  O  O   . ALA A 1 14  ? 1.848   15.559  3.799   1.00 40.14 ? 19  ALA A O   1 
ATOM   116  C  CB  . ALA A 1 14  ? 2.706   18.562  4.515   1.00 32.34 ? 19  ALA A CB  1 
ATOM   117  N  N   . ALA A 1 15  ? 3.520   15.489  5.305   1.00 33.23 ? 20  ALA A N   1 
ATOM   118  C  CA  . ALA A 1 15  ? 3.980   14.188  4.834   1.00 24.19 ? 20  ALA A CA  1 
ATOM   119  C  C   . ALA A 1 15  ? 3.018   13.079  5.240   1.00 25.24 ? 20  ALA A C   1 
ATOM   120  O  O   . ALA A 1 15  ? 2.927   12.050  4.563   1.00 31.12 ? 20  ALA A O   1 
ATOM   121  C  CB  . ALA A 1 15  ? 5.385   13.906  5.362   1.00 28.71 ? 20  ALA A CB  1 
ATOM   122  N  N   . ILE A 1 16  ? 2.305   13.261  6.353   1.00 19.64 ? 21  ILE A N   1 
ATOM   123  C  CA  . ILE A 1 16  ? 1.298   12.281  6.753   1.00 21.72 ? 21  ILE A CA  1 
ATOM   124  C  C   . ILE A 1 16  ? 0.106   12.328  5.806   1.00 29.76 ? 21  ILE A C   1 
ATOM   125  O  O   . ILE A 1 16  ? -0.448  11.289  5.430   1.00 34.50 ? 21  ILE A O   1 
ATOM   126  C  CB  . ILE A 1 16  ? 0.874   12.509  8.214   1.00 29.33 ? 21  ILE A CB  1 
ATOM   127  C  CG1 . ILE A 1 16  ? 2.022   12.168  9.161   1.00 30.20 ? 21  ILE A CG1 1 
ATOM   128  C  CG2 . ILE A 1 16  ? -0.339  11.662  8.559   1.00 30.06 ? 21  ILE A CG2 1 
ATOM   129  C  CD1 . ILE A 1 16  ? 2.396   10.712  9.151   1.00 33.39 ? 21  ILE A CD1 1 
ATOM   130  N  N   . ASN A 1 17  ? -0.304  13.533  5.400   1.00 29.76 ? 22  ASN A N   1 
ATOM   131  C  CA  . ASN A 1 17  ? -1.407  13.663  4.452   1.00 27.97 ? 22  ASN A CA  1 
ATOM   132  C  C   . ASN A 1 17  ? -1.076  12.998  3.123   1.00 32.52 ? 22  ASN A C   1 
ATOM   133  O  O   . ASN A 1 17  ? -1.942  12.373  2.500   1.00 31.32 ? 22  ASN A O   1 
ATOM   134  C  CB  . ASN A 1 17  ? -1.749  15.137  4.236   1.00 30.86 ? 22  ASN A CB  1 
ATOM   135  C  CG  . ASN A 1 17  ? -2.432  15.759  5.433   1.00 27.86 ? 22  ASN A CG  1 
ATOM   136  O  OD1 . ASN A 1 17  ? -3.196  15.101  6.136   1.00 24.54 ? 22  ASN A OD1 1 
ATOM   137  N  ND2 . ASN A 1 17  ? -2.165  17.035  5.667   1.00 31.83 ? 22  ASN A ND2 1 
ATOM   138  N  N   . ARG A 1 18  ? 0.170   13.135  2.666   1.00 36.80 ? 23  ARG A N   1 
ATOM   139  C  CA  . ARG A 1 18  ? 0.586   12.467  1.439   1.00 26.88 ? 23  ARG A CA  1 
ATOM   140  C  C   . ARG A 1 18  ? 0.554   10.954  1.597   1.00 30.33 ? 23  ARG A C   1 
ATOM   141  O  O   . ARG A 1 18  ? 0.185   10.232  0.664   1.00 39.50 ? 23  ARG A O   1 
ATOM   142  C  CB  . ARG A 1 18  ? 1.984   12.930  1.038   1.00 30.46 ? 23  ARG A CB  1 
ATOM   143  C  CG  . ARG A 1 18  ? 2.259   12.832  -0.444  1.00 34.71 ? 23  ARG A CG  1 
ATOM   144  C  CD  . ARG A 1 18  ? 3.443   13.688  -0.835  1.00 41.87 ? 23  ARG A CD  1 
ATOM   145  N  NE  . ARG A 1 18  ? 4.634   13.343  -0.070  1.00 45.94 ? 23  ARG A NE  1 
ATOM   146  C  CZ  . ARG A 1 18  ? 5.806   13.945  -0.204  1.00 45.17 ? 23  ARG A CZ  1 
ATOM   147  N  NH1 . ARG A 1 18  ? 5.981   14.930  -1.068  1.00 44.67 ? 23  ARG A NH1 1 
ATOM   148  N  NH2 . ARG A 1 18  ? 6.828   13.549  0.550   1.00 39.69 ? 23  ARG A NH2 1 
ATOM   149  N  N   . GLN A 1 19  ? 0.942   10.454  2.771   1.00 28.74 ? 24  GLN A N   1 
ATOM   150  C  CA  . GLN A 1 19  ? 0.931   9.015   3.001   1.00 20.79 ? 24  GLN A CA  1 
ATOM   151  C  C   . GLN A 1 19  ? -0.491  8.470   3.046   1.00 25.66 ? 24  GLN A C   1 
ATOM   152  O  O   . GLN A 1 19  ? -0.736  7.329   2.643   1.00 36.53 ? 24  GLN A O   1 
ATOM   153  C  CB  . GLN A 1 19  ? 1.673   8.685   4.295   1.00 26.34 ? 24  GLN A CB  1 
ATOM   154  C  CG  . GLN A 1 19  ? 2.122   7.239   4.408   1.00 28.94 ? 24  GLN A CG  1 
ATOM   155  C  CD  . GLN A 1 19  ? 3.069   6.830   3.301   1.00 34.12 ? 24  GLN A CD  1 
ATOM   156  O  OE1 . GLN A 1 19  ? 4.012   7.548   2.980   1.00 34.27 ? 24  GLN A OE1 1 
ATOM   157  N  NE2 . GLN A 1 19  ? 2.824   5.664   2.717   1.00 25.90 ? 24  GLN A NE2 1 
ATOM   158  N  N   . ILE A 1 20  ? -1.443  9.269   3.533   1.00 30.91 ? 25  ILE A N   1 
ATOM   159  C  CA  . ILE A 1 20  ? -2.831  8.815   3.595   1.00 25.85 ? 25  ILE A CA  1 
ATOM   160  C  C   . ILE A 1 20  ? -3.368  8.555   2.195   1.00 30.72 ? 25  ILE A C   1 
ATOM   161  O  O   . ILE A 1 20  ? -4.078  7.570   1.959   1.00 40.28 ? 25  ILE A O   1 
ATOM   162  C  CB  . ILE A 1 20  ? -3.698  9.833   4.358   1.00 27.73 ? 25  ILE A CB  1 
ATOM   163  C  CG1 . ILE A 1 20  ? -3.280  9.898   5.826   1.00 28.65 ? 25  ILE A CG1 1 
ATOM   164  C  CG2 . ILE A 1 20  ? -5.167  9.472   4.252   1.00 29.10 ? 25  ILE A CG2 1 
ATOM   165  C  CD1 . ILE A 1 20  ? -3.757  11.140  6.537   1.00 26.62 ? 25  ILE A CD1 1 
ATOM   166  N  N   . ASN A 1 21  ? -3.039  9.429   1.242   1.00 27.26 ? 26  ASN A N   1 
ATOM   167  C  CA  . ASN A 1 21  ? -3.439  9.194   -0.139  1.00 20.23 ? 26  ASN A CA  1 
ATOM   168  C  C   . ASN A 1 21  ? -2.751  7.961   -0.711  1.00 27.50 ? 26  ASN A C   1 
ATOM   169  O  O   . ASN A 1 21  ? -3.328  7.245   -1.536  1.00 39.80 ? 26  ASN A O   1 
ATOM   170  C  CB  . ASN A 1 21  ? -3.133  10.421  -0.995  1.00 28.01 ? 26  ASN A CB  1 
ATOM   171  C  CG  . ASN A 1 21  ? -4.106  10.586  -2.143  1.00 31.64 ? 26  ASN A CG  1 
ATOM   172  O  OD1 . ASN A 1 21  ? -5.167  9.969   -2.160  1.00 39.77 ? 26  ASN A OD1 1 
ATOM   173  N  ND2 . ASN A 1 21  ? -3.746  11.414  -3.112  1.00 25.49 ? 26  ASN A ND2 1 
ATOM   174  N  N   . LEU A 1 22  ? -1.518  7.690   -0.276  1.00 31.14 ? 27  LEU A N   1 
ATOM   175  C  CA  . LEU A 1 22  ? -0.773  6.559   -0.819  1.00 22.09 ? 27  LEU A CA  1 
ATOM   176  C  C   . LEU A 1 22  ? -1.355  5.231   -0.351  1.00 21.22 ? 27  LEU A C   1 
ATOM   177  O  O   . LEU A 1 22  ? -1.338  4.244   -1.094  1.00 33.10 ? 27  LEU A O   1 
ATOM   178  C  CB  . LEU A 1 22  ? 0.700   6.669   -0.433  1.00 34.62 ? 27  LEU A CB  1 
ATOM   179  C  CG  . LEU A 1 22  ? 1.637   7.155   -1.539  1.00 37.11 ? 27  LEU A CG  1 
ATOM   180  C  CD1 . LEU A 1 22  ? 1.200   8.512   -2.045  1.00 34.58 ? 27  LEU A CD1 1 
ATOM   181  C  CD2 . LEU A 1 22  ? 3.069   7.212   -1.050  1.00 36.97 ? 27  LEU A CD2 1 
ATOM   182  N  N   . GLU A 1 23  ? -1.861  5.177   0.884   1.00 19.60 ? 28  GLU A N   1 
ATOM   183  C  CA  . GLU A 1 23  ? -2.546  3.968   1.330   1.00 24.75 ? 28  GLU A CA  1 
ATOM   184  C  C   . GLU A 1 23  ? -3.945  3.865   0.740   1.00 26.18 ? 28  GLU A C   1 
ATOM   185  O  O   . GLU A 1 23  ? -4.406  2.760   0.437   1.00 35.84 ? 28  GLU A O   1 
ATOM   186  C  CB  . GLU A 1 23  ? -2.614  3.915   2.857   1.00 29.30 ? 28  GLU A CB  1 
ATOM   187  C  CG  . GLU A 1 23  ? -1.393  4.461   3.568   1.00 34.52 ? 28  GLU A CG  1 
ATOM   188  C  CD  . GLU A 1 23  ? -0.269  3.451   3.662   1.00 39.23 ? 28  GLU A CD  1 
ATOM   189  O  OE1 . GLU A 1 23  ? -0.560  2.239   3.731   1.00 42.68 ? 28  GLU A OE1 1 
ATOM   190  O  OE2 . GLU A 1 23  ? 0.908   3.869   3.667   1.00 36.45 ? 28  GLU A OE2 1 
ATOM   191  N  N   . LEU A 1 24  ? -4.636  4.994   0.577   1.00 28.58 ? 29  LEU A N   1 
ATOM   192  C  CA  . LEU A 1 24  ? -5.948  4.966   -0.063  1.00 28.43 ? 29  LEU A CA  1 
ATOM   193  C  C   . LEU A 1 24  ? -5.833  4.581   -1.531  1.00 25.79 ? 29  LEU A C   1 
ATOM   194  O  O   . LEU A 1 24  ? -6.688  3.862   -2.059  1.00 28.19 ? 29  LEU A O   1 
ATOM   195  C  CB  . LEU A 1 24  ? -6.636  6.323   0.086   1.00 28.86 ? 29  LEU A CB  1 
ATOM   196  C  CG  . LEU A 1 24  ? -7.262  6.614   1.451   1.00 23.61 ? 29  LEU A CG  1 
ATOM   197  C  CD1 . LEU A 1 24  ? -7.785  8.037   1.503   1.00 23.42 ? 29  LEU A CD1 1 
ATOM   198  C  CD2 . LEU A 1 24  ? -8.362  5.621   1.767   1.00 24.93 ? 29  LEU A CD2 1 
ATOM   199  N  N   . TYR A 1 25  ? -4.788  5.062   -2.208  1.00 25.44 ? 30  TYR A N   1 
ATOM   200  C  CA  . TYR A 1 25  ? -4.531  4.640   -3.581  1.00 22.90 ? 30  TYR A CA  1 
ATOM   201  C  C   . TYR A 1 25  ? -4.203  3.154   -3.651  1.00 25.38 ? 30  TYR A C   1 
ATOM   202  O  O   . TYR A 1 25  ? -4.622  2.461   -4.583  1.00 25.51 ? 30  TYR A O   1 
ATOM   203  C  CB  . TYR A 1 25  ? -3.392  5.464   -4.176  1.00 27.98 ? 30  TYR A CB  1 
ATOM   204  C  CG  . TYR A 1 25  ? -2.973  5.019   -5.555  1.00 32.75 ? 30  TYR A CG  1 
ATOM   205  C  CD1 . TYR A 1 25  ? -1.739  4.423   -5.766  1.00 33.24 ? 30  TYR A CD1 1 
ATOM   206  C  CD2 . TYR A 1 25  ? -3.809  5.196   -6.648  1.00 31.52 ? 30  TYR A CD2 1 
ATOM   207  C  CE1 . TYR A 1 25  ? -1.353  4.013   -7.020  1.00 34.54 ? 30  TYR A CE1 1 
ATOM   208  C  CE2 . TYR A 1 25  ? -3.429  4.791   -7.906  1.00 32.05 ? 30  TYR A CE2 1 
ATOM   209  C  CZ  . TYR A 1 25  ? -2.199  4.200   -8.087  1.00 36.15 ? 30  TYR A CZ  1 
ATOM   210  O  OH  . TYR A 1 25  ? -1.813  3.793   -9.341  1.00 38.73 ? 30  TYR A OH  1 
ATOM   211  N  N   . ALA A 1 26  ? -3.442  2.651   -2.676  1.00 34.23 ? 31  ALA A N   1 
ATOM   212  C  CA  . ALA A 1 26  ? -3.037  1.250   -2.696  1.00 28.77 ? 31  ALA A CA  1 
ATOM   213  C  C   . ALA A 1 26  ? -4.233  0.321   -2.537  1.00 30.00 ? 31  ALA A C   1 
ATOM   214  O  O   . ALA A 1 26  ? -4.285  -0.745  -3.160  1.00 37.08 ? 31  ALA A O   1 
ATOM   215  C  CB  . ALA A 1 26  ? -2.004  0.987   -1.601  1.00 23.61 ? 31  ALA A CB  1 
ATOM   216  N  N   . SER A 1 27  ? -5.203  0.702   -1.702  1.00 21.34 ? 32  SER A N   1 
ATOM   217  C  CA  . SER A 1 27  ? -6.388  -0.131  -1.527  1.00 24.81 ? 32  SER A CA  1 
ATOM   218  C  C   . SER A 1 27  ? -7.273  -0.093  -2.765  1.00 25.28 ? 32  SER A C   1 
ATOM   219  O  O   . SER A 1 27  ? -8.034  -1.031  -3.022  1.00 27.63 ? 32  SER A O   1 
ATOM   220  C  CB  . SER A 1 27  ? -7.169  0.319   -0.294  1.00 23.45 ? 32  SER A CB  1 
ATOM   221  O  OG  . SER A 1 27  ? -7.626  1.649   -0.435  1.00 28.47 ? 32  SER A OG  1 
ATOM   222  N  N   . TYR A 1 28  ? -7.189  0.989   -3.543  1.00 24.78 ? 33  TYR A N   1 
ATOM   223  C  CA  . TYR A 1 28  ? -7.937  1.073   -4.792  1.00 18.56 ? 33  TYR A CA  1 
ATOM   224  C  C   . TYR A 1 28  ? -7.368  0.121   -5.837  1.00 28.07 ? 33  TYR A C   1 
ATOM   225  O  O   . TYR A 1 28  ? -8.116  -0.465  -6.627  1.00 30.77 ? 33  TYR A O   1 
ATOM   226  C  CB  . TYR A 1 28  ? -7.916  2.511   -5.309  1.00 23.65 ? 33  TYR A CB  1 
ATOM   227  C  CG  . TYR A 1 28  ? -9.067  2.881   -6.215  1.00 27.33 ? 33  TYR A CG  1 
ATOM   228  C  CD1 . TYR A 1 28  ? -10.236 2.135   -6.233  1.00 22.69 ? 33  TYR A CD1 1 
ATOM   229  C  CD2 . TYR A 1 28  ? -8.978  3.979   -7.058  1.00 23.27 ? 33  TYR A CD2 1 
ATOM   230  C  CE1 . TYR A 1 28  ? -11.283 2.475   -7.062  1.00 23.34 ? 33  TYR A CE1 1 
ATOM   231  C  CE2 . TYR A 1 28  ? -10.021 4.327   -7.888  1.00 18.93 ? 33  TYR A CE2 1 
ATOM   232  C  CZ  . TYR A 1 28  ? -11.170 3.571   -7.887  1.00 26.96 ? 33  TYR A CZ  1 
ATOM   233  O  OH  . TYR A 1 28  ? -12.210 3.919   -8.717  1.00 30.76 ? 33  TYR A OH  1 
ATOM   234  N  N   . VAL A 1 29  ? -6.044  -0.043  -5.858  1.00 30.56 ? 34  VAL A N   1 
ATOM   235  C  CA  . VAL A 1 29  ? -5.421  -0.972  -6.794  1.00 18.56 ? 34  VAL A CA  1 
ATOM   236  C  C   . VAL A 1 29  ? -5.737  -2.408  -6.400  1.00 16.13 ? 34  VAL A C   1 
ATOM   237  O  O   . VAL A 1 29  ? -5.982  -3.265  -7.256  1.00 33.34 ? 34  VAL A O   1 
ATOM   238  C  CB  . VAL A 1 29  ? -3.903  -0.730  -6.868  1.00 21.17 ? 34  VAL A CB  1 
ATOM   239  C  CG1 . VAL A 1 29  ? -3.289  -1.559  -7.977  1.00 25.79 ? 34  VAL A CG1 1 
ATOM   240  C  CG2 . VAL A 1 29  ? -3.614  0.739   -7.096  1.00 24.21 ? 34  VAL A CG2 1 
ATOM   241  N  N   . TYR A 1 30  ? -5.732  -2.692  -5.098  1.00 19.45 ? 35  TYR A N   1 
ATOM   242  C  CA  . TYR A 1 30  ? -6.080  -4.029  -4.632  1.00 18.21 ? 35  TYR A CA  1 
ATOM   243  C  C   . TYR A 1 30  ? -7.556  -4.329  -4.847  1.00 21.80 ? 35  TYR A C   1 
ATOM   244  O  O   . TYR A 1 30  ? -7.933  -5.494  -5.006  1.00 30.90 ? 35  TYR A O   1 
ATOM   245  C  CB  . TYR A 1 30  ? -5.717  -4.179  -3.158  1.00 23.10 ? 35  TYR A CB  1 
ATOM   246  C  CG  . TYR A 1 30  ? -4.245  -4.373  -2.910  1.00 25.86 ? 35  TYR A CG  1 
ATOM   247  C  CD1 . TYR A 1 30  ? -3.500  -5.238  -3.698  1.00 27.56 ? 35  TYR A CD1 1 
ATOM   248  C  CD2 . TYR A 1 30  ? -3.596  -3.693  -1.892  1.00 24.73 ? 35  TYR A CD2 1 
ATOM   249  C  CE1 . TYR A 1 30  ? -2.154  -5.420  -3.476  1.00 27.56 ? 35  TYR A CE1 1 
ATOM   250  C  CE2 . TYR A 1 30  ? -2.249  -3.870  -1.663  1.00 28.51 ? 35  TYR A CE2 1 
ATOM   251  C  CZ  . TYR A 1 30  ? -1.533  -4.734  -2.457  1.00 33.29 ? 35  TYR A CZ  1 
ATOM   252  O  OH  . TYR A 1 30  ? -0.191  -4.915  -2.235  1.00 41.34 ? 35  TYR A OH  1 
ATOM   253  N  N   . LEU A 1 31  ? -8.405  -3.301  -4.842  1.00 23.87 ? 36  LEU A N   1 
ATOM   254  C  CA  . LEU A 1 31  ? -9.814  -3.503  -5.163  1.00 19.08 ? 36  LEU A CA  1 
ATOM   255  C  C   . LEU A 1 31  ? -9.996  -3.844  -6.635  1.00 24.87 ? 36  LEU A C   1 
ATOM   256  O  O   . LEU A 1 31  ? -10.850 -4.662  -6.989  1.00 32.97 ? 36  LEU A O   1 
ATOM   257  C  CB  . LEU A 1 31  ? -10.621 -2.257  -4.799  1.00 24.29 ? 36  LEU A CB  1 
ATOM   258  C  CG  . LEU A 1 31  ? -12.140 -2.350  -4.968  1.00 24.35 ? 36  LEU A CG  1 
ATOM   259  C  CD1 . LEU A 1 31  ? -12.753 -3.278  -3.938  1.00 23.99 ? 36  LEU A CD1 1 
ATOM   260  C  CD2 . LEU A 1 31  ? -12.771 -0.973  -4.898  1.00 22.39 ? 36  LEU A CD2 1 
ATOM   261  N  N   . SER A 1 32  ? -9.199  -3.227  -7.507  1.00 23.93 ? 37  SER A N   1 
ATOM   262  C  CA  . SER A 1 32  ? -9.289  -3.536  -8.928  1.00 18.20 ? 37  SER A CA  1 
ATOM   263  C  C   . SER A 1 32  ? -8.638  -4.875  -9.240  1.00 24.14 ? 37  SER A C   1 
ATOM   264  O  O   . SER A 1 32  ? -8.954  -5.506  -10.254 1.00 37.50 ? 37  SER A O   1 
ATOM   265  C  CB  . SER A 1 32  ? -8.641  -2.420  -9.746  1.00 23.51 ? 37  SER A CB  1 
ATOM   266  O  OG  . SER A 1 32  ? -8.507  -2.798  -11.102 1.00 37.54 ? 37  SER A OG  1 
ATOM   267  N  N   . MET A 1 33  ? -7.728  -5.328  -8.378  1.00 26.48 ? 38  MET A N   1 
ATOM   268  C  CA  . MET A 1 33  ? -7.113  -6.637  -8.567  1.00 20.25 ? 38  MET A CA  1 
ATOM   269  C  C   . MET A 1 33  ? -8.078  -7.749  -8.184  1.00 28.41 ? 38  MET A C   1 
ATOM   270  O  O   . MET A 1 33  ? -8.177  -8.768  -8.876  1.00 35.31 ? 38  MET A O   1 
ATOM   271  C  CB  . MET A 1 33  ? -5.834  -6.741  -7.739  1.00 20.22 ? 38  MET A CB  1 
ATOM   272  C  CG  . MET A 1 33  ? -4.550  -6.728  -8.538  1.00 20.99 ? 38  MET A CG  1 
ATOM   273  S  SD  . MET A 1 33  ? -3.122  -6.456  -7.474  1.00 35.84 ? 38  MET A SD  1 
ATOM   274  C  CE  . MET A 1 33  ? -2.060  -5.518  -8.560  1.00 28.80 ? 38  MET A CE  1 
ATOM   275  N  N   . SER A 1 34  ? -8.798  -7.568  -7.077  1.00 24.15 ? 39  SER A N   1 
ATOM   276  C  CA  . SER A 1 34  ? -9.665  -8.619  -6.561  1.00 22.25 ? 39  SER A CA  1 
ATOM   277  C  C   . SER A 1 34  ? -10.783 -8.948  -7.542  1.00 26.37 ? 39  SER A C   1 
ATOM   278  O  O   . SER A 1 34  ? -11.086 -10.118 -7.790  1.00 32.91 ? 39  SER A O   1 
ATOM   279  C  CB  . SER A 1 34  ? -10.243 -8.198  -5.210  1.00 21.98 ? 39  SER A CB  1 
ATOM   280  O  OG  . SER A 1 34  ? -11.316 -9.041  -4.838  1.00 26.89 ? 39  SER A OG  1 
ATOM   281  N  N   . TYR A 1 35  ? -11.405 -7.920  -8.118  1.00 26.90 ? 40  TYR A N   1 
ATOM   282  C  CA  . TYR A 1 35  ? -12.554 -8.163  -8.979  1.00 21.05 ? 40  TYR A CA  1 
ATOM   283  C  C   . TYR A 1 35  ? -12.153 -8.461  -10.414 1.00 26.14 ? 40  TYR A C   1 
ATOM   284  O  O   . TYR A 1 35  ? -13.025 -8.737  -11.242 1.00 33.47 ? 40  TYR A O   1 
ATOM   285  C  CB  . TYR A 1 35  ? -13.513 -6.977  -8.912  1.00 22.56 ? 40  TYR A CB  1 
ATOM   286  C  CG  . TYR A 1 35  ? -14.363 -7.016  -7.666  1.00 27.52 ? 40  TYR A CG  1 
ATOM   287  C  CD1 . TYR A 1 35  ? -15.461 -7.858  -7.581  1.00 24.29 ? 40  TYR A CD1 1 
ATOM   288  C  CD2 . TYR A 1 35  ? -14.048 -6.238  -6.562  1.00 28.68 ? 40  TYR A CD2 1 
ATOM   289  C  CE1 . TYR A 1 35  ? -16.231 -7.912  -6.443  1.00 27.34 ? 40  TYR A CE1 1 
ATOM   290  C  CE2 . TYR A 1 35  ? -14.813 -6.286  -5.419  1.00 27.03 ? 40  TYR A CE2 1 
ATOM   291  C  CZ  . TYR A 1 35  ? -15.904 -7.125  -5.365  1.00 30.51 ? 40  TYR A CZ  1 
ATOM   292  O  OH  . TYR A 1 35  ? -16.674 -7.175  -4.228  1.00 34.12 ? 40  TYR A OH  1 
ATOM   293  N  N   . TYR A 1 36  ? -10.858 -8.414  -10.730 1.00 29.47 ? 41  TYR A N   1 
ATOM   294  C  CA  . TYR A 1 36  ? -10.401 -8.961  -12.001 1.00 27.67 ? 41  TYR A CA  1 
ATOM   295  C  C   . TYR A 1 36  ? -10.399 -10.483 -11.968 1.00 26.00 ? 41  TYR A C   1 
ATOM   296  O  O   . TYR A 1 36  ? -10.711 -11.135 -12.970 1.00 30.99 ? 41  TYR A O   1 
ATOM   297  C  CB  . TYR A 1 36  ? -9.007  -8.439  -12.339 1.00 21.30 ? 41  TYR A CB  1 
ATOM   298  C  CG  . TYR A 1 36  ? -8.456  -9.040  -13.606 1.00 27.14 ? 41  TYR A CG  1 
ATOM   299  C  CD1 . TYR A 1 36  ? -8.905  -8.616  -14.846 1.00 33.00 ? 41  TYR A CD1 1 
ATOM   300  C  CD2 . TYR A 1 36  ? -7.506  -10.049 -13.562 1.00 27.38 ? 41  TYR A CD2 1 
ATOM   301  C  CE1 . TYR A 1 36  ? -8.413  -9.168  -16.007 1.00 31.93 ? 41  TYR A CE1 1 
ATOM   302  C  CE2 . TYR A 1 36  ? -7.013  -10.609 -14.718 1.00 25.11 ? 41  TYR A CE2 1 
ATOM   303  C  CZ  . TYR A 1 36  ? -7.471  -10.166 -15.937 1.00 32.30 ? 41  TYR A CZ  1 
ATOM   304  O  OH  . TYR A 1 36  ? -6.978  -10.718 -17.095 1.00 32.35 ? 41  TYR A OH  1 
ATOM   305  N  N   . PHE A 1 37  ? -10.052 -11.065 -10.820 1.00 22.39 ? 42  PHE A N   1 
ATOM   306  C  CA  . PHE A 1 37  ? -10.015 -12.518 -10.704 1.00 21.40 ? 42  PHE A CA  1 
ATOM   307  C  C   . PHE A 1 37  ? -11.396 -13.084 -10.405 1.00 25.67 ? 42  PHE A C   1 
ATOM   308  O  O   . PHE A 1 37  ? -11.573 -14.306 -10.379 1.00 32.87 ? 42  PHE A O   1 
ATOM   309  C  CB  . PHE A 1 37  ? -9.007  -12.920 -9.631  1.00 25.65 ? 42  PHE A CB  1 
ATOM   310  C  CG  . PHE A 1 37  ? -7.582  -12.661 -10.025 1.00 33.21 ? 42  PHE A CG  1 
ATOM   311  C  CD1 . PHE A 1 37  ? -6.930  -13.501 -10.908 1.00 32.07 ? 42  PHE A CD1 1 
ATOM   312  C  CD2 . PHE A 1 37  ? -6.909  -11.554 -9.542  1.00 29.74 ? 42  PHE A CD2 1 
ATOM   313  C  CE1 . PHE A 1 37  ? -5.628  -13.255 -11.284 1.00 28.14 ? 42  PHE A CE1 1 
ATOM   314  C  CE2 . PHE A 1 37  ? -5.606  -11.303 -9.917  1.00 26.44 ? 42  PHE A CE2 1 
ATOM   315  C  CZ  . PHE A 1 37  ? -4.966  -12.156 -10.789 1.00 29.70 ? 42  PHE A CZ  1 
ATOM   316  N  N   . ASP A 1 38  ? -12.379 -12.211 -10.177 1.00 32.07 ? 43  ASP A N   1 
ATOM   317  C  CA  . ASP A 1 38  ? -13.762 -12.652 -10.052 1.00 29.42 ? 43  ASP A CA  1 
ATOM   318  C  C   . ASP A 1 38  ? -14.431 -12.785 -11.415 1.00 31.44 ? 43  ASP A C   1 
ATOM   319  O  O   . ASP A 1 38  ? -15.559 -13.278 -11.507 1.00 38.63 ? 43  ASP A O   1 
ATOM   320  C  CB  . ASP A 1 38  ? -14.536 -11.677 -9.166  1.00 27.08 ? 43  ASP A CB  1 
ATOM   321  C  CG  . ASP A 1 38  ? -15.863 -12.234 -8.701  1.00 37.25 ? 43  ASP A CG  1 
ATOM   322  O  OD1 . ASP A 1 38  ? -15.909 -13.419 -8.311  1.00 40.78 ? 43  ASP A OD1 1 
ATOM   323  O  OD2 . ASP A 1 38  ? -16.862 -11.484 -8.718  1.00 33.11 ? 43  ASP A OD2 1 
ATOM   324  N  N   . ARG A 1 39  ? -13.753 -12.357 -12.478 1.00 24.05 ? 44  ARG A N   1 
ATOM   325  C  CA  . ARG A 1 39  ? -14.336 -12.391 -13.812 1.00 22.30 ? 44  ARG A CA  1 
ATOM   326  C  C   . ARG A 1 39  ? -14.541 -13.829 -14.272 1.00 33.41 ? 44  ARG A C   1 
ATOM   327  O  O   . ARG A 1 39  ? -13.829 -14.741 -13.848 1.00 42.71 ? 44  ARG A O   1 
ATOM   328  C  CB  . ARG A 1 39  ? -13.437 -11.642 -14.796 1.00 21.66 ? 44  ARG A CB  1 
ATOM   329  C  CG  . ARG A 1 39  ? -13.663 -10.146 -14.807 1.00 30.22 ? 44  ARG A CG  1 
ATOM   330  C  CD  . ARG A 1 39  ? -12.650 -9.425  -15.672 1.00 29.75 ? 44  ARG A CD  1 
ATOM   331  N  NE  . ARG A 1 39  ? -12.250 -10.209 -16.832 1.00 32.26 ? 44  ARG A NE  1 
ATOM   332  C  CZ  . ARG A 1 39  ? -11.576 -9.722  -17.864 1.00 34.82 ? 44  ARG A CZ  1 
ATOM   333  N  NH1 . ARG A 1 39  ? -11.219 -8.449  -17.917 1.00 30.09 ? 44  ARG A NH1 1 
ATOM   334  N  NH2 . ARG A 1 39  ? -11.253 -10.530 -18.869 1.00 32.50 ? 44  ARG A NH2 1 
ATOM   335  N  N   . ASP A 1 40  ? -15.533 -14.027 -15.143 1.00 34.99 ? 45  ASP A N   1 
ATOM   336  C  CA  . ASP A 1 40  ? -15.860 -15.376 -15.592 1.00 31.16 ? 45  ASP A CA  1 
ATOM   337  C  C   . ASP A 1 40  ? -14.745 -15.981 -16.431 1.00 34.93 ? 45  ASP A C   1 
ATOM   338  O  O   . ASP A 1 40  ? -14.554 -17.200 -16.419 1.00 44.38 ? 45  ASP A O   1 
ATOM   339  C  CB  . ASP A 1 40  ? -17.170 -15.368 -16.381 1.00 37.02 ? 45  ASP A CB  1 
ATOM   340  C  CG  . ASP A 1 40  ? -17.162 -14.365 -17.517 1.00 44.25 ? 45  ASP A CG  1 
ATOM   341  O  OD1 . ASP A 1 40  ? -17.522 -13.193 -17.280 1.00 47.16 ? 45  ASP A OD1 1 
ATOM   342  O  OD2 . ASP A 1 40  ? -16.802 -14.746 -18.650 1.00 37.47 ? 45  ASP A OD2 1 
ATOM   343  N  N   . ASP A 1 41  ? -14.001 -15.152 -17.168 1.00 31.32 ? 46  ASP A N   1 
ATOM   344  C  CA  . ASP A 1 41  ? -12.930 -15.675 -18.012 1.00 27.74 ? 46  ASP A CA  1 
ATOM   345  C  C   . ASP A 1 41  ? -11.630 -15.817 -17.230 1.00 29.25 ? 46  ASP A C   1 
ATOM   346  O  O   . ASP A 1 41  ? -10.628 -16.310 -17.760 1.00 39.17 ? 46  ASP A O   1 
ATOM   347  C  CB  . ASP A 1 41  ? -12.736 -14.779 -19.234 1.00 25.80 ? 46  ASP A CB  1 
ATOM   348  C  CG  . ASP A 1 41  ? -12.900 -13.312 -18.913 1.00 36.80 ? 46  ASP A CG  1 
ATOM   349  O  OD1 . ASP A 1 41  ? -12.614 -12.476 -19.794 1.00 39.61 ? 46  ASP A OD1 1 
ATOM   350  O  OD2 . ASP A 1 41  ? -13.320 -12.994 -17.783 1.00 43.33 ? 46  ASP A OD2 1 
ATOM   351  N  N   . VAL A 1 42  ? -11.621 -15.379 -15.972 1.00 24.33 ? 47  VAL A N   1 
ATOM   352  C  CA  . VAL A 1 42  ? -10.467 -15.618 -15.111 1.00 28.10 ? 47  VAL A CA  1 
ATOM   353  C  C   . VAL A 1 42  ? -10.798 -16.686 -14.075 1.00 29.31 ? 47  VAL A C   1 
ATOM   354  O  O   . VAL A 1 42  ? -10.173 -17.751 -14.036 1.00 33.88 ? 47  VAL A O   1 
ATOM   355  C  CB  . VAL A 1 42  ? -10.013 -14.307 -14.447 1.00 25.33 ? 47  VAL A CB  1 
ATOM   356  C  CG1 . VAL A 1 42  ? -8.698  -14.515 -13.730 1.00 26.12 ? 47  VAL A CG1 1 
ATOM   357  C  CG2 . VAL A 1 42  ? -9.883  -13.209 -15.487 1.00 24.62 ? 47  VAL A CG2 1 
ATOM   358  N  N   . ALA A 1 43  ? -11.784 -16.408 -13.221 1.00 26.94 ? 48  ALA A N   1 
ATOM   359  C  CA  . ALA A 1 43  ? -12.357 -17.395 -12.306 1.00 27.48 ? 48  ALA A CA  1 
ATOM   360  C  C   . ALA A 1 43  ? -11.305 -18.017 -11.390 1.00 32.25 ? 48  ALA A C   1 
ATOM   361  O  O   . ALA A 1 43  ? -11.095 -19.231 -11.385 1.00 39.48 ? 48  ALA A O   1 
ATOM   362  C  CB  . ALA A 1 43  ? -13.107 -18.478 -13.080 1.00 28.95 ? 48  ALA A CB  1 
ATOM   363  N  N   . LEU A 1 44  ? -10.646 -17.182 -10.595 1.00 27.93 ? 49  LEU A N   1 
ATOM   364  C  CA  . LEU A 1 44  ? -9.724  -17.638 -9.557  1.00 26.14 ? 49  LEU A CA  1 
ATOM   365  C  C   . LEU A 1 44  ? -10.235 -17.070 -8.235  1.00 23.47 ? 49  LEU A C   1 
ATOM   366  O  O   . LEU A 1 44  ? -9.990  -15.910 -7.906  1.00 31.63 ? 49  LEU A O   1 
ATOM   367  C  CB  . LEU A 1 44  ? -8.291  -17.206 -9.855  1.00 27.16 ? 49  LEU A CB  1 
ATOM   368  C  CG  . LEU A 1 44  ? -7.597  -17.926 -11.016 1.00 29.85 ? 49  LEU A CG  1 
ATOM   369  C  CD1 . LEU A 1 44  ? -6.390  -17.140 -11.504 1.00 25.87 ? 49  LEU A CD1 1 
ATOM   370  C  CD2 . LEU A 1 44  ? -7.200  -19.341 -10.631 1.00 21.38 ? 49  LEU A CD2 1 
ATOM   371  N  N   . LYS A 1 45  ? -10.953 -17.903 -7.479  1.00 21.60 ? 50  LYS A N   1 
ATOM   372  C  CA  . LYS A 1 45  ? -11.665 -17.417 -6.300  1.00 25.26 ? 50  LYS A CA  1 
ATOM   373  C  C   . LYS A 1 45  ? -10.710 -17.012 -5.184  1.00 33.99 ? 50  LYS A C   1 
ATOM   374  O  O   . LYS A 1 45  ? -10.920 -15.987 -4.525  1.00 35.46 ? 50  LYS A O   1 
ATOM   375  C  CB  . LYS A 1 45  ? -12.645 -18.478 -5.801  1.00 29.90 ? 50  LYS A CB  1 
ATOM   376  C  CG  . LYS A 1 45  ? -13.861 -18.678 -6.687  1.00 36.63 ? 50  LYS A CG  1 
ATOM   377  C  CD  . LYS A 1 45  ? -14.744 -17.441 -6.711  1.00 38.43 ? 50  LYS A CD  1 
ATOM   378  C  CE  . LYS A 1 45  ? -15.210 -17.116 -8.124  1.00 39.29 ? 50  LYS A CE  1 
ATOM   379  N  NZ  . LYS A 1 45  ? -14.367 -16.078 -8.775  1.00 38.51 ? 50  LYS A NZ  1 
ATOM   380  N  N   . ASN A 1 46  ? -9.661  -17.804 -4.940  1.00 33.36 ? 51  ASN A N   1 
ATOM   381  C  CA  . ASN A 1 46  ? -8.779  -17.497 -3.818  1.00 23.84 ? 51  ASN A CA  1 
ATOM   382  C  C   . ASN A 1 46  ? -7.784  -16.402 -4.173  1.00 26.02 ? 51  ASN A C   1 
ATOM   383  O  O   . ASN A 1 46  ? -7.194  -15.789 -3.277  1.00 29.72 ? 51  ASN A O   1 
ATOM   384  C  CB  . ASN A 1 46  ? -8.045  -18.755 -3.354  1.00 25.72 ? 51  ASN A CB  1 
ATOM   385  C  CG  . ASN A 1 46  ? -8.988  -19.839 -2.880  1.00 31.86 ? 51  ASN A CG  1 
ATOM   386  O  OD1 . ASN A 1 46  ? -8.861  -20.997 -3.270  1.00 29.66 ? 51  ASN A OD1 1 
ATOM   387  N  ND2 . ASN A 1 46  ? -9.948  -19.469 -2.046  1.00 32.27 ? 51  ASN A ND2 1 
ATOM   388  N  N   . PHE A 1 47  ? -7.580  -16.143 -5.466  1.00 24.12 ? 52  PHE A N   1 
ATOM   389  C  CA  . PHE A 1 47  ? -6.838  -14.954 -5.870  1.00 17.32 ? 52  PHE A CA  1 
ATOM   390  C  C   . PHE A 1 47  ? -7.657  -13.699 -5.614  1.00 25.39 ? 52  PHE A C   1 
ATOM   391  O  O   . PHE A 1 47  ? -7.122  -12.672 -5.184  1.00 37.05 ? 52  PHE A O   1 
ATOM   392  C  CB  . PHE A 1 47  ? -6.460  -15.046 -7.347  1.00 27.13 ? 52  PHE A CB  1 
ATOM   393  C  CG  . PHE A 1 47  ? -5.060  -15.525 -7.596  1.00 28.87 ? 52  PHE A CG  1 
ATOM   394  C  CD1 . PHE A 1 47  ? -4.002  -14.635 -7.615  1.00 28.64 ? 52  PHE A CD1 1 
ATOM   395  C  CD2 . PHE A 1 47  ? -4.803  -16.863 -7.832  1.00 29.96 ? 52  PHE A CD2 1 
ATOM   396  C  CE1 . PHE A 1 47  ? -2.717  -15.072 -7.854  1.00 25.77 ? 52  PHE A CE1 1 
ATOM   397  C  CE2 . PHE A 1 47  ? -3.519  -17.303 -8.072  1.00 26.30 ? 52  PHE A CE2 1 
ATOM   398  C  CZ  . PHE A 1 47  ? -2.477  -16.407 -8.083  1.00 28.56 ? 52  PHE A CZ  1 
ATOM   399  N  N   . ALA A 1 48  ? -8.962  -13.766 -5.879  1.00 25.95 ? 53  ALA A N   1 
ATOM   400  C  CA  . ALA A 1 48  ? -9.842  -12.636 -5.604  1.00 15.54 ? 53  ALA A CA  1 
ATOM   401  C  C   . ALA A 1 48  ? -9.979  -12.407 -4.105  1.00 22.58 ? 53  ALA A C   1 
ATOM   402  O  O   . ALA A 1 48  ? -10.038 -11.263 -3.642  1.00 30.64 ? 53  ALA A O   1 
ATOM   403  C  CB  . ALA A 1 48  ? -11.208 -12.875 -6.242  1.00 24.68 ? 53  ALA A CB  1 
ATOM   404  N  N   . LYS A 1 49  ? -10.040 -13.490 -3.331  1.00 28.51 ? 54  LYS A N   1 
ATOM   405  C  CA  . LYS A 1 49  ? -10.135 -13.359 -1.881  1.00 25.17 ? 54  LYS A CA  1 
ATOM   406  C  C   . LYS A 1 49  ? -8.846  -12.803 -1.294  1.00 28.91 ? 54  LYS A C   1 
ATOM   407  O  O   . LYS A 1 49  ? -8.875  -12.047 -0.316  1.00 29.25 ? 54  LYS A O   1 
ATOM   408  C  CB  . LYS A 1 49  ? -10.470 -14.715 -1.260  1.00 21.73 ? 54  LYS A CB  1 
ATOM   409  C  CG  . LYS A 1 49  ? -10.340 -14.760 0.251   1.00 31.64 ? 54  LYS A CG  1 
ATOM   410  C  CD  . LYS A 1 49  ? -10.573 -16.161 0.789   1.00 37.37 ? 54  LYS A CD  1 
ATOM   411  C  CE  . LYS A 1 49  ? -9.590  -17.146 0.184   1.00 35.56 ? 54  LYS A CE  1 
ATOM   412  N  NZ  . LYS A 1 49  ? -8.280  -17.151 0.893   1.00 35.21 ? 54  LYS A NZ  1 
ATOM   413  N  N   . TYR A 1 50  ? -7.701  -13.164 -1.879  1.00 32.87 ? 55  TYR A N   1 
ATOM   414  C  CA  . TYR A 1 50  ? -6.424  -12.690 -1.358  1.00 24.63 ? 55  TYR A CA  1 
ATOM   415  C  C   . TYR A 1 50  ? -6.262  -11.191 -1.571  1.00 22.07 ? 55  TYR A C   1 
ATOM   416  O  O   . TYR A 1 50  ? -5.825  -10.473 -0.666  1.00 27.30 ? 55  TYR A O   1 
ATOM   417  C  CB  . TYR A 1 50  ? -5.274  -13.454 -2.014  1.00 28.55 ? 55  TYR A CB  1 
ATOM   418  C  CG  . TYR A 1 50  ? -3.905  -12.899 -1.697  1.00 30.14 ? 55  TYR A CG  1 
ATOM   419  C  CD1 . TYR A 1 50  ? -3.286  -13.186 -0.491  1.00 31.00 ? 55  TYR A CD1 1 
ATOM   420  C  CD2 . TYR A 1 50  ? -3.235  -12.088 -2.600  1.00 30.78 ? 55  TYR A CD2 1 
ATOM   421  C  CE1 . TYR A 1 50  ? -2.040  -12.681 -0.192  1.00 32.51 ? 55  TYR A CE1 1 
ATOM   422  C  CE2 . TYR A 1 50  ? -1.989  -11.576 -2.308  1.00 29.70 ? 55  TYR A CE2 1 
ATOM   423  C  CZ  . TYR A 1 50  ? -1.395  -11.878 -1.103  1.00 35.45 ? 55  TYR A CZ  1 
ATOM   424  O  OH  . TYR A 1 50  ? -0.150  -11.374 -0.804  1.00 35.42 ? 55  TYR A OH  1 
ATOM   425  N  N   . PHE A 1 51  ? -6.612  -10.698 -2.760  1.00 20.28 ? 56  PHE A N   1 
ATOM   426  C  CA  . PHE A 1 51  ? -6.482  -9.273  -3.040  1.00 18.79 ? 56  PHE A CA  1 
ATOM   427  C  C   . PHE A 1 51  ? -7.603  -8.458  -2.409  1.00 23.12 ? 56  PHE A C   1 
ATOM   428  O  O   . PHE A 1 51  ? -7.452  -7.245  -2.229  1.00 26.61 ? 56  PHE A O   1 
ATOM   429  C  CB  . PHE A 1 51  ? -6.439  -9.030  -4.548  1.00 20.12 ? 56  PHE A CB  1 
ATOM   430  C  CG  . PHE A 1 51  ? -5.169  -9.491  -5.198  1.00 23.82 ? 56  PHE A CG  1 
ATOM   431  C  CD1 . PHE A 1 51  ? -3.953  -8.942  -4.836  1.00 28.96 ? 56  PHE A CD1 1 
ATOM   432  C  CD2 . PHE A 1 51  ? -5.190  -10.474 -6.171  1.00 25.07 ? 56  PHE A CD2 1 
ATOM   433  C  CE1 . PHE A 1 51  ? -2.782  -9.368  -5.432  1.00 27.06 ? 56  PHE A CE1 1 
ATOM   434  C  CE2 . PHE A 1 51  ? -4.023  -10.901 -6.768  1.00 24.40 ? 56  PHE A CE2 1 
ATOM   435  C  CZ  . PHE A 1 51  ? -2.818  -10.346 -6.399  1.00 21.16 ? 56  PHE A CZ  1 
ATOM   436  N  N   . LEU A 1 52  ? -8.729  -9.091  -2.078  1.00 26.11 ? 57  LEU A N   1 
ATOM   437  C  CA  . LEU A 1 52  ? -9.767  -8.388  -1.334  1.00 24.95 ? 57  LEU A CA  1 
ATOM   438  C  C   . LEU A 1 52  ? -9.320  -8.107  0.093   1.00 30.93 ? 57  LEU A C   1 
ATOM   439  O  O   . LEU A 1 52  ? -9.633  -7.049  0.651   1.00 36.49 ? 57  LEU A O   1 
ATOM   440  C  CB  . LEU A 1 52  ? -11.064 -9.194  -1.341  1.00 31.42 ? 57  LEU A CB  1 
ATOM   441  C  CG  . LEU A 1 52  ? -12.314 -8.451  -0.869  1.00 29.29 ? 57  LEU A CG  1 
ATOM   442  C  CD1 . LEU A 1 52  ? -12.510 -7.165  -1.655  1.00 23.46 ? 57  LEU A CD1 1 
ATOM   443  C  CD2 . LEU A 1 52  ? -13.533 -9.342  -0.987  1.00 35.16 ? 57  LEU A CD2 1 
ATOM   444  N  N   . HIS A 1 53  ? -8.603  -9.051  0.707   1.00 31.24 ? 58  HIS A N   1 
ATOM   445  C  CA  . HIS A 1 53  ? -8.053  -8.814  2.037   1.00 30.76 ? 58  HIS A CA  1 
ATOM   446  C  C   . HIS A 1 53  ? -6.995  -7.720  2.008   1.00 31.12 ? 58  HIS A C   1 
ATOM   447  O  O   . HIS A 1 53  ? -6.896  -6.917  2.941   1.00 38.95 ? 58  HIS A O   1 
ATOM   448  C  CB  . HIS A 1 53  ? -7.471  -10.105 2.604   1.00 30.00 ? 58  HIS A CB  1 
ATOM   449  C  CG  . HIS A 1 53  ? -7.032  -9.991  4.029   1.00 37.03 ? 58  HIS A CG  1 
ATOM   450  N  ND1 . HIS A 1 53  ? -5.753  -10.300 4.439   1.00 35.71 ? 58  HIS A ND1 1 
ATOM   451  C  CD2 . HIS A 1 53  ? -7.698  -9.594  5.139   1.00 38.42 ? 58  HIS A CD2 1 
ATOM   452  C  CE1 . HIS A 1 53  ? -5.651  -10.102 5.742   1.00 39.36 ? 58  HIS A CE1 1 
ATOM   453  N  NE2 . HIS A 1 53  ? -6.817  -9.674  6.190   1.00 43.00 ? 58  HIS A NE2 1 
ATOM   454  N  N   . GLN A 1 54  ? -6.183  -7.682  0.951   1.00 27.57 ? 59  GLN A N   1 
ATOM   455  C  CA  . GLN A 1 54  ? -5.181  -6.631  0.825   1.00 23.68 ? 59  GLN A CA  1 
ATOM   456  C  C   . GLN A 1 54  ? -5.835  -5.266  0.658   1.00 29.43 ? 59  GLN A C   1 
ATOM   457  O  O   . GLN A 1 54  ? -5.277  -4.248  1.077   1.00 27.91 ? 59  GLN A O   1 
ATOM   458  C  CB  . GLN A 1 54  ? -4.254  -6.930  -0.352  1.00 24.71 ? 59  GLN A CB  1 
ATOM   459  C  CG  . GLN A 1 54  ? -2.900  -7.493  0.036   1.00 26.03 ? 59  GLN A CG  1 
ATOM   460  C  CD  . GLN A 1 54  ? -2.992  -8.535  1.130   1.00 35.78 ? 59  GLN A CD  1 
ATOM   461  O  OE1 . GLN A 1 54  ? -3.509  -9.628  0.918   1.00 39.40 ? 59  GLN A OE1 1 
ATOM   462  N  NE2 . GLN A 1 54  ? -2.483  -8.201  2.308   1.00 35.44 ? 59  GLN A NE2 1 
ATOM   463  N  N   . SER A 1 55  ? -7.014  -5.225  0.034   1.00 34.79 ? 60  SER A N   1 
ATOM   464  C  CA  . SER A 1 55  ? -7.719  -3.959  -0.140  1.00 19.69 ? 60  SER A CA  1 
ATOM   465  C  C   . SER A 1 55  ? -8.189  -3.395  1.194   1.00 25.28 ? 60  SER A C   1 
ATOM   466  O  O   . SER A 1 55  ? -8.083  -2.188  1.435   1.00 30.82 ? 60  SER A O   1 
ATOM   467  C  CB  . SER A 1 55  ? -8.904  -4.147  -1.086  1.00 23.36 ? 60  SER A CB  1 
ATOM   468  O  OG  . SER A 1 55  ? -9.727  -2.998  -1.100  1.00 31.17 ? 60  SER A OG  1 
ATOM   469  N  N   . HIS A 1 56  ? -8.711  -4.250  2.076   1.00 26.63 ? 61  HIS A N   1 
ATOM   470  C  CA  . HIS A 1 56  ? -9.208  -3.767  3.359   1.00 28.29 ? 61  HIS A CA  1 
ATOM   471  C  C   . HIS A 1 56  ? -8.074  -3.561  4.352   1.00 35.84 ? 61  HIS A C   1 
ATOM   472  O  O   . HIS A 1 56  ? -8.280  -3.001  5.433   1.00 35.41 ? 61  HIS A O   1 
ATOM   473  C  CB  . HIS A 1 56  ? -10.245 -4.734  3.926   1.00 30.32 ? 61  HIS A CB  1 
ATOM   474  C  CG  . HIS A 1 56  ? -11.430 -4.937  3.036   1.00 36.93 ? 61  HIS A CG  1 
ATOM   475  N  ND1 . HIS A 1 56  ? -12.034 -6.164  2.869   1.00 36.59 ? 61  HIS A ND1 1 
ATOM   476  C  CD2 . HIS A 1 56  ? -12.123 -4.069  2.264   1.00 37.24 ? 61  HIS A CD2 1 
ATOM   477  C  CE1 . HIS A 1 56  ? -13.049 -6.043  2.033   1.00 38.06 ? 61  HIS A CE1 1 
ATOM   478  N  NE2 . HIS A 1 56  ? -13.125 -4.781  1.650   1.00 37.46 ? 61  HIS A NE2 1 
ATOM   479  N  N   . GLU A 1 57  ? -6.866  -4.007  4.004   1.00 43.54 ? 62  GLU A N   1 
ATOM   480  C  CA  . GLU A 1 57  ? -5.726  -3.790  4.886   1.00 30.05 ? 62  GLU A CA  1 
ATOM   481  C  C   . GLU A 1 57  ? -5.085  -2.434  4.631   1.00 32.68 ? 62  GLU A C   1 
ATOM   482  O  O   . GLU A 1 57  ? -4.612  -1.777  5.563   1.00 43.00 ? 62  GLU A O   1 
ATOM   483  C  CB  . GLU A 1 57  ? -4.701  -4.907  4.707   1.00 30.40 ? 62  GLU A CB  1 
ATOM   484  C  CG  . GLU A 1 57  ? -4.809  -6.021  5.728   1.00 33.14 ? 62  GLU A CG  1 
ATOM   485  C  CD  . GLU A 1 57  ? -3.581  -6.910  5.739   1.00 45.65 ? 62  GLU A CD  1 
ATOM   486  O  OE1 . GLU A 1 57  ? -2.632  -6.621  4.979   1.00 44.35 ? 62  GLU A OE1 1 
ATOM   487  O  OE2 . GLU A 1 57  ? -3.562  -7.893  6.508   1.00 44.90 ? 62  GLU A OE2 1 
ATOM   488  N  N   . GLU A 1 58  ? -5.056  -1.998  3.369   1.00 30.27 ? 63  GLU A N   1 
ATOM   489  C  CA  . GLU A 1 58  ? -4.510  -0.683  3.059   1.00 23.37 ? 63  GLU A CA  1 
ATOM   490  C  C   . GLU A 1 58  ? -5.474  0.419   3.468   1.00 26.98 ? 63  GLU A C   1 
ATOM   491  O  O   . GLU A 1 58  ? -5.079  1.581   3.608   1.00 32.03 ? 63  GLU A O   1 
ATOM   492  C  CB  . GLU A 1 58  ? -4.185  -0.582  1.570   1.00 32.59 ? 63  GLU A CB  1 
ATOM   493  C  CG  . GLU A 1 58  ? -3.363  -1.730  1.030   1.00 37.81 ? 63  GLU A CG  1 
ATOM   494  C  CD  . GLU A 1 58  ? -1.985  -1.815  1.651   1.00 39.28 ? 63  GLU A CD  1 
ATOM   495  O  OE1 . GLU A 1 58  ? -1.448  -0.768  2.066   1.00 38.02 ? 63  GLU A OE1 1 
ATOM   496  O  OE2 . GLU A 1 58  ? -1.437  -2.935  1.725   1.00 41.24 ? 63  GLU A OE2 1 
ATOM   497  N  N   . ARG A 1 59  ? -6.750  0.075   3.648   1.00 33.63 ? 64  ARG A N   1 
ATOM   498  C  CA  . ARG A 1 59  ? -7.717  1.052   4.133   1.00 34.98 ? 64  ARG A CA  1 
ATOM   499  C  C   . ARG A 1 59  ? -7.521  1.320   5.619   1.00 35.54 ? 64  ARG A C   1 
ATOM   500  O  O   . ARG A 1 59  ? -7.666  2.458   6.078   1.00 44.52 ? 64  ARG A O   1 
ATOM   501  C  CB  . ARG A 1 59  ? -9.136  0.564   3.848   1.00 34.59 ? 64  ARG A CB  1 
ATOM   502  C  CG  . ARG A 1 59  ? -10.228 1.400   4.476   1.00 32.10 ? 64  ARG A CG  1 
ATOM   503  C  CD  . ARG A 1 59  ? -11.538 0.633   4.525   1.00 42.20 ? 64  ARG A CD  1 
ATOM   504  N  NE  . ARG A 1 59  ? -11.352 -0.731  5.008   1.00 48.04 ? 64  ARG A NE  1 
ATOM   505  C  CZ  . ARG A 1 59  ? -11.268 -1.069  6.286   1.00 44.44 ? 64  ARG A CZ  1 
ATOM   506  N  NH1 . ARG A 1 59  ? -11.339 -0.163  7.248   1.00 41.82 ? 64  ARG A NH1 1 
ATOM   507  N  NH2 . ARG A 1 59  ? -11.102 -2.348  6.610   1.00 38.37 ? 64  ARG A NH2 1 
ATOM   508  N  N   . GLU A 1 60  ? -7.182  0.282   6.387   1.00 31.82 ? 65  GLU A N   1 
ATOM   509  C  CA  . GLU A 1 60  ? -6.926  0.468   7.812   1.00 31.04 ? 65  GLU A CA  1 
ATOM   510  C  C   . GLU A 1 60  ? -5.579  1.136   8.049   1.00 33.11 ? 65  GLU A C   1 
ATOM   511  O  O   . GLU A 1 60  ? -5.369  1.773   9.086   1.00 37.94 ? 65  GLU A O   1 
ATOM   512  C  CB  . GLU A 1 60  ? -6.996  -0.873  8.536   1.00 28.10 ? 65  GLU A CB  1 
ATOM   513  C  CG  . GLU A 1 60  ? -8.289  -1.617  8.303   1.00 31.54 ? 65  GLU A CG  1 
ATOM   514  C  CD  . GLU A 1 60  ? -8.379  -2.888  9.115   1.00 39.96 ? 65  GLU A CD  1 
ATOM   515  O  OE1 . GLU A 1 60  ? -7.628  -3.014  10.103  1.00 40.21 ? 65  GLU A OE1 1 
ATOM   516  O  OE2 . GLU A 1 60  ? -9.197  -3.761  8.760   1.00 39.56 ? 65  GLU A OE2 1 
ATOM   517  N  N   . HIS A 1 61  ? -4.645  0.991   7.108   1.00 30.38 ? 66  HIS A N   1 
ATOM   518  C  CA  . HIS A 1 61  ? -3.388  1.723   7.215   1.00 30.73 ? 66  HIS A CA  1 
ATOM   519  C  C   . HIS A 1 61  ? -3.604  3.209   6.964   1.00 36.35 ? 66  HIS A C   1 
ATOM   520  O  O   . HIS A 1 61  ? -2.921  4.054   7.554   1.00 35.69 ? 66  HIS A O   1 
ATOM   521  C  CB  . HIS A 1 61  ? -2.357  1.159   6.240   1.00 31.12 ? 66  HIS A CB  1 
ATOM   522  C  CG  . HIS A 1 61  ? -1.941  -0.246  6.542   1.00 34.57 ? 66  HIS A CG  1 
ATOM   523  N  ND1 . HIS A 1 61  ? -1.570  -1.138  5.560   1.00 32.10 ? 66  HIS A ND1 1 
ATOM   524  C  CD2 . HIS A 1 61  ? -1.853  -0.917  7.713   1.00 39.12 ? 66  HIS A CD2 1 
ATOM   525  C  CE1 . HIS A 1 61  ? -1.261  -2.297  6.115   1.00 33.29 ? 66  HIS A CE1 1 
ATOM   526  N  NE2 . HIS A 1 61  ? -1.426  -2.190  7.421   1.00 41.80 ? 66  HIS A NE2 1 
ATOM   527  N  N   . ALA A 1 62  ? -4.549  3.549   6.086   1.00 34.67 ? 67  ALA A N   1 
ATOM   528  C  CA  . ALA A 1 62  ? -4.879  4.951   5.859   1.00 31.62 ? 67  ALA A CA  1 
ATOM   529  C  C   . ALA A 1 62  ? -5.711  5.512   7.003   1.00 29.16 ? 67  ALA A C   1 
ATOM   530  O  O   . ALA A 1 62  ? -5.640  6.710   7.301   1.00 35.40 ? 67  ALA A O   1 
ATOM   531  C  CB  . ALA A 1 62  ? -5.615  5.110   4.531   1.00 32.98 ? 67  ALA A CB  1 
ATOM   532  N  N   . GLU A 1 63  ? -6.510  4.665   7.651   1.00 24.84 ? 68  GLU A N   1 
ATOM   533  C  CA  . GLU A 1 63  ? -7.330  5.123   8.767   1.00 25.82 ? 68  GLU A CA  1 
ATOM   534  C  C   . GLU A 1 63  ? -6.491  5.330   10.020  1.00 32.15 ? 68  GLU A C   1 
ATOM   535  O  O   . GLU A 1 63  ? -6.810  6.180   10.858  1.00 28.48 ? 68  GLU A O   1 
ATOM   536  C  CB  . GLU A 1 63  ? -8.457  4.125   9.031   1.00 27.93 ? 68  GLU A CB  1 
ATOM   537  C  CG  . GLU A 1 63  ? -9.780  4.504   8.386   1.00 33.03 ? 68  GLU A CG  1 
ATOM   538  C  CD  . GLU A 1 63  ? -10.659 3.304   8.104   1.00 38.08 ? 68  GLU A CD  1 
ATOM   539  O  OE1 . GLU A 1 63  ? -11.783 3.495   7.599   1.00 40.37 ? 68  GLU A OE1 1 
ATOM   540  O  OE2 . GLU A 1 63  ? -10.227 2.168   8.386   1.00 37.62 ? 68  GLU A OE2 1 
ATOM   541  N  N   . LYS A 1 64  ? -5.415  4.554   10.168  1.00 38.69 ? 69  LYS A N   1 
ATOM   542  C  CA  . LYS A 1 64  ? -4.537  4.715   11.322  1.00 28.58 ? 69  LYS A CA  1 
ATOM   543  C  C   . LYS A 1 64  ? -3.668  5.958   11.184  1.00 25.77 ? 69  LYS A C   1 
ATOM   544  O  O   . LYS A 1 64  ? -3.293  6.577   12.186  1.00 30.83 ? 69  LYS A O   1 
ATOM   545  C  CB  . LYS A 1 64  ? -3.672  3.470   11.498  1.00 28.33 ? 69  LYS A CB  1 
ATOM   546  C  CG  . LYS A 1 64  ? -3.222  3.220   12.923  1.00 25.98 ? 69  LYS A CG  1 
ATOM   547  C  CD  . LYS A 1 64  ? -2.519  1.881   13.055  1.00 33.68 ? 69  LYS A CD  1 
ATOM   548  C  CE  . LYS A 1 64  ? -1.647  1.590   11.842  1.00 36.01 ? 69  LYS A CE  1 
ATOM   549  N  NZ  . LYS A 1 64  ? -1.407  0.133   11.654  1.00 35.66 ? 69  LYS A NZ  1 
ATOM   550  N  N   . LEU A 1 65  ? -3.323  6.333   9.951   1.00 23.70 ? 70  LEU A N   1 
ATOM   551  C  CA  . LEU A 1 65  ? -2.607  7.585   9.740   1.00 22.52 ? 70  LEU A CA  1 
ATOM   552  C  C   . LEU A 1 65  ? -3.537  8.777   9.908   1.00 25.98 ? 70  LEU A C   1 
ATOM   553  O  O   . LEU A 1 65  ? -3.112  9.851   10.346  1.00 32.81 ? 70  LEU A O   1 
ATOM   554  C  CB  . LEU A 1 65  ? -1.965  7.601   8.354   1.00 31.28 ? 70  LEU A CB  1 
ATOM   555  C  CG  . LEU A 1 65  ? -0.730  6.728   8.139   1.00 30.69 ? 70  LEU A CG  1 
ATOM   556  C  CD1 . LEU A 1 65  ? -0.593  6.378   6.672   1.00 29.00 ? 70  LEU A CD1 1 
ATOM   557  C  CD2 . LEU A 1 65  ? 0.517   7.429   8.641   1.00 29.72 ? 70  LEU A CD2 1 
ATOM   558  N  N   . MET A 1 66  ? -4.813  8.608   9.557   1.00 27.45 ? 71  MET A N   1 
ATOM   559  C  CA  . MET A 1 66  ? -5.794  9.660   9.793   1.00 26.12 ? 71  MET A CA  1 
ATOM   560  C  C   . MET A 1 66  ? -6.028  9.857   11.284  1.00 28.72 ? 71  MET A C   1 
ATOM   561  O  O   . MET A 1 66  ? -6.265  10.979  11.742  1.00 34.19 ? 71  MET A O   1 
ATOM   562  C  CB  . MET A 1 66  ? -7.103  9.314   9.085   1.00 26.86 ? 71  MET A CB  1 
ATOM   563  C  CG  . MET A 1 66  ? -7.186  9.801   7.653   1.00 29.96 ? 71  MET A CG  1 
ATOM   564  S  SD  . MET A 1 66  ? -8.695  9.256   6.843   1.00 44.07 ? 71  MET A SD  1 
ATOM   565  C  CE  . MET A 1 66  ? -9.488  10.824  6.516   1.00 33.80 ? 71  MET A CE  1 
ATOM   566  N  N   . LYS A 1 67  ? -5.951  8.771   12.054  1.00 22.39 ? 72  LYS A N   1 
ATOM   567  C  CA  . LYS A 1 67  ? -6.121  8.861   13.498  1.00 18.33 ? 72  LYS A CA  1 
ATOM   568  C  C   . LYS A 1 67  ? -4.883  9.447   14.162  1.00 26.73 ? 72  LYS A C   1 
ATOM   569  O  O   . LYS A 1 67  ? -4.988  10.181  15.149  1.00 34.85 ? 72  LYS A O   1 
ATOM   570  C  CB  . LYS A 1 67  ? -6.434  7.477   14.062  1.00 20.89 ? 72  LYS A CB  1 
ATOM   571  C  CG  . LYS A 1 67  ? -6.629  7.426   15.560  1.00 26.58 ? 72  LYS A CG  1 
ATOM   572  C  CD  . LYS A 1 67  ? -7.320  6.137   15.967  1.00 28.65 ? 72  LYS A CD  1 
ATOM   573  C  CE  . LYS A 1 67  ? -7.295  5.939   17.473  1.00 33.42 ? 72  LYS A CE  1 
ATOM   574  N  NZ  . LYS A 1 67  ? -5.984  5.417   17.937  1.00 34.62 ? 72  LYS A NZ  1 
ATOM   575  N  N   . LEU A 1 68  ? -3.699  9.142   13.626  1.00 30.73 ? 73  LEU A N   1 
ATOM   576  C  CA  . LEU A 1 68  ? -2.467  9.665   14.203  1.00 21.61 ? 73  LEU A CA  1 
ATOM   577  C  C   . LEU A 1 68  ? -2.356  11.168  13.985  1.00 22.36 ? 73  LEU A C   1 
ATOM   578  O  O   . LEU A 1 68  ? -1.765  11.879  14.803  1.00 38.45 ? 73  LEU A O   1 
ATOM   579  C  CB  . LEU A 1 68  ? -1.263  8.929   13.608  1.00 25.90 ? 73  LEU A CB  1 
ATOM   580  C  CG  . LEU A 1 68  ? 0.185   9.252   13.999  1.00 26.14 ? 73  LEU A CG  1 
ATOM   581  C  CD1 . LEU A 1 68  ? 0.754   10.465  13.271  1.00 24.43 ? 73  LEU A CD1 1 
ATOM   582  C  CD2 . LEU A 1 68  ? 0.297   9.427   15.503  1.00 30.89 ? 73  LEU A CD2 1 
ATOM   583  N  N   . GLN A 1 69  ? -2.917  11.668  12.883  1.00 21.21 ? 74  GLN A N   1 
ATOM   584  C  CA  . GLN A 1 69  ? -2.849  13.098  12.606  1.00 23.41 ? 74  GLN A CA  1 
ATOM   585  C  C   . GLN A 1 69  ? -3.692  13.892  13.597  1.00 30.38 ? 74  GLN A C   1 
ATOM   586  O  O   . GLN A 1 69  ? -3.384  15.050  13.899  1.00 36.02 ? 74  GLN A O   1 
ATOM   587  C  CB  . GLN A 1 69  ? -3.300  13.368  11.170  1.00 26.57 ? 74  GLN A CB  1 
ATOM   588  C  CG  . GLN A 1 69  ? -3.182  14.814  10.728  1.00 30.82 ? 74  GLN A CG  1 
ATOM   589  C  CD  . GLN A 1 69  ? -1.970  15.064  9.859   1.00 30.61 ? 74  GLN A CD  1 
ATOM   590  O  OE1 . GLN A 1 69  ? -0.842  15.095  10.343  1.00 31.87 ? 74  GLN A OE1 1 
ATOM   591  N  NE2 . GLN A 1 69  ? -2.198  15.244  8.565   1.00 27.91 ? 74  GLN A NE2 1 
ATOM   592  N  N   . ASN A 1 70  ? -4.754  13.279  14.126  1.00 29.96 ? 75  ASN A N   1 
ATOM   593  C  CA  . ASN A 1 70  ? -5.622  13.984  15.065  1.00 31.61 ? 75  ASN A CA  1 
ATOM   594  C  C   . ASN A 1 70  ? -5.007  14.052  16.458  1.00 37.23 ? 75  ASN A C   1 
ATOM   595  O  O   . ASN A 1 70  ? -5.179  15.049  17.168  1.00 40.35 ? 75  ASN A O   1 
ATOM   596  C  CB  . ASN A 1 70  ? -6.994  13.313  15.119  1.00 29.91 ? 75  ASN A CB  1 
ATOM   597  C  CG  . ASN A 1 70  ? -7.849  13.638  13.915  1.00 31.89 ? 75  ASN A CG  1 
ATOM   598  O  OD1 . ASN A 1 70  ? -7.671  14.672  13.274  1.00 33.34 ? 75  ASN A OD1 1 
ATOM   599  N  ND2 . ASN A 1 70  ? -8.786  12.757  13.602  1.00 29.64 ? 75  ASN A ND2 1 
ATOM   600  N  N   . GLN A 1 71  ? -4.291  13.002  16.871  1.00 26.97 ? 76  GLN A N   1 
ATOM   601  C  CA  . GLN A 1 71  ? -3.682  13.008  18.199  1.00 20.84 ? 76  GLN A CA  1 
ATOM   602  C  C   . GLN A 1 71  ? -2.537  14.004  18.282  1.00 27.81 ? 76  GLN A C   1 
ATOM   603  O  O   . GLN A 1 71  ? -2.296  14.597  19.340  1.00 36.84 ? 76  GLN A O   1 
ATOM   604  C  CB  . GLN A 1 71  ? -3.186  11.614  18.574  1.00 15.33 ? 76  GLN A CB  1 
ATOM   605  C  CG  . GLN A 1 71  ? -4.072  10.484  18.127  1.00 28.02 ? 76  GLN A CG  1 
ATOM   606  C  CD  . GLN A 1 71  ? -3.490  9.134   18.475  1.00 35.49 ? 76  GLN A CD  1 
ATOM   607  O  OE1 . GLN A 1 71  ? -2.354  8.825   18.117  1.00 33.60 ? 76  GLN A OE1 1 
ATOM   608  N  NE2 . GLN A 1 71  ? -4.265  8.318   19.181  1.00 34.50 ? 76  GLN A NE2 1 
ATOM   609  N  N   . ARG A 1 72  ? -1.816  14.200  17.183  1.00 21.21 ? 77  ARG A N   1 
ATOM   610  C  CA  . ARG A 1 72  ? -0.679  15.106  17.169  1.00 26.64 ? 77  ARG A CA  1 
ATOM   611  C  C   . ARG A 1 72  ? -1.083  16.554  16.943  1.00 29.61 ? 77  ARG A C   1 
ATOM   612  O  O   . ARG A 1 72  ? -0.214  17.430  16.945  1.00 40.98 ? 77  ARG A O   1 
ATOM   613  C  CB  . ARG A 1 72  ? 0.324   14.673  16.100  1.00 23.11 ? 77  ARG A CB  1 
ATOM   614  C  CG  . ARG A 1 72  ? 0.958   13.317  16.359  1.00 21.35 ? 77  ARG A CG  1 
ATOM   615  C  CD  . ARG A 1 72  ? 1.607   13.239  17.730  1.00 21.36 ? 77  ARG A CD  1 
ATOM   616  N  NE  . ARG A 1 72  ? 2.513   14.354  17.974  1.00 33.44 ? 77  ARG A NE  1 
ATOM   617  C  CZ  . ARG A 1 72  ? 3.802   14.352  17.666  1.00 31.57 ? 77  ARG A CZ  1 
ATOM   618  N  NH1 . ARG A 1 72  ? 4.376   13.304  17.103  1.00 24.97 ? 77  ARG A NH1 1 
ATOM   619  N  NH2 . ARG A 1 72  ? 4.532   15.431  17.928  1.00 27.46 ? 77  ARG A NH2 1 
ATOM   620  N  N   . GLY A 1 73  ? -2.371  16.826  16.758  1.00 18.57 ? 78  GLY A N   1 
ATOM   621  C  CA  . GLY A 1 73  ? -2.846  18.170  16.528  1.00 27.46 ? 78  GLY A CA  1 
ATOM   622  C  C   . GLY A 1 73  ? -2.849  18.613  15.084  1.00 30.39 ? 78  GLY A C   1 
ATOM   623  O  O   . GLY A 1 73  ? -3.095  19.796  14.819  1.00 34.03 ? 78  GLY A O   1 
ATOM   624  N  N   . GLY A 1 74  ? -2.581  17.712  14.145  1.00 31.29 ? 79  GLY A N   1 
ATOM   625  C  CA  . GLY A 1 74  ? -2.612  18.081  12.749  1.00 32.70 ? 79  GLY A CA  1 
ATOM   626  C  C   . GLY A 1 74  ? -4.005  17.982  12.160  1.00 31.38 ? 79  GLY A C   1 
ATOM   627  O  O   . GLY A 1 74  ? -4.922  17.406  12.742  1.00 36.54 ? 79  GLY A O   1 
ATOM   628  N  N   . ARG A 1 75  ? -4.158  18.551  10.970  1.00 28.86 ? 80  ARG A N   1 
ATOM   629  C  CA  . ARG A 1 75  ? -5.442  18.608  10.285  1.00 29.12 ? 80  ARG A CA  1 
ATOM   630  C  C   . ARG A 1 75  ? -5.364  17.823  8.984   1.00 33.49 ? 80  ARG A C   1 
ATOM   631  O  O   . ARG A 1 75  ? -4.467  18.054  8.167   1.00 37.72 ? 80  ARG A O   1 
ATOM   632  C  CB  . ARG A 1 75  ? -5.848  20.057  10.014  1.00 31.96 ? 80  ARG A CB  1 
ATOM   633  C  CG  . ARG A 1 75  ? -6.126  20.868  11.270  1.00 34.10 ? 80  ARG A CG  1 
ATOM   634  C  CD  . ARG A 1 75  ? -7.306  20.303  12.040  1.00 28.88 ? 80  ARG A CD  1 
ATOM   635  N  NE  . ARG A 1 75  ? -7.353  20.787  13.414  1.00 36.63 ? 80  ARG A NE  1 
ATOM   636  C  CZ  . ARG A 1 75  ? -7.192  20.026  14.487  1.00 40.13 ? 80  ARG A CZ  1 
ATOM   637  N  NH1 . ARG A 1 75  ? -6.959  18.727  14.387  1.00 34.42 ? 80  ARG A NH1 1 
ATOM   638  N  NH2 . ARG A 1 75  ? -7.266  20.582  15.693  1.00 39.62 ? 80  ARG A NH2 1 
ATOM   639  N  N   . ILE A 1 76  ? -6.309  16.903  8.794   1.00 32.39 ? 81  ILE A N   1 
ATOM   640  C  CA  . ILE A 1 76  ? -6.295  16.030  7.627   1.00 28.84 ? 81  ILE A CA  1 
ATOM   641  C  C   . ILE A 1 76  ? -6.705  16.809  6.386   1.00 32.84 ? 81  ILE A C   1 
ATOM   642  O  O   . ILE A 1 76  ? -7.720  17.516  6.380   1.00 36.41 ? 81  ILE A O   1 
ATOM   643  C  CB  . ILE A 1 76  ? -7.218  14.823  7.843   1.00 28.34 ? 81  ILE A CB  1 
ATOM   644  C  CG1 . ILE A 1 76  ? -6.981  14.207  9.222   1.00 30.70 ? 81  ILE A CG1 1 
ATOM   645  C  CG2 . ILE A 1 76  ? -7.029  13.801  6.737   1.00 29.35 ? 81  ILE A CG2 1 
ATOM   646  C  CD1 . ILE A 1 76  ? -8.089  13.290  9.677   1.00 32.47 ? 81  ILE A CD1 1 
ATOM   647  N  N   . PHE A 1 77  ? -5.916  16.674  5.326   1.00 32.23 ? 82  PHE A N   1 
ATOM   648  C  CA  . PHE A 1 77  ? -6.227  17.231  4.018   1.00 29.10 ? 82  PHE A CA  1 
ATOM   649  C  C   . PHE A 1 77  ? -6.357  16.083  3.029   1.00 34.37 ? 82  PHE A C   1 
ATOM   650  O  O   . PHE A 1 77  ? -5.427  15.288  2.870   1.00 40.47 ? 82  PHE A O   1 
ATOM   651  C  CB  . PHE A 1 77  ? -5.144  18.215  3.575   1.00 31.56 ? 82  PHE A CB  1 
ATOM   652  C  CG  . PHE A 1 77  ? -5.440  18.903  2.277   1.00 36.53 ? 82  PHE A CG  1 
ATOM   653  C  CD1 . PHE A 1 77  ? -6.229  20.038  2.246   1.00 39.06 ? 82  PHE A CD1 1 
ATOM   654  C  CD2 . PHE A 1 77  ? -4.915  18.426  1.091   1.00 40.23 ? 82  PHE A CD2 1 
ATOM   655  C  CE1 . PHE A 1 77  ? -6.499  20.675  1.053   1.00 38.01 ? 82  PHE A CE1 1 
ATOM   656  C  CE2 . PHE A 1 77  ? -5.182  19.061  -0.104  1.00 40.75 ? 82  PHE A CE2 1 
ATOM   657  C  CZ  . PHE A 1 77  ? -5.974  20.186  -0.122  1.00 39.59 ? 82  PHE A CZ  1 
ATOM   658  N  N   . LEU A 1 78  ? -7.508  15.995  2.369   1.00 37.80 ? 83  LEU A N   1 
ATOM   659  C  CA  . LEU A 1 78  ? -7.826  14.884  1.485   1.00 38.07 ? 83  LEU A CA  1 
ATOM   660  C  C   . LEU A 1 78  ? -7.789  15.336  0.032   1.00 40.43 ? 83  LEU A C   1 
ATOM   661  O  O   . LEU A 1 78  ? -8.202  16.453  -0.291  1.00 44.73 ? 83  LEU A O   1 
ATOM   662  C  CB  . LEU A 1 78  ? -9.203  14.300  1.809   1.00 29.31 ? 83  LEU A CB  1 
ATOM   663  C  CG  . LEU A 1 78  ? -9.371  13.596  3.155   1.00 32.52 ? 83  LEU A CG  1 
ATOM   664  C  CD1 . LEU A 1 78  ? -10.774 13.057  3.280   1.00 35.62 ? 83  LEU A CD1 1 
ATOM   665  C  CD2 . LEU A 1 78  ? -8.359  12.477  3.315   1.00 34.71 ? 83  LEU A CD2 1 
ATOM   666  N  N   . GLN A 1 79  ? -7.291  14.463  -0.837  1.00 39.26 ? 84  GLN A N   1 
ATOM   667  C  CA  . GLN A 1 79  ? -7.221  14.727  -2.265  1.00 36.91 ? 84  GLN A CA  1 
ATOM   668  C  C   . GLN A 1 79  ? -7.868  13.582  -3.028  1.00 39.14 ? 84  GLN A C   1 
ATOM   669  O  O   . GLN A 1 79  ? -8.378  12.623  -2.442  1.00 38.89 ? 84  GLN A O   1 
ATOM   670  C  CB  . GLN A 1 79  ? -5.773  14.916  -2.734  1.00 38.76 ? 84  GLN A CB  1 
ATOM   671  C  CG  . GLN A 1 79  ? -5.087  16.132  -2.146  1.00 40.38 ? 84  GLN A CG  1 
ATOM   672  C  CD  . GLN A 1 79  ? -4.816  17.201  -3.179  1.00 46.02 ? 84  GLN A CD  1 
ATOM   673  O  OE1 . GLN A 1 79  ? -5.741  17.793  -3.733  1.00 47.74 ? 84  GLN A OE1 1 
ATOM   674  N  NE2 . GLN A 1 79  ? -3.540  17.457  -3.445  1.00 44.00 ? 84  GLN A NE2 1 
ATOM   675  N  N   . ASP A 1 80  ? -7.850  13.704  -4.354  1.00 40.12 ? 85  ASP A N   1 
ATOM   676  C  CA  . ASP A 1 80  ? -8.387  12.667  -5.224  1.00 31.37 ? 85  ASP A CA  1 
ATOM   677  C  C   . ASP A 1 80  ? -7.639  11.355  -5.040  1.00 33.21 ? 85  ASP A C   1 
ATOM   678  O  O   . ASP A 1 80  ? -6.413  11.336  -4.924  1.00 41.66 ? 85  ASP A O   1 
ATOM   679  C  CB  . ASP A 1 80  ? -8.291  13.111  -6.684  1.00 32.85 ? 85  ASP A CB  1 
ATOM   680  C  CG  . ASP A 1 80  ? -9.468  13.946  -7.120  1.00 41.49 ? 85  ASP A CG  1 
ATOM   681  O  OD1 . ASP A 1 80  ? -9.416  15.182  -6.966  1.00 44.66 ? 85  ASP A OD1 1 
ATOM   682  O  OD2 . ASP A 1 80  ? -10.439 13.366  -7.642  1.00 45.28 ? 85  ASP A OD2 1 
ATOM   683  N  N   . ILE A 1 81  ? -8.386  10.257  -5.018  1.00 23.85 ? 86  ILE A N   1 
ATOM   684  C  CA  . ILE A 1 81  ? -7.790  8.930   -5.099  1.00 28.76 ? 86  ILE A CA  1 
ATOM   685  C  C   . ILE A 1 81  ? -7.710  8.541   -6.568  1.00 33.58 ? 86  ILE A C   1 
ATOM   686  O  O   . ILE A 1 81  ? -8.737  8.324   -7.218  1.00 41.56 ? 86  ILE A O   1 
ATOM   687  C  CB  . ILE A 1 81  ? -8.601  7.901   -4.299  1.00 28.61 ? 86  ILE A CB  1 
ATOM   688  C  CG1 . ILE A 1 81  ? -8.745  8.342   -2.844  1.00 26.05 ? 86  ILE A CG1 1 
ATOM   689  C  CG2 . ILE A 1 81  ? -7.949  6.536   -4.383  1.00 27.74 ? 86  ILE A CG2 1 
ATOM   690  C  CD1 . ILE A 1 81  ? -9.705  7.490   -2.054  1.00 32.73 ? 86  ILE A CD1 1 
ATOM   691  N  N   . LYS A 1 82  ? -6.493  8.459   -7.095  1.00 31.28 ? 87  LYS A N   1 
ATOM   692  C  CA  . LYS A 1 82  ? -6.315  8.194   -8.514  1.00 35.54 ? 87  LYS A CA  1 
ATOM   693  C  C   . LYS A 1 82  ? -6.689  6.755   -8.849  1.00 40.96 ? 87  LYS A C   1 
ATOM   694  O  O   . LYS A 1 82  ? -6.573  5.847   -8.023  1.00 37.83 ? 87  LYS A O   1 
ATOM   695  C  CB  . LYS A 1 82  ? -4.872  8.475   -8.932  1.00 35.75 ? 87  LYS A CB  1 
ATOM   696  C  CG  . LYS A 1 82  ? -4.455  9.922   -8.753  1.00 38.90 ? 87  LYS A CG  1 
ATOM   697  C  CD  . LYS A 1 82  ? -4.591  10.704  -10.045 1.00 43.01 ? 87  LYS A CD  1 
ATOM   698  C  CE  . LYS A 1 82  ? -3.495  11.750  -10.175 1.00 42.54 ? 87  LYS A CE  1 
ATOM   699  N  NZ  . LYS A 1 82  ? -2.157  11.213  -9.800  1.00 45.70 ? 87  LYS A NZ  1 
ATOM   700  N  N   . LYS A 1 83  ? -7.152  6.556   -10.079 1.00 39.23 ? 88  LYS A N   1 
ATOM   701  C  CA  . LYS A 1 83  ? -7.513  5.226   -10.533 1.00 35.45 ? 88  LYS A CA  1 
ATOM   702  C  C   . LYS A 1 83  ? -6.260  4.370   -10.719 1.00 39.38 ? 88  LYS A C   1 
ATOM   703  O  O   . LYS A 1 83  ? -5.170  4.895   -10.959 1.00 40.25 ? 88  LYS A O   1 
ATOM   704  C  CB  . LYS A 1 83  ? -8.294  5.305   -11.841 1.00 32.82 ? 88  LYS A CB  1 
ATOM   705  C  CG  . LYS A 1 83  ? -7.551  6.008   -12.960 1.00 36.35 ? 88  LYS A CG  1 
ATOM   706  C  CD  . LYS A 1 83  ? -8.252  5.823   -14.294 1.00 36.38 ? 88  LYS A CD  1 
ATOM   707  C  CE  . LYS A 1 83  ? -8.240  4.367   -14.726 1.00 39.41 ? 88  LYS A CE  1 
ATOM   708  N  NZ  . LYS A 1 83  ? -9.504  3.974   -15.405 1.00 41.87 ? 88  LYS A NZ  1 
ATOM   709  N  N   . PRO A 1 84  ? -6.387  3.048   -10.600 1.00 41.82 ? 89  PRO A N   1 
ATOM   710  C  CA  . PRO A 1 84  ? -5.226  2.176   -10.801 1.00 37.30 ? 89  PRO A CA  1 
ATOM   711  C  C   . PRO A 1 84  ? -4.650  2.316   -12.202 1.00 40.92 ? 89  PRO A C   1 
ATOM   712  O  O   . PRO A 1 84  ? -5.359  2.610   -13.166 1.00 42.65 ? 89  PRO A O   1 
ATOM   713  C  CB  . PRO A 1 84  ? -5.792  0.773   -10.565 1.00 36.44 ? 89  PRO A CB  1 
ATOM   714  C  CG  . PRO A 1 84  ? -6.949  0.996   -9.662  1.00 30.13 ? 89  PRO A CG  1 
ATOM   715  C  CD  . PRO A 1 84  ? -7.547  2.305   -10.077 1.00 35.16 ? 89  PRO A CD  1 
ATOM   716  N  N   . ASP A 1 85  ? -3.336  2.107   -12.302 1.00 49.80 ? 90  ASP A N   1 
ATOM   717  C  CA  . ASP A 1 85  ? -2.640  2.359   -13.559 1.00 52.24 ? 90  ASP A CA  1 
ATOM   718  C  C   . ASP A 1 85  ? -2.952  1.292   -14.602 1.00 52.60 ? 90  ASP A C   1 
ATOM   719  O  O   . ASP A 1 85  ? -2.769  1.519   -15.803 1.00 53.56 ? 90  ASP A O   1 
ATOM   720  C  CB  . ASP A 1 85  ? -1.135  2.442   -13.315 1.00 51.80 ? 90  ASP A CB  1 
ATOM   721  C  CG  . ASP A 1 85  ? -0.631  3.866   -13.298 1.00 57.19 ? 90  ASP A CG  1 
ATOM   722  O  OD1 . ASP A 1 85  ? -1.111  4.675   -14.118 1.00 52.98 ? 90  ASP A OD1 1 
ATOM   723  O  OD2 . ASP A 1 85  ? 0.245   4.176   -12.464 1.00 62.26 ? 90  ASP A OD2 1 
ATOM   724  N  N   . CYS A 1 86  ? -3.424  0.129   -14.168 1.00 57.36 ? 91  CYS A N   1 
ATOM   725  C  CA  . CYS A 1 86  ? -3.735  -0.973  -15.068 1.00 57.82 ? 91  CYS A CA  1 
ATOM   726  C  C   . CYS A 1 86  ? -5.168  -1.428  -14.842 1.00 55.75 ? 91  CYS A C   1 
ATOM   727  O  O   . CYS A 1 86  ? -5.573  -1.679  -13.703 1.00 53.19 ? 91  CYS A O   1 
ATOM   728  C  CB  . CYS A 1 86  ? -2.768  -2.141  -14.857 1.00 55.82 ? 91  CYS A CB  1 
ATOM   729  S  SG  . CYS A 1 86  ? -1.028  -1.665  -14.736 1.00 63.10 ? 91  CYS A SG  1 
ATOM   730  N  N   . ASP A 1 87  ? -5.930  -1.535  -15.932 1.00 61.24 ? 92  ASP A N   1 
ATOM   731  C  CA  . ASP A 1 87  ? -7.303  -2.016  -15.837 1.00 62.19 ? 92  ASP A CA  1 
ATOM   732  C  C   . ASP A 1 87  ? -7.410  -3.493  -16.188 1.00 62.72 ? 92  ASP A C   1 
ATOM   733  O  O   . ASP A 1 87  ? -8.483  -4.088  -16.033 1.00 61.35 ? 92  ASP A O   1 
ATOM   734  C  CB  . ASP A 1 87  ? -8.217  -1.191  -16.746 1.00 64.66 ? 92  ASP A CB  1 
ATOM   735  C  CG  . ASP A 1 87  ? -7.787  -1.231  -18.201 1.00 66.48 ? 92  ASP A CG  1 
ATOM   736  O  OD1 . ASP A 1 87  ? -6.591  -1.476  -18.467 1.00 63.18 ? 92  ASP A OD1 1 
ATOM   737  O  OD2 . ASP A 1 87  ? -8.647  -1.017  -19.080 1.00 65.04 ? 92  ASP A OD2 1 
ATOM   738  N  N   . ASP A 1 88  ? -6.320  -4.093  -16.658 1.00 55.04 ? 93  ASP A N   1 
ATOM   739  C  CA  . ASP A 1 88  ? -6.265  -5.515  -16.952 1.00 50.84 ? 93  ASP A CA  1 
ATOM   740  C  C   . ASP A 1 88  ? -4.931  -6.071  -16.483 1.00 51.56 ? 93  ASP A C   1 
ATOM   741  O  O   . ASP A 1 88  ? -3.875  -5.492  -16.754 1.00 58.51 ? 93  ASP A O   1 
ATOM   742  C  CB  . ASP A 1 88  ? -6.446  -5.794  -18.447 1.00 52.03 ? 93  ASP A CB  1 
ATOM   743  C  CG  . ASP A 1 88  ? -6.011  -7.195  -18.834 1.00 56.20 ? 93  ASP A CG  1 
ATOM   744  O  OD1 . ASP A 1 88  ? -4.902  -7.341  -19.388 1.00 56.36 ? 93  ASP A OD1 1 
ATOM   745  O  OD2 . ASP A 1 88  ? -6.775  -8.150  -18.582 1.00 51.44 ? 93  ASP A OD2 1 
ATOM   746  N  N   . TRP A 1 89  ? -4.988  -7.193  -15.777 1.00 40.78 ? 94  TRP A N   1 
ATOM   747  C  CA  . TRP A 1 89  ? -3.807  -7.905  -15.317 1.00 40.70 ? 94  TRP A CA  1 
ATOM   748  C  C   . TRP A 1 89  ? -3.644  -9.156  -16.168 1.00 38.15 ? 94  TRP A C   1 
ATOM   749  O  O   . TRP A 1 89  ? -4.621  -9.864  -16.423 1.00 47.21 ? 94  TRP A O   1 
ATOM   750  C  CB  . TRP A 1 89  ? -3.935  -8.253  -13.832 1.00 39.79 ? 94  TRP A CB  1 
ATOM   751  C  CG  . TRP A 1 89  ? -4.573  -7.146  -13.038 1.00 41.58 ? 94  TRP A CG  1 
ATOM   752  C  CD1 . TRP A 1 89  ? -5.882  -7.055  -12.670 1.00 45.93 ? 94  TRP A CD1 1 
ATOM   753  C  CD2 . TRP A 1 89  ? -3.932  -5.971  -12.526 1.00 42.72 ? 94  TRP A CD2 1 
ATOM   754  N  NE1 . TRP A 1 89  ? -6.098  -5.899  -11.963 1.00 39.61 ? 94  TRP A NE1 1 
ATOM   755  C  CE2 . TRP A 1 89  ? -4.918  -5.215  -11.860 1.00 41.80 ? 94  TRP A CE2 1 
ATOM   756  C  CE3 . TRP A 1 89  ? -2.622  -5.485  -12.567 1.00 42.02 ? 94  TRP A CE3 1 
ATOM   757  C  CZ2 . TRP A 1 89  ? -4.634  -4.005  -11.236 1.00 41.20 ? 94  TRP A CZ2 1 
ATOM   758  C  CZ3 . TRP A 1 89  ? -2.344  -4.282  -11.948 1.00 45.14 ? 94  TRP A CZ3 1 
ATOM   759  C  CH2 . TRP A 1 89  ? -3.345  -3.555  -11.291 1.00 45.21 ? 94  TRP A CH2 1 
ATOM   760  N  N   . GLU A 1 90  ? -2.423  -9.407  -16.636 1.00 43.03 ? 95  GLU A N   1 
ATOM   761  C  CA  . GLU A 1 90  ? -2.206  -10.515 -17.562 1.00 45.99 ? 95  GLU A CA  1 
ATOM   762  C  C   . GLU A 1 90  ? -2.624  -11.847 -16.949 1.00 45.89 ? 95  GLU A C   1 
ATOM   763  O  O   . GLU A 1 90  ? -3.320  -12.646 -17.584 1.00 43.37 ? 95  GLU A O   1 
ATOM   764  C  CB  . GLU A 1 90  ? -0.740  -10.552 -17.999 1.00 45.31 ? 95  GLU A CB  1 
ATOM   765  C  CG  . GLU A 1 90  ? -0.484  -9.963  -19.377 1.00 47.11 ? 95  GLU A CG  1 
ATOM   766  C  CD  . GLU A 1 90  ? -0.406  -8.450  -19.372 1.00 51.88 ? 95  GLU A CD  1 
ATOM   767  O  OE1 . GLU A 1 90  ? -0.442  -7.850  -20.467 1.00 51.23 ? 95  GLU A OE1 1 
ATOM   768  O  OE2 . GLU A 1 90  ? -0.302  -7.858  -18.279 1.00 52.99 ? 95  GLU A OE2 1 
ATOM   769  N  N   . SER A 1 91  ? -2.223  -12.095 -15.705 1.00 43.56 ? 96  SER A N   1 
ATOM   770  C  CA  . SER A 1 91  ? -2.492  -13.373 -15.063 1.00 36.54 ? 96  SER A CA  1 
ATOM   771  C  C   . SER A 1 91  ? -2.335  -13.214 -13.560 1.00 35.32 ? 96  SER A C   1 
ATOM   772  O  O   . SER A 1 91  ? -2.211  -12.104 -13.040 1.00 37.98 ? 96  SER A O   1 
ATOM   773  C  CB  . SER A 1 91  ? -1.560  -14.466 -15.590 1.00 38.65 ? 96  SER A CB  1 
ATOM   774  O  OG  . SER A 1 91  ? -0.206  -14.087 -15.430 1.00 35.77 ? 96  SER A OG  1 
ATOM   775  N  N   . GLY A 1 92  ? -2.354  -14.352 -12.864 1.00 28.60 ? 97  GLY A N   1 
ATOM   776  C  CA  . GLY A 1 92  ? -2.106  -14.337 -11.433 1.00 28.40 ? 97  GLY A CA  1 
ATOM   777  C  C   . GLY A 1 92  ? -0.677  -13.961 -11.092 1.00 31.75 ? 97  GLY A C   1 
ATOM   778  O  O   . GLY A 1 92  ? -0.429  -13.240 -10.123 1.00 33.31 ? 97  GLY A O   1 
ATOM   779  N  N   . LEU A 1 93  ? 0.284   -14.456 -11.876 1.00 28.10 ? 98  LEU A N   1 
ATOM   780  C  CA  . LEU A 1 93  ? 1.680   -14.093 -11.649 1.00 29.29 ? 98  LEU A CA  1 
ATOM   781  C  C   . LEU A 1 93  ? 1.919   -12.618 -11.941 1.00 31.92 ? 98  LEU A C   1 
ATOM   782  O  O   . LEU A 1 93  ? 2.666   -11.948 -11.219 1.00 39.72 ? 98  LEU A O   1 
ATOM   783  C  CB  . LEU A 1 93  ? 2.599   -14.965 -12.504 1.00 27.76 ? 98  LEU A CB  1 
ATOM   784  C  CG  . LEU A 1 93  ? 4.066   -14.531 -12.548 1.00 28.78 ? 98  LEU A CG  1 
ATOM   785  C  CD1 . LEU A 1 93  ? 4.716   -14.709 -11.189 1.00 30.24 ? 98  LEU A CD1 1 
ATOM   786  C  CD2 . LEU A 1 93  ? 4.837   -15.285 -13.615 1.00 30.36 ? 98  LEU A CD2 1 
ATOM   787  N  N   . ASN A 1 94  ? 1.294   -12.094 -12.997 1.00 26.73 ? 99  ASN A N   1 
ATOM   788  C  CA  . ASN A 1 94  ? 1.480   -10.689 -13.339 1.00 27.17 ? 99  ASN A CA  1 
ATOM   789  C  C   . ASN A 1 94  ? 0.877   -9.777  -12.280 1.00 30.70 ? 99  ASN A C   1 
ATOM   790  O  O   . ASN A 1 94  ? 1.352   -8.656  -12.072 1.00 36.94 ? 99  ASN A O   1 
ATOM   791  C  CB  . ASN A 1 94  ? 0.866   -10.393 -14.704 1.00 31.90 ? 99  ASN A CB  1 
ATOM   792  C  CG  . ASN A 1 94  ? 1.094   -8.966  -15.141 1.00 35.62 ? 99  ASN A CG  1 
ATOM   793  O  OD1 . ASN A 1 94  ? 0.167   -8.281  -15.569 1.00 39.23 ? 99  ASN A OD1 1 
ATOM   794  N  ND2 . ASN A 1 94  ? 2.334   -8.509  -15.041 1.00 37.08 ? 99  ASN A ND2 1 
ATOM   795  N  N   . ALA A 1 95  ? -0.179  -10.235 -11.606 1.00 23.91 ? 100 ALA A N   1 
ATOM   796  C  CA  . ALA A 1 95  ? -0.763  -9.445  -10.529 1.00 22.31 ? 100 ALA A CA  1 
ATOM   797  C  C   . ALA A 1 95  ? 0.116   -9.468  -9.286  1.00 28.49 ? 100 ALA A C   1 
ATOM   798  O  O   . ALA A 1 95  ? 0.234   -8.457  -8.586  1.00 38.78 ? 100 ALA A O   1 
ATOM   799  C  CB  . ALA A 1 95  ? -2.165  -9.954  -10.204 1.00 29.85 ? 100 ALA A CB  1 
ATOM   800  N  N   . MET A 1 96  ? 0.737   -10.613 -8.990  1.00 29.54 ? 101 MET A N   1 
ATOM   801  C  CA  . MET A 1 96  ? 1.635   -10.690 -7.842  1.00 22.96 ? 101 MET A CA  1 
ATOM   802  C  C   . MET A 1 96  ? 2.911   -9.900  -8.094  1.00 29.57 ? 101 MET A C   1 
ATOM   803  O  O   . MET A 1 96  ? 3.565   -9.443  -7.149  1.00 35.81 ? 101 MET A O   1 
ATOM   804  C  CB  . MET A 1 96  ? 1.965   -12.147 -7.523  1.00 24.50 ? 101 MET A CB  1 
ATOM   805  C  CG  . MET A 1 96  ? 0.799   -12.962 -6.989  1.00 31.26 ? 101 MET A CG  1 
ATOM   806  S  SD  . MET A 1 96  ? 0.314   -12.491 -5.321  1.00 46.09 ? 101 MET A SD  1 
ATOM   807  C  CE  . MET A 1 96  ? -0.867  -13.775 -4.936  1.00 29.97 ? 101 MET A CE  1 
ATOM   808  N  N   . GLU A 1 97  ? 3.289   -9.737  -9.362  1.00 29.31 ? 102 GLU A N   1 
ATOM   809  C  CA  . GLU A 1 97  ? 4.444   -8.907  -9.685  1.00 21.77 ? 102 GLU A CA  1 
ATOM   810  C  C   . GLU A 1 97  ? 4.100   -7.426  -9.600  1.00 28.15 ? 102 GLU A C   1 
ATOM   811  O  O   . GLU A 1 97  ? 4.950   -6.604  -9.239  1.00 39.40 ? 102 GLU A O   1 
ATOM   812  C  CB  . GLU A 1 97  ? 4.974   -9.260  -11.073 1.00 19.77 ? 102 GLU A CB  1 
ATOM   813  C  CG  . GLU A 1 97  ? 5.811   -10.523 -11.101 1.00 26.40 ? 102 GLU A CG  1 
ATOM   814  C  CD  . GLU A 1 97  ? 6.175   -10.951 -12.506 1.00 40.42 ? 102 GLU A CD  1 
ATOM   815  O  OE1 . GLU A 1 97  ? 5.648   -10.353 -13.466 1.00 38.56 ? 102 GLU A OE1 1 
ATOM   816  O  OE2 . GLU A 1 97  ? 6.992   -11.883 -12.649 1.00 47.61 ? 102 GLU A OE2 1 
ATOM   817  N  N   . CYS A 1 98  ? 2.860   -7.064  -9.935  1.00 26.48 ? 103 CYS A N   1 
ATOM   818  C  CA  . CYS A 1 98  ? 2.450   -5.668  -9.821  1.00 30.74 ? 103 CYS A CA  1 
ATOM   819  C  C   . CYS A 1 98  ? 2.082   -5.316  -8.385  1.00 34.88 ? 103 CYS A C   1 
ATOM   820  O  O   . CYS A 1 98  ? 2.010   -4.134  -8.031  1.00 40.92 ? 103 CYS A O   1 
ATOM   821  C  CB  A CYS A 1 98  ? 1.289   -5.377  -10.769 0.84 30.65 ? 103 CYS A CB  1 
ATOM   822  S  SG  A CYS A 1 98  ? 1.788   -4.697  -12.367 0.84 49.39 ? 103 CYS A SG  1 
ATOM   823  N  N   . ALA A 1 99  ? 1.845   -6.325  -7.546  1.00 27.97 ? 104 ALA A N   1 
ATOM   824  C  CA  . ALA A 1 99  ? 1.597   -6.065  -6.132  1.00 20.01 ? 104 ALA A CA  1 
ATOM   825  C  C   . ALA A 1 99  ? 2.902   -6.027  -5.349  1.00 28.92 ? 104 ALA A C   1 
ATOM   826  O  O   . ALA A 1 99  ? 3.023   -5.285  -4.368  1.00 38.58 ? 104 ALA A O   1 
ATOM   827  C  CB  . ALA A 1 99  ? 0.651   -7.118  -5.560  1.00 18.78 ? 104 ALA A CB  1 
ATOM   828  N  N   . LEU A 1 100 ? 3.884   -6.831  -5.759  1.00 29.62 ? 105 LEU A N   1 
ATOM   829  C  CA  . LEU A 1 100 ? 5.218   -6.736  -5.176  1.00 22.97 ? 105 LEU A CA  1 
ATOM   830  C  C   . LEU A 1 100 ? 5.863   -5.401  -5.517  1.00 25.49 ? 105 LEU A C   1 
ATOM   831  O  O   . LEU A 1 100 ? 6.512   -4.775  -4.672  1.00 34.94 ? 105 LEU A O   1 
ATOM   832  C  CB  . LEU A 1 100 ? 6.083   -7.898  -5.667  1.00 26.86 ? 105 LEU A CB  1 
ATOM   833  C  CG  . LEU A 1 100 ? 7.588   -7.846  -5.403  1.00 26.64 ? 105 LEU A CG  1 
ATOM   834  C  CD1 . LEU A 1 100 ? 7.876   -7.792  -3.916  1.00 33.57 ? 105 LEU A CD1 1 
ATOM   835  C  CD2 . LEU A 1 100 ? 8.277   -9.037  -6.038  1.00 23.91 ? 105 LEU A CD2 1 
ATOM   836  N  N   . HIS A 1 101 ? 5.686   -4.944  -6.758  1.00 27.53 ? 106 HIS A N   1 
ATOM   837  C  CA  . HIS A 1 101 ? 6.240   -3.655  -7.158  1.00 27.04 ? 106 HIS A CA  1 
ATOM   838  C  C   . HIS A 1 101 ? 5.494   -2.508  -6.485  1.00 27.53 ? 106 HIS A C   1 
ATOM   839  O  O   . HIS A 1 101 ? 6.027   -1.401  -6.356  1.00 30.84 ? 106 HIS A O   1 
ATOM   840  C  CB  . HIS A 1 101 ? 6.189   -3.524  -8.681  1.00 31.55 ? 106 HIS A CB  1 
ATOM   841  C  CG  . HIS A 1 101 ? 6.577   -2.171  -9.190  1.00 40.72 ? 106 HIS A CG  1 
ATOM   842  N  ND1 . HIS A 1 101 ? 7.887   -1.804  -9.407  1.00 42.08 ? 106 HIS A ND1 1 
ATOM   843  C  CD2 . HIS A 1 101 ? 5.825   -1.096  -9.526  1.00 36.04 ? 106 HIS A CD2 1 
ATOM   844  C  CE1 . HIS A 1 101 ? 7.927   -0.562  -9.854  1.00 37.32 ? 106 HIS A CE1 1 
ATOM   845  N  NE2 . HIS A 1 101 ? 6.689   -0.109  -9.935  1.00 35.09 ? 106 HIS A NE2 1 
ATOM   846  N  N   . LEU A 1 102 ? 4.266   -2.762  -6.033  1.00 32.62 ? 107 LEU A N   1 
ATOM   847  C  CA  . LEU A 1 102 ? 3.502   -1.730  -5.339  1.00 30.90 ? 107 LEU A CA  1 
ATOM   848  C  C   . LEU A 1 102 ? 3.932   -1.615  -3.882  1.00 29.45 ? 107 LEU A C   1 
ATOM   849  O  O   . LEU A 1 102 ? 4.118   -0.509  -3.364  1.00 34.12 ? 107 LEU A O   1 
ATOM   850  C  CB  . LEU A 1 102 ? 2.007   -2.033  -5.436  1.00 30.22 ? 107 LEU A CB  1 
ATOM   851  C  CG  . LEU A 1 102 ? 1.067   -1.138  -4.626  1.00 33.94 ? 107 LEU A CG  1 
ATOM   852  C  CD1 . LEU A 1 102 ? 1.075   0.282   -5.161  1.00 33.42 ? 107 LEU A CD1 1 
ATOM   853  C  CD2 . LEU A 1 102 ? -0.340  -1.704  -4.622  1.00 31.57 ? 107 LEU A CD2 1 
ATOM   854  N  N   . GLU A 1 103 ? 4.102   -2.754  -3.204  1.00 25.14 ? 108 GLU A N   1 
ATOM   855  C  CA  . GLU A 1 103 ? 4.507   -2.725  -1.802  1.00 22.98 ? 108 GLU A CA  1 
ATOM   856  C  C   . GLU A 1 103 ? 5.901   -2.136  -1.639  1.00 27.66 ? 108 GLU A C   1 
ATOM   857  O  O   . GLU A 1 103 ? 6.164   -1.407  -0.678  1.00 35.43 ? 108 GLU A O   1 
ATOM   858  C  CB  . GLU A 1 103 ? 4.443   -4.127  -1.200  1.00 23.84 ? 108 GLU A CB  1 
ATOM   859  C  CG  . GLU A 1 103 ? 3.038   -4.674  -0.989  1.00 25.72 ? 108 GLU A CG  1 
ATOM   860  C  CD  . GLU A 1 103 ? 2.048   -3.628  -0.509  1.00 39.50 ? 108 GLU A CD  1 
ATOM   861  O  OE1 . GLU A 1 103 ? 1.449   -2.930  -1.356  1.00 44.59 ? 108 GLU A OE1 1 
ATOM   862  O  OE2 . GLU A 1 103 ? 1.861   -3.507  0.719   1.00 41.95 ? 108 GLU A OE2 1 
ATOM   863  N  N   . LYS A 1 104 ? 6.812   -2.450  -2.562  1.00 23.98 ? 109 LYS A N   1 
ATOM   864  C  CA  . LYS A 1 104 ? 8.151   -1.873  -2.492  1.00 24.27 ? 109 LYS A CA  1 
ATOM   865  C  C   . LYS A 1 104 ? 8.109   -0.360  -2.663  1.00 28.53 ? 109 LYS A C   1 
ATOM   866  O  O   . LYS A 1 104 ? 8.957   0.356   -2.120  1.00 29.13 ? 109 LYS A O   1 
ATOM   867  C  CB  . LYS A 1 104 ? 9.056   -2.513  -3.545  1.00 23.19 ? 109 LYS A CB  1 
ATOM   868  C  CG  . LYS A 1 104 ? 9.290   -3.997  -3.329  1.00 29.74 ? 109 LYS A CG  1 
ATOM   869  C  CD  . LYS A 1 104 ? 10.528  -4.481  -4.061  1.00 29.12 ? 109 LYS A CD  1 
ATOM   870  C  CE  . LYS A 1 104 ? 11.794  -4.041  -3.350  1.00 30.41 ? 109 LYS A CE  1 
ATOM   871  N  NZ  . LYS A 1 104 ? 13.013  -4.521  -4.047  1.00 32.88 ? 109 LYS A NZ  1 
ATOM   872  N  N   . ASN A 1 105 ? 7.130   0.145   -3.415  1.00 35.20 ? 110 ASN A N   1 
ATOM   873  C  CA  . ASN A 1 105 ? 6.984   1.588   -3.559  1.00 33.88 ? 110 ASN A CA  1 
ATOM   874  C  C   . ASN A 1 105 ? 6.380   2.212   -2.307  1.00 35.04 ? 110 ASN A C   1 
ATOM   875  O  O   . ASN A 1 105 ? 6.750   3.326   -1.920  1.00 40.32 ? 110 ASN A O   1 
ATOM   876  C  CB  . ASN A 1 105 ? 6.132   1.909   -4.784  1.00 35.85 ? 110 ASN A CB  1 
ATOM   877  C  CG  . ASN A 1 105 ? 6.954   2.444   -5.935  1.00 40.14 ? 110 ASN A CG  1 
ATOM   878  O  OD1 . ASN A 1 105 ? 7.788   3.329   -5.753  1.00 41.72 ? 110 ASN A OD1 1 
ATOM   879  N  ND2 . ASN A 1 105 ? 6.721   1.913   -7.128  1.00 39.27 ? 110 ASN A ND2 1 
ATOM   880  N  N   . VAL A 1 106 ? 5.439   1.513   -1.667  1.00 27.60 ? 111 VAL A N   1 
ATOM   881  C  CA  . VAL A 1 106 ? 4.886   1.994   -0.402  1.00 28.92 ? 111 VAL A CA  1 
ATOM   882  C  C   . VAL A 1 106 ? 5.959   1.991   0.679   1.00 34.86 ? 111 VAL A C   1 
ATOM   883  O  O   . VAL A 1 106 ? 6.045   2.919   1.492   1.00 40.90 ? 111 VAL A O   1 
ATOM   884  C  CB  . VAL A 1 106 ? 3.665   1.148   0.004   1.00 30.57 ? 111 VAL A CB  1 
ATOM   885  C  CG1 . VAL A 1 106 ? 3.136   1.586   1.355   1.00 29.15 ? 111 VAL A CG1 1 
ATOM   886  C  CG2 . VAL A 1 106 ? 2.578   1.247   -1.046  1.00 35.15 ? 111 VAL A CG2 1 
ATOM   887  N  N   . ASN A 1 107 ? 6.791   0.949   0.707   1.00 36.50 ? 112 ASN A N   1 
ATOM   888  C  CA  . ASN A 1 107 ? 7.862   0.874   1.696   1.00 30.52 ? 112 ASN A CA  1 
ATOM   889  C  C   . ASN A 1 107 ? 8.879   1.990   1.499   1.00 31.42 ? 112 ASN A C   1 
ATOM   890  O  O   . ASN A 1 107 ? 9.418   2.525   2.474   1.00 38.98 ? 112 ASN A O   1 
ATOM   891  C  CB  . ASN A 1 107 ? 8.547   -0.488  1.625   1.00 29.56 ? 112 ASN A CB  1 
ATOM   892  C  CG  . ASN A 1 107 ? 9.449   -0.743  2.808   1.00 37.34 ? 112 ASN A CG  1 
ATOM   893  O  OD1 . ASN A 1 107 ? 9.167   -0.305  3.921   1.00 38.89 ? 112 ASN A OD1 1 
ATOM   894  N  ND2 . ASN A 1 107 ? 10.550  -1.444  2.573   1.00 35.43 ? 112 ASN A ND2 1 
ATOM   895  N  N   . GLN A 1 108 ? 9.166   2.346   0.246   1.00 27.16 ? 113 GLN A N   1 
ATOM   896  C  CA  . GLN A 1 108 ? 10.096  3.440   -0.014  1.00 25.31 ? 113 GLN A CA  1 
ATOM   897  C  C   . GLN A 1 108 ? 9.569   4.758   0.537   1.00 37.13 ? 113 GLN A C   1 
ATOM   898  O  O   . GLN A 1 108 ? 10.337  5.569   1.064   1.00 43.77 ? 113 GLN A O   1 
ATOM   899  C  CB  . GLN A 1 108 ? 10.363  3.561   -1.513  1.00 33.32 ? 113 GLN A CB  1 
ATOM   900  C  CG  . GLN A 1 108 ? 11.482  4.520   -1.860  1.00 36.12 ? 113 GLN A CG  1 
ATOM   901  C  CD  . GLN A 1 108 ? 12.785  4.166   -1.179  1.00 46.76 ? 113 GLN A CD  1 
ATOM   902  O  OE1 . GLN A 1 108 ? 13.255  3.032   -1.264  1.00 47.98 ? 113 GLN A OE1 1 
ATOM   903  N  NE2 . GLN A 1 108 ? 13.375  5.137   -0.492  1.00 43.23 ? 113 GLN A NE2 1 
ATOM   904  N  N   . SER A 1 109 ? 8.261   4.990   0.422   1.00 35.90 ? 114 SER A N   1 
ATOM   905  C  CA  . SER A 1 109 ? 7.691   6.244   0.904   1.00 32.25 ? 114 SER A CA  1 
ATOM   906  C  C   . SER A 1 109 ? 7.731   6.324   2.425   1.00 33.32 ? 114 SER A C   1 
ATOM   907  O  O   . SER A 1 109 ? 7.811   7.417   2.994   1.00 39.35 ? 114 SER A O   1 
ATOM   908  C  CB  . SER A 1 109 ? 6.260   6.396   0.394   1.00 36.19 ? 114 SER A CB  1 
ATOM   909  O  OG  . SER A 1 109 ? 5.388   5.498   1.052   1.00 42.72 ? 114 SER A OG  1 
ATOM   910  N  N   . LEU A 1 110 ? 7.671   5.175   3.102   1.00 24.63 ? 115 LEU A N   1 
ATOM   911  C  CA  . LEU A 1 110 ? 7.751   5.179   4.559   1.00 28.16 ? 115 LEU A CA  1 
ATOM   912  C  C   . LEU A 1 110 ? 9.176   5.433   5.032   1.00 33.07 ? 115 LEU A C   1 
ATOM   913  O  O   . LEU A 1 110 ? 9.388   6.006   6.105   1.00 37.22 ? 115 LEU A O   1 
ATOM   914  C  CB  . LEU A 1 110 ? 7.232   3.857   5.121   1.00 29.34 ? 115 LEU A CB  1 
ATOM   915  C  CG  . LEU A 1 110 ? 5.729   3.605   5.022   1.00 29.44 ? 115 LEU A CG  1 
ATOM   916  C  CD1 . LEU A 1 110 ? 5.433   2.124   5.193   1.00 30.43 ? 115 LEU A CD1 1 
ATOM   917  C  CD2 . LEU A 1 110 ? 4.970   4.430   6.042   1.00 30.92 ? 115 LEU A CD2 1 
ATOM   918  N  N   . LEU A 1 111 ? 10.168  5.002   4.251   1.00 30.33 ? 116 LEU A N   1 
ATOM   919  C  CA  . LEU A 1 111 ? 11.557  5.203   4.647   1.00 30.29 ? 116 LEU A CA  1 
ATOM   920  C  C   . LEU A 1 111 ? 11.925  6.681   4.665   1.00 31.24 ? 116 LEU A C   1 
ATOM   921  O  O   . LEU A 1 111 ? 12.616  7.142   5.580   1.00 42.06 ? 116 LEU A O   1 
ATOM   922  C  CB  . LEU A 1 111 ? 12.491  4.424   3.720   1.00 37.03 ? 116 LEU A CB  1 
ATOM   923  C  CG  . LEU A 1 111 ? 12.352  2.902   3.764   1.00 35.33 ? 116 LEU A CG  1 
ATOM   924  C  CD1 . LEU A 1 111 ? 13.225  2.242   2.710   1.00 35.73 ? 116 LEU A CD1 1 
ATOM   925  C  CD2 . LEU A 1 111 ? 12.693  2.377   5.145   1.00 30.44 ? 116 LEU A CD2 1 
ATOM   926  N  N   . GLU A 1 112 ? 11.484  7.441   3.662   1.00 28.28 ? 117 GLU A N   1 
ATOM   927  C  CA  . GLU A 1 112 ? 11.750  8.876   3.673   1.00 39.25 ? 117 GLU A CA  1 
ATOM   928  C  C   . GLU A 1 112 ? 10.805  9.600   4.622   1.00 39.98 ? 117 GLU A C   1 
ATOM   929  O  O   . GLU A 1 112 ? 11.114  10.696  5.101   1.00 44.91 ? 117 GLU A O   1 
ATOM   930  C  CB  . GLU A 1 112 ? 11.645  9.455   2.266   1.00 36.02 ? 117 GLU A CB  1 
ATOM   931  C  CG  . GLU A 1 112 ? 10.430  9.012   1.493   1.00 39.76 ? 117 GLU A CG  1 
ATOM   932  C  CD  . GLU A 1 112 ? 10.737  8.792   0.033   1.00 46.53 ? 117 GLU A CD  1 
ATOM   933  O  OE1 . GLU A 1 112 ? 11.528  7.879   -0.278  1.00 43.33 ? 117 GLU A OE1 1 
ATOM   934  O  OE2 . GLU A 1 112 ? 10.205  9.550   -0.803  1.00 48.69 ? 117 GLU A OE2 1 
ATOM   935  N  N   . LEU A 1 113 ? 9.639   9.012   4.889   1.00 33.75 ? 118 LEU A N   1 
ATOM   936  C  CA  . LEU A 1 113 ? 8.776   9.543   5.936   1.00 32.78 ? 118 LEU A CA  1 
ATOM   937  C  C   . LEU A 1 113 ? 9.418   9.359   7.305   1.00 38.59 ? 118 LEU A C   1 
ATOM   938  O  O   . LEU A 1 113 ? 9.290   10.219  8.183   1.00 38.28 ? 118 LEU A O   1 
ATOM   939  C  CB  . LEU A 1 113 ? 7.406   8.870   5.876   1.00 30.66 ? 118 LEU A CB  1 
ATOM   940  C  CG  . LEU A 1 113 ? 6.386   9.215   6.960   1.00 28.92 ? 118 LEU A CG  1 
ATOM   941  C  CD1 . LEU A 1 113 ? 5.992   10.673  6.869   1.00 32.75 ? 118 LEU A CD1 1 
ATOM   942  C  CD2 . LEU A 1 113 ? 5.166   8.326   6.833   1.00 28.60 ? 118 LEU A CD2 1 
ATOM   943  N  N   . HIS A 1 114 ? 10.123  8.242   7.500   1.00 38.76 ? 119 HIS A N   1 
ATOM   944  C  CA  . HIS A 1 114 ? 10.889  8.050   8.727   1.00 32.43 ? 119 HIS A CA  1 
ATOM   945  C  C   . HIS A 1 114 ? 12.138  8.921   8.736   1.00 31.66 ? 119 HIS A C   1 
ATOM   946  O  O   . HIS A 1 114 ? 12.638  9.291   9.804   1.00 42.06 ? 119 HIS A O   1 
ATOM   947  C  CB  . HIS A 1 114 ? 11.266  6.577   8.884   1.00 33.20 ? 119 HIS A CB  1 
ATOM   948  C  CG  . HIS A 1 114 ? 11.824  6.236   10.230  1.00 37.19 ? 119 HIS A CG  1 
ATOM   949  N  ND1 . HIS A 1 114 ? 13.133  6.488   10.577  1.00 36.12 ? 119 HIS A ND1 1 
ATOM   950  C  CD2 . HIS A 1 114 ? 11.254  5.654   11.311  1.00 37.97 ? 119 HIS A CD2 1 
ATOM   951  C  CE1 . HIS A 1 114 ? 13.344  6.083   11.817  1.00 34.71 ? 119 HIS A CE1 1 
ATOM   952  N  NE2 . HIS A 1 114 ? 12.220  5.572   12.284  1.00 35.48 ? 119 HIS A NE2 1 
ATOM   953  N  N   . LYS A 1 115 ? 12.658  9.256   7.555   1.00 30.91 ? 120 LYS A N   1 
ATOM   954  C  CA  . LYS A 1 115 ? 13.851  10.094  7.484   1.00 29.30 ? 120 LYS A CA  1 
ATOM   955  C  C   . LYS A 1 115 ? 13.511  11.557  7.726   1.00 33.73 ? 120 LYS A C   1 
ATOM   956  O  O   . LYS A 1 115 ? 14.395  12.365  8.035   1.00 42.47 ? 120 LYS A O   1 
ATOM   957  C  CB  . LYS A 1 115 ? 14.527  9.920   6.126   1.00 30.90 ? 120 LYS A CB  1 
ATOM   958  C  CG  . LYS A 1 115 ? 15.995  10.287  6.107   1.00 38.47 ? 120 LYS A CG  1 
ATOM   959  C  CD  . LYS A 1 115 ? 16.260  11.395  5.104   1.00 38.62 ? 120 LYS A CD  1 
ATOM   960  C  CE  . LYS A 1 115 ? 17.652  11.971  5.268   1.00 40.70 ? 120 LYS A CE  1 
ATOM   961  N  NZ  . LYS A 1 115 ? 17.809  13.249  4.522   1.00 44.50 ? 120 LYS A NZ  1 
ATOM   962  N  N   . LEU A 1 116 ? 12.234  11.917  7.603   1.00 32.14 ? 121 LEU A N   1 
ATOM   963  C  CA  . LEU A 1 116 ? 11.832  13.297  7.845   1.00 37.87 ? 121 LEU A CA  1 
ATOM   964  C  C   . LEU A 1 116 ? 11.517  13.521  9.317   1.00 39.52 ? 121 LEU A C   1 
ATOM   965  O  O   . LEU A 1 116 ? 11.818  14.585  9.871   1.00 40.22 ? 121 LEU A O   1 
ATOM   966  C  CB  . LEU A 1 116 ? 10.632  13.652  6.971   1.00 35.43 ? 121 LEU A CB  1 
ATOM   967  C  CG  . LEU A 1 116 ? 10.004  15.025  7.197   1.00 34.95 ? 121 LEU A CG  1 
ATOM   968  C  CD1 . LEU A 1 116 ? 10.929  16.128  6.712   1.00 38.69 ? 121 LEU A CD1 1 
ATOM   969  C  CD2 . LEU A 1 116 ? 8.665   15.105  6.502   1.00 36.80 ? 121 LEU A CD2 1 
ATOM   970  N  N   . ALA A 1 117 ? 10.910  12.527  9.968   1.00 34.83 ? 122 ALA A N   1 
ATOM   971  C  CA  . ALA A 1 117 ? 10.670  12.619  11.403  1.00 31.68 ? 122 ALA A CA  1 
ATOM   972  C  C   . ALA A 1 117 ? 11.980  12.697  12.176  1.00 38.26 ? 122 ALA A C   1 
ATOM   973  O  O   . ALA A 1 117 ? 12.088  13.445  13.154  1.00 42.49 ? 122 ALA A O   1 
ATOM   974  C  CB  . ALA A 1 117 ? 9.836   11.429  11.871  1.00 31.16 ? 122 ALA A CB  1 
ATOM   975  N  N   . THR A 1 118 ? 12.986  11.925  11.756  1.00 39.07 ? 123 THR A N   1 
ATOM   976  C  CA  . THR A 1 118 ? 14.286  11.973  12.416  1.00 36.97 ? 123 THR A CA  1 
ATOM   977  C  C   . THR A 1 118 ? 14.936  13.343  12.265  1.00 40.61 ? 123 THR A C   1 
ATOM   978  O  O   . THR A 1 118 ? 15.478  13.892  13.231  1.00 45.19 ? 123 THR A O   1 
ATOM   979  C  CB  . THR A 1 118 ? 15.197  10.883  11.853  1.00 32.32 ? 123 THR A CB  1 
ATOM   980  O  OG1 . THR A 1 118 ? 14.617  9.598   12.104  1.00 36.91 ? 123 THR A OG1 1 
ATOM   981  C  CG2 . THR A 1 118 ? 16.565  10.941  12.506  1.00 34.73 ? 123 THR A CG2 1 
ATOM   982  N  N   . ASP A 1 119 ? 14.889  13.915  11.058  1.00 37.93 ? 124 ASP A N   1 
ATOM   983  C  CA  . ASP A 1 119 ? 15.462  15.240  10.841  1.00 38.55 ? 124 ASP A CA  1 
ATOM   984  C  C   . ASP A 1 119 ? 14.742  16.295  11.669  1.00 42.28 ? 124 ASP A C   1 
ATOM   985  O  O   . ASP A 1 119 ? 15.370  17.227  12.185  1.00 44.36 ? 124 ASP A O   1 
ATOM   986  C  CB  . ASP A 1 119 ? 15.409  15.598  9.356   1.00 43.14 ? 124 ASP A CB  1 
ATOM   987  C  CG  . ASP A 1 119 ? 16.300  14.710  8.510   1.00 49.54 ? 124 ASP A CG  1 
ATOM   988  O  OD1 . ASP A 1 119 ? 16.108  14.678  7.276   1.00 47.30 ? 124 ASP A OD1 1 
ATOM   989  O  OD2 . ASP A 1 119 ? 17.192  14.045  9.075   1.00 47.70 ? 124 ASP A OD2 1 
ATOM   990  N  N   . LYS A 1 120 ? 13.422  16.175  11.793  1.00 41.11 ? 125 LYS A N   1 
ATOM   991  C  CA  . LYS A 1 120 ? 12.610  17.084  12.591  1.00 38.75 ? 125 LYS A CA  1 
ATOM   992  C  C   . LYS A 1 120 ? 12.733  16.835  14.089  1.00 42.11 ? 125 LYS A C   1 
ATOM   993  O  O   . LYS A 1 120 ? 12.138  17.587  14.869  1.00 43.62 ? 125 LYS A O   1 
ATOM   994  C  CB  . LYS A 1 120 ? 11.140  16.985  12.172  1.00 36.63 ? 125 LYS A CB  1 
ATOM   995  C  CG  . LYS A 1 120 ? 10.814  17.586  10.807  1.00 35.16 ? 125 LYS A CG  1 
ATOM   996  C  CD  . LYS A 1 120 ? 11.855  18.600  10.361  1.00 38.17 ? 125 LYS A CD  1 
ATOM   997  C  CE  . LYS A 1 120 ? 11.546  19.130  8.975   1.00 39.02 ? 125 LYS A CE  1 
ATOM   998  N  NZ  . LYS A 1 120 ? 12.606  20.053  8.491   1.00 43.16 ? 125 LYS A NZ  1 
ATOM   999  N  N   . ASN A 1 121 ? 13.469  15.802  14.499  1.00 41.82 ? 126 ASN A N   1 
ATOM   1000 C  CA  . ASN A 1 121 ? 13.593  15.424  15.907  1.00 40.26 ? 126 ASN A CA  1 
ATOM   1001 C  C   . ASN A 1 121 ? 12.228  15.092  16.505  1.00 41.22 ? 126 ASN A C   1 
ATOM   1002 O  O   . ASN A 1 121 ? 11.870  15.552  17.589  1.00 44.80 ? 126 ASN A O   1 
ATOM   1003 C  CB  . ASN A 1 121 ? 14.297  16.513  16.719  1.00 38.05 ? 126 ASN A CB  1 
ATOM   1004 C  CG  . ASN A 1 121 ? 15.723  16.750  16.264  1.00 41.61 ? 126 ASN A CG  1 
ATOM   1005 O  OD1 . ASN A 1 121 ? 16.227  17.870  16.320  1.00 44.76 ? 126 ASN A OD1 1 
ATOM   1006 N  ND2 . ASN A 1 121 ? 16.383  15.690  15.812  1.00 40.50 ? 126 ASN A ND2 1 
ATOM   1007 N  N   . ASP A 1 122 ? 11.453  14.287  15.775  1.00 31.94 ? 127 ASP A N   1 
ATOM   1008 C  CA  . ASP A 1 122 ? 10.138  13.855  16.221  1.00 34.67 ? 127 ASP A CA  1 
ATOM   1009 C  C   . ASP A 1 122 ? 10.221  12.390  16.621  1.00 34.76 ? 127 ASP A C   1 
ATOM   1010 O  O   . ASP A 1 122 ? 9.956   11.510  15.789  1.00 37.06 ? 127 ASP A O   1 
ATOM   1011 C  CB  . ASP A 1 122 ? 9.105   14.056  15.109  1.00 37.28 ? 127 ASP A CB  1 
ATOM   1012 C  CG  . ASP A 1 122 ? 7.679   14.018  15.618  1.00 40.22 ? 127 ASP A CG  1 
ATOM   1013 O  OD1 . ASP A 1 122 ? 7.399   13.276  16.582  1.00 40.46 ? 127 ASP A OD1 1 
ATOM   1014 O  OD2 . ASP A 1 122 ? 6.832   14.736  15.050  1.00 39.92 ? 127 ASP A OD2 1 
ATOM   1015 N  N   . PRO A 1 123 ? 10.562  12.069  17.872  1.00 35.07 ? 128 PRO A N   1 
ATOM   1016 C  CA  . PRO A 1 123 ? 10.771  10.654  18.218  1.00 32.05 ? 128 PRO A CA  1 
ATOM   1017 C  C   . PRO A 1 123 ? 9.484   9.860   18.330  1.00 31.68 ? 128 PRO A C   1 
ATOM   1018 O  O   . PRO A 1 123 ? 9.510   8.635   18.166  1.00 36.00 ? 128 PRO A O   1 
ATOM   1019 C  CB  . PRO A 1 123 ? 11.516  10.735  19.555  1.00 32.77 ? 128 PRO A CB  1 
ATOM   1020 C  CG  . PRO A 1 123 ? 11.075  12.015  20.155  1.00 30.87 ? 128 PRO A CG  1 
ATOM   1021 C  CD  . PRO A 1 123 ? 10.736  12.958  19.032  1.00 32.07 ? 128 PRO A CD  1 
ATOM   1022 N  N   . HIS A 1 124 ? 8.359   10.512  18.623  1.00 33.30 ? 129 HIS A N   1 
ATOM   1023 C  CA  . HIS A 1 124 ? 7.093   9.789   18.683  1.00 35.16 ? 129 HIS A CA  1 
ATOM   1024 C  C   . HIS A 1 124 ? 6.648   9.345   17.295  1.00 42.15 ? 129 HIS A C   1 
ATOM   1025 O  O   . HIS A 1 124 ? 6.121   8.240   17.127  1.00 43.81 ? 129 HIS A O   1 
ATOM   1026 C  CB  . HIS A 1 124 ? 6.017   10.653  19.337  1.00 32.68 ? 129 HIS A CB  1 
ATOM   1027 C  CG  . HIS A 1 124 ? 4.643   10.066  19.251  1.00 37.47 ? 129 HIS A CG  1 
ATOM   1028 N  ND1 . HIS A 1 124 ? 3.720   10.462  18.309  1.00 40.05 ? 129 HIS A ND1 1 
ATOM   1029 C  CD2 . HIS A 1 124 ? 4.035   9.107   19.990  1.00 34.45 ? 129 HIS A CD2 1 
ATOM   1030 C  CE1 . HIS A 1 124 ? 2.605   9.773   18.469  1.00 36.11 ? 129 HIS A CE1 1 
ATOM   1031 N  NE2 . HIS A 1 124 ? 2.770   8.945   19.483  1.00 34.94 ? 129 HIS A NE2 1 
ATOM   1032 N  N   . LEU A 1 125 ? 6.851   10.198  16.289  1.00 36.09 ? 130 LEU A N   1 
ATOM   1033 C  CA  . LEU A 1 125 ? 6.471   9.848   14.924  1.00 28.39 ? 130 LEU A CA  1 
ATOM   1034 C  C   . LEU A 1 125 ? 7.373   8.752   14.368  1.00 36.77 ? 130 LEU A C   1 
ATOM   1035 O  O   . LEU A 1 125 ? 6.923   7.891   13.603  1.00 45.07 ? 130 LEU A O   1 
ATOM   1036 C  CB  . LEU A 1 125 ? 6.515   11.092  14.038  1.00 27.82 ? 130 LEU A CB  1 
ATOM   1037 C  CG  . LEU A 1 125 ? 6.123   10.932  12.570  1.00 33.83 ? 130 LEU A CG  1 
ATOM   1038 C  CD1 . LEU A 1 125 ? 4.706   10.399  12.453  1.00 37.28 ? 130 LEU A CD1 1 
ATOM   1039 C  CD2 . LEU A 1 125 ? 6.267   12.250  11.828  1.00 33.69 ? 130 LEU A CD2 1 
ATOM   1040 N  N   . CYS A 1 126 ? 8.656   8.768   14.741  1.00 33.44 ? 131 CYS A N   1 
ATOM   1041 C  CA  . CYS A 1 126 ? 9.575   7.719   14.308  1.00 27.43 ? 131 CYS A CA  1 
ATOM   1042 C  C   . CYS A 1 126 ? 9.145   6.358   14.839  1.00 31.28 ? 131 CYS A C   1 
ATOM   1043 O  O   . CYS A 1 126 ? 9.206   5.351   14.127  1.00 40.45 ? 131 CYS A O   1 
ATOM   1044 C  CB  . CYS A 1 126 ? 10.999  8.036   14.768  1.00 30.94 ? 131 CYS A CB  1 
ATOM   1045 S  SG  . CYS A 1 126 ? 11.776  9.452   13.981  1.00 40.99 ? 131 CYS A SG  1 
ATOM   1046 N  N   . ASP A 1 127 ? 8.714   6.309   16.100  1.00 30.89 ? 132 ASP A N   1 
ATOM   1047 C  CA  . ASP A 1 127 ? 8.323   5.035   16.694  1.00 35.56 ? 132 ASP A CA  1 
ATOM   1048 C  C   . ASP A 1 127 ? 6.989   4.551   16.139  1.00 39.03 ? 132 ASP A C   1 
ATOM   1049 O  O   . ASP A 1 127 ? 6.695   3.352   16.172  1.00 40.19 ? 132 ASP A O   1 
ATOM   1050 C  CB  . ASP A 1 127 ? 8.252   5.165   18.214  1.00 36.93 ? 132 ASP A CB  1 
ATOM   1051 C  CG  . ASP A 1 127 ? 8.249   3.822   18.911  1.00 42.63 ? 132 ASP A CG  1 
ATOM   1052 O  OD1 . ASP A 1 127 ? 9.190   3.032   18.688  1.00 44.00 ? 132 ASP A OD1 1 
ATOM   1053 O  OD2 . ASP A 1 127 ? 7.299   3.550   19.675  1.00 41.81 ? 132 ASP A OD2 1 
ATOM   1054 N  N   . PHE A 1 128 ? 6.168   5.468   15.628  1.00 36.41 ? 133 PHE A N   1 
ATOM   1055 C  CA  . PHE A 1 128 ? 4.871   5.074   15.091  1.00 34.76 ? 133 PHE A CA  1 
ATOM   1056 C  C   . PHE A 1 128 ? 5.030   4.376   13.748  1.00 35.93 ? 133 PHE A C   1 
ATOM   1057 O  O   . PHE A 1 128 ? 4.277   3.452   13.419  1.00 40.63 ? 133 PHE A O   1 
ATOM   1058 C  CB  . PHE A 1 128 ? 3.965   6.299   14.962  1.00 33.89 ? 133 PHE A CB  1 
ATOM   1059 C  CG  . PHE A 1 128 ? 2.639   6.007   14.323  1.00 37.07 ? 133 PHE A CG  1 
ATOM   1060 C  CD1 . PHE A 1 128 ? 1.642   5.358   15.030  1.00 33.69 ? 133 PHE A CD1 1 
ATOM   1061 C  CD2 . PHE A 1 128 ? 2.395   6.368   13.011  1.00 35.72 ? 133 PHE A CD2 1 
ATOM   1062 C  CE1 . PHE A 1 128 ? 0.426   5.085   14.442  1.00 32.28 ? 133 PHE A CE1 1 
ATOM   1063 C  CE2 . PHE A 1 128 ? 1.181   6.097   12.419  1.00 33.47 ? 133 PHE A CE2 1 
ATOM   1064 C  CZ  . PHE A 1 128 ? 0.196   5.455   13.134  1.00 33.66 ? 133 PHE A CZ  1 
ATOM   1065 N  N   . ILE A 1 129 ? 6.018   4.800   12.960  1.00 33.52 ? 134 ILE A N   1 
ATOM   1066 C  CA  . ILE A 1 129 ? 6.270   4.169   11.669  1.00 30.17 ? 134 ILE A CA  1 
ATOM   1067 C  C   . ILE A 1 129 ? 6.939   2.814   11.863  1.00 34.22 ? 134 ILE A C   1 
ATOM   1068 O  O   . ILE A 1 129 ? 6.626   1.843   11.168  1.00 42.76 ? 134 ILE A O   1 
ATOM   1069 C  CB  . ILE A 1 129 ? 7.119   5.096   10.783  1.00 29.52 ? 134 ILE A CB  1 
ATOM   1070 C  CG1 . ILE A 1 129 ? 6.443   6.458   10.639  1.00 29.46 ? 134 ILE A CG1 1 
ATOM   1071 C  CG2 . ILE A 1 129 ? 7.353   4.471   9.420   1.00 34.85 ? 134 ILE A CG2 1 
ATOM   1072 C  CD1 . ILE A 1 129 ? 7.354   7.529   10.106  1.00 33.89 ? 134 ILE A CD1 1 
ATOM   1073 N  N   . GLU A 1 130 ? 7.865   2.730   12.818  1.00 35.85 ? 135 GLU A N   1 
ATOM   1074 C  CA  . GLU A 1 130 ? 8.608   1.493   13.033  1.00 34.88 ? 135 GLU A CA  1 
ATOM   1075 C  C   . GLU A 1 130 ? 7.709   0.396   13.587  1.00 36.77 ? 135 GLU A C   1 
ATOM   1076 O  O   . GLU A 1 130 ? 7.878   -0.785  13.265  1.00 40.67 ? 135 GLU A O   1 
ATOM   1077 C  CB  . GLU A 1 130 ? 9.783   1.750   13.974  1.00 35.91 ? 135 GLU A CB  1 
ATOM   1078 C  CG  . GLU A 1 130 ? 10.871  2.618   13.378  1.00 37.56 ? 135 GLU A CG  1 
ATOM   1079 C  CD  . GLU A 1 130 ? 11.790  3.201   14.431  1.00 43.85 ? 135 GLU A CD  1 
ATOM   1080 O  OE1 . GLU A 1 130 ? 12.596  4.090   14.090  1.00 41.40 ? 135 GLU A OE1 1 
ATOM   1081 O  OE2 . GLU A 1 130 ? 11.698  2.783   15.603  1.00 42.90 ? 135 GLU A OE2 1 
ATOM   1082 N  N   . THR A 1 131 ? 6.746   0.767   14.429  1.00 35.23 ? 136 THR A N   1 
ATOM   1083 C  CA  . THR A 1 131 ? 5.921   -0.235  15.094  1.00 39.81 ? 136 THR A CA  1 
ATOM   1084 C  C   . THR A 1 131 ? 4.797   -0.722  14.186  1.00 42.49 ? 136 THR A C   1 
ATOM   1085 O  O   . THR A 1 131 ? 4.454   -1.910  14.183  1.00 42.94 ? 136 THR A O   1 
ATOM   1086 C  CB  . THR A 1 131 ? 5.359   0.331   16.398  1.00 39.30 ? 136 THR A CB  1 
ATOM   1087 O  OG1 . THR A 1 131 ? 6.441   0.715   17.255  1.00 43.36 ? 136 THR A OG1 1 
ATOM   1088 C  CG2 . THR A 1 131 ? 4.511   -0.709  17.110  1.00 36.65 ? 136 THR A CG2 1 
ATOM   1089 N  N   . HIS A 1 132 ? 4.216   0.180   13.391  1.00 37.13 ? 137 HIS A N   1 
ATOM   1090 C  CA  . HIS A 1 132 ? 2.989   -0.172  12.684  1.00 35.58 ? 137 HIS A CA  1 
ATOM   1091 C  C   . HIS A 1 132 ? 3.195   -0.324  11.180  1.00 38.89 ? 137 HIS A C   1 
ATOM   1092 O  O   . HIS A 1 132 ? 2.350   -0.921  10.505  1.00 46.21 ? 137 HIS A O   1 
ATOM   1093 C  CB  . HIS A 1 132 ? 1.909   0.874   12.960  1.00 34.91 ? 137 HIS A CB  1 
ATOM   1094 C  CG  . HIS A 1 132 ? 1.676   1.133   14.415  1.00 38.63 ? 137 HIS A CG  1 
ATOM   1095 N  ND1 . HIS A 1 132 ? 2.277   2.170   15.092  1.00 41.52 ? 137 HIS A ND1 1 
ATOM   1096 C  CD2 . HIS A 1 132 ? 0.908   0.487   15.324  1.00 36.07 ? 137 HIS A CD2 1 
ATOM   1097 C  CE1 . HIS A 1 132 ? 1.891   2.152   16.354  1.00 40.20 ? 137 HIS A CE1 1 
ATOM   1098 N  NE2 . HIS A 1 132 ? 1.060   1.140   16.522  1.00 38.66 ? 137 HIS A NE2 1 
ATOM   1099 N  N   . TYR A 1 133 ? 4.286   0.206   10.629  1.00 37.41 ? 138 TYR A N   1 
ATOM   1100 C  CA  . TYR A 1 133 ? 4.428   0.235   9.176   1.00 36.26 ? 138 TYR A CA  1 
ATOM   1101 C  C   . TYR A 1 133 ? 5.715   -0.399  8.664   1.00 34.87 ? 138 TYR A C   1 
ATOM   1102 O  O   . TYR A 1 133 ? 5.687   -1.104  7.653   1.00 41.53 ? 138 TYR A O   1 
ATOM   1103 C  CB  . TYR A 1 133 ? 4.316   1.681   8.680   1.00 29.92 ? 138 TYR A CB  1 
ATOM   1104 C  CG  . TYR A 1 133 ? 2.937   2.253   8.890   1.00 32.61 ? 138 TYR A CG  1 
ATOM   1105 C  CD1 . TYR A 1 133 ? 1.897   1.938   8.031   1.00 42.50 ? 138 TYR A CD1 1 
ATOM   1106 C  CD2 . TYR A 1 133 ? 2.667   3.078   9.969   1.00 30.49 ? 138 TYR A CD2 1 
ATOM   1107 C  CE1 . TYR A 1 133 ? 0.632   2.446   8.227   1.00 39.90 ? 138 TYR A CE1 1 
ATOM   1108 C  CE2 . TYR A 1 133 ? 1.404   3.589   10.174  1.00 36.10 ? 138 TYR A CE2 1 
ATOM   1109 C  CZ  . TYR A 1 133 ? 0.391   3.269   9.301   1.00 39.90 ? 138 TYR A CZ  1 
ATOM   1110 O  OH  . TYR A 1 133 ? -0.870  3.777   9.502   1.00 38.68 ? 138 TYR A OH  1 
ATOM   1111 N  N   . LEU A 1 134 ? 6.846   -0.171  9.333   1.00 35.19 ? 139 LEU A N   1 
ATOM   1112 C  CA  . LEU A 1 134 ? 8.112   -0.685  8.816   1.00 28.56 ? 139 LEU A CA  1 
ATOM   1113 C  C   . LEU A 1 134 ? 8.194   -2.198  8.953   1.00 26.91 ? 139 LEU A C   1 
ATOM   1114 O  O   . LEU A 1 134 ? 8.703   -2.889  8.064   1.00 28.61 ? 139 LEU A O   1 
ATOM   1115 C  CB  . LEU A 1 134 ? 9.285   -0.015  9.528   1.00 27.81 ? 139 LEU A CB  1 
ATOM   1116 C  CG  . LEU A 1 134 ? 9.560   1.441   9.157   1.00 34.11 ? 139 LEU A CG  1 
ATOM   1117 C  CD1 . LEU A 1 134 ? 10.898  1.884   9.714   1.00 32.38 ? 139 LEU A CD1 1 
ATOM   1118 C  CD2 . LEU A 1 134 ? 9.512   1.636   7.653   1.00 27.23 ? 139 LEU A CD2 1 
ATOM   1119 N  N   . ASN A 1 135 ? 7.701   -2.733  10.071  1.00 38.21 ? 140 ASN A N   1 
ATOM   1120 C  CA  . ASN A 1 135 ? 7.779   -4.170  10.300  1.00 34.33 ? 140 ASN A CA  1 
ATOM   1121 C  C   . ASN A 1 135 ? 6.850   -4.938  9.367   1.00 35.05 ? 140 ASN A C   1 
ATOM   1122 O  O   . ASN A 1 135 ? 7.197   -6.026  8.896   1.00 37.77 ? 140 ASN A O   1 
ATOM   1123 C  CB  . ASN A 1 135 ? 7.453   -4.482  11.760  1.00 38.49 ? 140 ASN A CB  1 
ATOM   1124 C  CG  . ASN A 1 135 ? 6.114   -3.916  12.193  1.00 44.79 ? 140 ASN A CG  1 
ATOM   1125 O  OD1 . ASN A 1 135 ? 5.635   -2.927  11.638  1.00 41.51 ? 140 ASN A OD1 1 
ATOM   1126 N  ND2 . ASN A 1 135 ? 5.500   -4.544  13.190  1.00 40.85 ? 140 ASN A ND2 1 
ATOM   1127 N  N   . GLU A 1 136 ? 5.667   -4.388  9.086   1.00 40.19 ? 141 GLU A N   1 
ATOM   1128 C  CA  . GLU A 1 136 ? 4.687   -5.116  8.286   1.00 34.60 ? 141 GLU A CA  1 
ATOM   1129 C  C   . GLU A 1 136 ? 4.947   -4.953  6.795   1.00 30.23 ? 141 GLU A C   1 
ATOM   1130 O  O   . GLU A 1 136 ? 4.381   -5.687  5.977   1.00 35.56 ? 141 GLU A O   1 
ATOM   1131 C  CB  . GLU A 1 136 ? 3.273   -4.652  8.644   1.00 37.61 ? 141 GLU A CB  1 
ATOM   1132 C  CG  . GLU A 1 136 ? 2.978   -3.188  8.321   1.00 40.80 ? 141 GLU A CG  1 
ATOM   1133 C  CD  . GLU A 1 136 ? 2.500   -2.965  6.895   1.00 45.13 ? 141 GLU A CD  1 
ATOM   1134 O  OE1 . GLU A 1 136 ? 1.931   -3.903  6.299   1.00 47.04 ? 141 GLU A OE1 1 
ATOM   1135 O  OE2 . GLU A 1 136 ? 2.691   -1.847  6.371   1.00 39.61 ? 141 GLU A OE2 1 
ATOM   1136 N  N   . GLN A 1 137 ? 5.792   -3.995  6.418   1.00 29.09 ? 142 GLN A N   1 
ATOM   1137 C  CA  . GLN A 1 137 ? 6.088   -3.806  5.003   1.00 26.66 ? 142 GLN A CA  1 
ATOM   1138 C  C   . GLN A 1 137 ? 7.157   -4.782  4.532   1.00 32.35 ? 142 GLN A C   1 
ATOM   1139 O  O   . GLN A 1 137 ? 7.306   -5.019  3.330   1.00 36.22 ? 142 GLN A O   1 
ATOM   1140 C  CB  . GLN A 1 137 ? 6.530   -2.366  4.746   1.00 29.60 ? 142 GLN A CB  1 
ATOM   1141 C  CG  . GLN A 1 137 ? 5.437   -1.458  4.209   1.00 30.03 ? 142 GLN A CG  1 
ATOM   1142 C  CD  . GLN A 1 137 ? 4.733   -2.032  2.999   1.00 37.50 ? 142 GLN A CD  1 
ATOM   1143 O  OE1 . GLN A 1 137 ? 5.277   -2.040  1.897   1.00 38.71 ? 142 GLN A OE1 1 
ATOM   1144 N  NE2 . GLN A 1 137 ? 3.511   -2.508  3.197   1.00 38.39 ? 142 GLN A NE2 1 
ATOM   1145 N  N   . VAL A 1 138 ? 7.908   -5.364  5.469   1.00 27.57 ? 143 VAL A N   1 
ATOM   1146 C  CA  . VAL A 1 138 ? 8.951   -6.317  5.101   1.00 21.78 ? 143 VAL A CA  1 
ATOM   1147 C  C   . VAL A 1 138 ? 8.373   -7.721  5.001   1.00 26.04 ? 143 VAL A C   1 
ATOM   1148 O  O   . VAL A 1 138 ? 8.765   -8.512  4.134   1.00 29.96 ? 143 VAL A O   1 
ATOM   1149 C  CB  . VAL A 1 138 ? 10.118  -6.242  6.104   1.00 24.30 ? 143 VAL A CB  1 
ATOM   1150 C  CG1 . VAL A 1 138 ? 11.166  -7.289  5.786   1.00 32.18 ? 143 VAL A CG1 1 
ATOM   1151 C  CG2 . VAL A 1 138 ? 10.740  -4.860  6.075   1.00 24.24 ? 143 VAL A CG2 1 
ATOM   1152 N  N   . LYS A 1 139 ? 7.433   -8.057  5.887   1.00 26.89 ? 144 LYS A N   1 
ATOM   1153 C  CA  . LYS A 1 139 ? 6.723   -9.325  5.759   1.00 26.49 ? 144 LYS A CA  1 
ATOM   1154 C  C   . LYS A 1 139 ? 5.861   -9.348  4.504   1.00 27.97 ? 144 LYS A C   1 
ATOM   1155 O  O   . LYS A 1 139 ? 5.731   -10.390 3.852   1.00 31.81 ? 144 LYS A O   1 
ATOM   1156 C  CB  . LYS A 1 139 ? 5.873   -9.582  7.002   1.00 25.87 ? 144 LYS A CB  1 
ATOM   1157 C  CG  . LYS A 1 139 ? 6.463   -9.020  8.277   1.00 28.21 ? 144 LYS A CG  1 
ATOM   1158 C  CD  . LYS A 1 139 ? 5.861   -9.671  9.507   1.00 25.88 ? 144 LYS A CD  1 
ATOM   1159 C  CE  . LYS A 1 139 ? 4.356   -9.498  9.545   1.00 31.50 ? 144 LYS A CE  1 
ATOM   1160 N  NZ  . LYS A 1 139 ? 3.726   -10.402 10.546  1.00 34.99 ? 144 LYS A NZ  1 
ATOM   1161 N  N   . ALA A 1 140 ? 5.253   -8.211  4.157   1.00 30.54 ? 145 ALA A N   1 
ATOM   1162 C  CA  . ALA A 1 140 ? 4.432   -8.143  2.952   1.00 20.81 ? 145 ALA A CA  1 
ATOM   1163 C  C   . ALA A 1 140 ? 5.267   -8.361  1.698   1.00 17.98 ? 145 ALA A C   1 
ATOM   1164 O  O   . ALA A 1 140 ? 4.864   -9.104  0.797   1.00 29.82 ? 145 ALA A O   1 
ATOM   1165 C  CB  . ALA A 1 140 ? 3.708   -6.800  2.883   1.00 23.91 ? 145 ALA A CB  1 
ATOM   1166 N  N   . ILE A 1 141 ? 6.435   -7.718  1.618   1.00 19.93 ? 146 ILE A N   1 
ATOM   1167 C  CA  . ILE A 1 141 ? 7.296   -7.882  0.452   1.00 18.34 ? 146 ILE A CA  1 
ATOM   1168 C  C   . ILE A 1 141 ? 7.872   -9.291  0.409   1.00 23.85 ? 146 ILE A C   1 
ATOM   1169 O  O   . ILE A 1 141 ? 7.983   -9.899  -0.662  1.00 32.84 ? 146 ILE A O   1 
ATOM   1170 C  CB  . ILE A 1 141 ? 8.405   -6.812  0.453   1.00 24.59 ? 146 ILE A CB  1 
ATOM   1171 C  CG1 . ILE A 1 141 ? 7.805   -5.422  0.256   1.00 23.93 ? 146 ILE A CG1 1 
ATOM   1172 C  CG2 . ILE A 1 141 ? 9.421   -7.088  -0.639  1.00 24.57 ? 146 ILE A CG2 1 
ATOM   1173 C  CD1 . ILE A 1 141 ? 8.792   -4.299  0.467   1.00 23.74 ? 146 ILE A CD1 1 
ATOM   1174 N  N   . LYS A 1 142 ? 8.245   -9.833  1.569   1.00 21.54 ? 147 LYS A N   1 
ATOM   1175 C  CA  . LYS A 1 142 ? 8.763   -11.196 1.625   1.00 16.84 ? 147 LYS A CA  1 
ATOM   1176 C  C   . LYS A 1 142 ? 7.705   -12.205 1.194   1.00 29.39 ? 147 LYS A C   1 
ATOM   1177 O  O   . LYS A 1 142 ? 7.998   -13.152 0.456   1.00 34.34 ? 147 LYS A O   1 
ATOM   1178 C  CB  . LYS A 1 142 ? 9.260   -11.502 3.038   1.00 17.00 ? 147 LYS A CB  1 
ATOM   1179 C  CG  . LYS A 1 142 ? 9.826   -12.896 3.230   1.00 20.19 ? 147 LYS A CG  1 
ATOM   1180 C  CD  . LYS A 1 142 ? 10.934  -13.198 2.240   1.00 22.13 ? 147 LYS A CD  1 
ATOM   1181 C  CE  . LYS A 1 142 ? 11.689  -14.456 2.633   1.00 24.40 ? 147 LYS A CE  1 
ATOM   1182 N  NZ  . LYS A 1 142 ? 10.784  -15.625 2.775   1.00 23.28 ? 147 LYS A NZ  1 
ATOM   1183 N  N   . GLU A 1 143 ? 6.464   -12.018 1.649   1.00 34.46 ? 148 GLU A N   1 
ATOM   1184 C  CA  . GLU A 1 143 ? 5.404   -12.963 1.309   1.00 24.87 ? 148 GLU A CA  1 
ATOM   1185 C  C   . GLU A 1 143 ? 5.071   -12.910 -0.177  1.00 25.31 ? 148 GLU A C   1 
ATOM   1186 O  O   . GLU A 1 143 ? 4.869   -13.951 -0.812  1.00 37.22 ? 148 GLU A O   1 
ATOM   1187 C  CB  . GLU A 1 143 ? 4.164   -12.680 2.154   1.00 27.12 ? 148 GLU A CB  1 
ATOM   1188 C  CG  . GLU A 1 143 ? 2.854   -13.057 1.497   1.00 32.87 ? 148 GLU A CG  1 
ATOM   1189 C  CD  . GLU A 1 143 ? 1.660   -12.787 2.388   1.00 45.44 ? 148 GLU A CD  1 
ATOM   1190 O  OE1 . GLU A 1 143 ? 1.089   -11.680 2.299   1.00 44.12 ? 148 GLU A OE1 1 
ATOM   1191 O  OE2 . GLU A 1 143 ? 1.294   -13.680 3.180   1.00 46.86 ? 148 GLU A OE2 1 
ATOM   1192 N  N   . LEU A 1 144 ? 5.014   -11.706 -0.751  1.00 19.91 ? 149 LEU A N   1 
ATOM   1193 C  CA  . LEU A 1 144 ? 4.781   -11.584 -2.185  1.00 21.17 ? 149 LEU A CA  1 
ATOM   1194 C  C   . LEU A 1 144 ? 5.969   -12.108 -2.980  1.00 22.93 ? 149 LEU A C   1 
ATOM   1195 O  O   . LEU A 1 144 ? 5.804   -12.620 -4.093  1.00 29.86 ? 149 LEU A O   1 
ATOM   1196 C  CB  . LEU A 1 144 ? 4.486   -10.131 -2.548  1.00 26.76 ? 149 LEU A CB  1 
ATOM   1197 C  CG  . LEU A 1 144 ? 3.063   -9.663  -2.248  1.00 25.19 ? 149 LEU A CG  1 
ATOM   1198 C  CD1 . LEU A 1 144 ? 3.032   -8.173  -1.981  1.00 24.49 ? 149 LEU A CD1 1 
ATOM   1199 C  CD2 . LEU A 1 144 ? 2.140   -10.020 -3.396  1.00 24.62 ? 149 LEU A CD2 1 
ATOM   1200 N  N   . GLY A 1 145 ? 7.179   -11.971 -2.434  1.00 26.48 ? 150 GLY A N   1 
ATOM   1201 C  CA  . GLY A 1 145 ? 8.342   -12.558 -3.077  1.00 22.09 ? 150 GLY A CA  1 
ATOM   1202 C  C   . GLY A 1 145 ? 8.269   -14.071 -3.150  1.00 30.64 ? 150 GLY A C   1 
ATOM   1203 O  O   . GLY A 1 145 ? 8.638   -14.672 -4.160  1.00 34.48 ? 150 GLY A O   1 
ATOM   1204 N  N   . ASP A 1 146 ? 7.804   -14.708 -2.073  1.00 24.73 ? 151 ASP A N   1 
ATOM   1205 C  CA  . ASP A 1 146 ? 7.602   -16.153 -2.096  1.00 17.60 ? 151 ASP A CA  1 
ATOM   1206 C  C   . ASP A 1 146 ? 6.558   -16.546 -3.133  1.00 31.88 ? 151 ASP A C   1 
ATOM   1207 O  O   . ASP A 1 146 ? 6.725   -17.537 -3.853  1.00 29.94 ? 151 ASP A O   1 
ATOM   1208 C  CB  . ASP A 1 146 ? 7.177   -16.649 -0.716  1.00 20.33 ? 151 ASP A CB  1 
ATOM   1209 C  CG  . ASP A 1 146 ? 8.237   -16.422 0.340   1.00 39.45 ? 151 ASP A CG  1 
ATOM   1210 O  OD1 . ASP A 1 146 ? 7.884   -15.949 1.440   1.00 37.61 ? 151 ASP A OD1 1 
ATOM   1211 O  OD2 . ASP A 1 146 ? 9.421   -16.716 0.075   1.00 45.01 ? 151 ASP A OD2 1 
ATOM   1212 N  N   . HIS A 1 147 ? 5.471   -15.777 -3.220  1.00 34.64 ? 152 HIS A N   1 
ATOM   1213 C  CA  . HIS A 1 147 ? 4.369   -16.125 -4.109  1.00 20.60 ? 152 HIS A CA  1 
ATOM   1214 C  C   . HIS A 1 147 ? 4.789   -16.035 -5.569  1.00 21.62 ? 152 HIS A C   1 
ATOM   1215 O  O   . HIS A 1 147 ? 4.378   -16.855 -6.397  1.00 28.47 ? 152 HIS A O   1 
ATOM   1216 C  CB  . HIS A 1 147 ? 3.179   -15.209 -3.831  1.00 16.02 ? 152 HIS A CB  1 
ATOM   1217 C  CG  . HIS A 1 147 ? 2.412   -15.578 -2.602  1.00 19.62 ? 152 HIS A CG  1 
ATOM   1218 N  ND1 . HIS A 1 147 ? 1.552   -14.705 -1.973  1.00 26.20 ? 152 HIS A ND1 1 
ATOM   1219 C  CD2 . HIS A 1 147 ? 2.377   -16.724 -1.884  1.00 26.22 ? 152 HIS A CD2 1 
ATOM   1220 C  CE1 . HIS A 1 147 ? 1.020   -15.299 -0.920  1.00 31.46 ? 152 HIS A CE1 1 
ATOM   1221 N  NE2 . HIS A 1 147 ? 1.504   -16.524 -0.844  1.00 30.32 ? 152 HIS A NE2 1 
ATOM   1222 N  N   . VAL A 1 148 ? 5.605   -15.036 -5.905  1.00 23.43 ? 153 VAL A N   1 
ATOM   1223 C  CA  . VAL A 1 148 ? 6.046   -14.869 -7.286  1.00 23.58 ? 153 VAL A CA  1 
ATOM   1224 C  C   . VAL A 1 148 ? 7.011   -15.980 -7.679  1.00 28.60 ? 153 VAL A C   1 
ATOM   1225 O  O   . VAL A 1 148 ? 6.944   -16.514 -8.792  1.00 37.94 ? 153 VAL A O   1 
ATOM   1226 C  CB  . VAL A 1 148 ? 6.674   -13.475 -7.480  1.00 22.80 ? 153 VAL A CB  1 
ATOM   1227 C  CG1 . VAL A 1 148 ? 7.468   -13.422 -8.767  1.00 20.24 ? 153 VAL A CG1 1 
ATOM   1228 C  CG2 . VAL A 1 148 ? 5.601   -12.410 -7.478  1.00 25.18 ? 153 VAL A CG2 1 
ATOM   1229 N  N   . THR A 1 149 ? 7.919   -16.353 -6.775  1.00 30.71 ? 154 THR A N   1 
ATOM   1230 C  CA  . THR A 1 149 ? 8.911   -17.367 -7.120  1.00 32.17 ? 154 THR A CA  1 
ATOM   1231 C  C   . THR A 1 149 ? 8.292   -18.759 -7.161  1.00 31.87 ? 154 THR A C   1 
ATOM   1232 O  O   . THR A 1 149 ? 8.794   -19.647 -7.857  1.00 36.02 ? 154 THR A O   1 
ATOM   1233 C  CB  . THR A 1 149 ? 10.088  -17.321 -6.142  1.00 30.68 ? 154 THR A CB  1 
ATOM   1234 O  OG1 . THR A 1 149 ? 11.256  -17.848 -6.782  1.00 35.82 ? 154 THR A OG1 1 
ATOM   1235 C  CG2 . THR A 1 149 ? 9.802   -18.147 -4.908  1.00 31.41 ? 154 THR A CG2 1 
ATOM   1236 N  N   . ASN A 1 150 ? 7.195   -18.971 -6.430  1.00 33.06 ? 155 ASN A N   1 
ATOM   1237 C  CA  . ASN A 1 150 ? 6.518   -20.260 -6.503  1.00 31.83 ? 155 ASN A CA  1 
ATOM   1238 C  C   . ASN A 1 150 ? 5.626   -20.346 -7.731  1.00 33.83 ? 155 ASN A C   1 
ATOM   1239 O  O   . ASN A 1 150 ? 5.160   -21.431 -8.088  1.00 41.64 ? 155 ASN A O   1 
ATOM   1240 C  CB  . ASN A 1 150 ? 5.704   -20.517 -5.234  1.00 29.00 ? 155 ASN A CB  1 
ATOM   1241 C  CG  . ASN A 1 150 ? 6.557   -20.989 -4.077  1.00 30.56 ? 155 ASN A CG  1 
ATOM   1242 O  OD1 . ASN A 1 150 ? 6.088   -21.083 -2.946  1.00 31.43 ? 155 ASN A OD1 1 
ATOM   1243 N  ND2 . ASN A 1 150 ? 7.814   -21.300 -4.357  1.00 35.38 ? 155 ASN A ND2 1 
ATOM   1244 N  N   . LEU A 1 151 ? 5.377   -19.219 -8.398  1.00 35.15 ? 156 LEU A N   1 
ATOM   1245 C  CA  . LEU A 1 151 ? 4.504   -19.254 -9.565  1.00 25.75 ? 156 LEU A CA  1 
ATOM   1246 C  C   . LEU A 1 151 ? 5.279   -19.565 -10.836 1.00 28.19 ? 156 LEU A C   1 
ATOM   1247 O  O   . LEU A 1 151 ? 4.818   -20.353 -11.668 1.00 47.01 ? 156 LEU A O   1 
ATOM   1248 C  CB  . LEU A 1 151 ? 3.740   -17.938 -9.703  1.00 28.36 ? 156 LEU A CB  1 
ATOM   1249 C  CG  . LEU A 1 151 ? 2.469   -17.853 -8.854  1.00 31.37 ? 156 LEU A CG  1 
ATOM   1250 C  CD1 . LEU A 1 151 ? 1.971   -16.423 -8.752  1.00 32.28 ? 156 LEU A CD1 1 
ATOM   1251 C  CD2 . LEU A 1 151 ? 1.394   -18.756 -9.428  1.00 28.13 ? 156 LEU A CD2 1 
ATOM   1252 N  N   . ARG A 1 152 ? 6.464   -18.980 -11.009 1.00 26.35 ? 157 ARG A N   1 
ATOM   1253 C  CA  . ARG A 1 152 ? 7.200   -19.227 -12.244 1.00 38.13 ? 157 ARG A CA  1 
ATOM   1254 C  C   . ARG A 1 152 ? 8.093   -20.457 -12.123 1.00 42.67 ? 157 ARG A C   1 
ATOM   1255 O  O   . ARG A 1 152 ? 8.809   -20.811 -13.065 1.00 48.74 ? 157 ARG A O   1 
ATOM   1256 C  CB  A ARG A 1 152 ? 8.009   -17.996 -12.654 0.77 40.89 ? 157 ARG A CB  1 
ATOM   1257 C  CG  A ARG A 1 152 ? 8.436   -17.069 -11.544 0.77 35.29 ? 157 ARG A CG  1 
ATOM   1258 C  CD  A ARG A 1 152 ? 9.274   -15.948 -12.139 0.77 39.63 ? 157 ARG A CD  1 
ATOM   1259 N  NE  A ARG A 1 152 ? 9.757   -14.997 -11.146 0.77 44.38 ? 157 ARG A NE  1 
ATOM   1260 C  CZ  A ARG A 1 152 ? 9.807   -13.686 -11.336 0.77 43.47 ? 157 ARG A CZ  1 
ATOM   1261 N  NH1 A ARG A 1 152 ? 9.397   -13.135 -12.466 0.77 38.23 ? 157 ARG A NH1 1 
ATOM   1262 N  NH2 A ARG A 1 152 ? 10.280  -12.907 -10.368 0.77 42.22 ? 157 ARG A NH2 1 
ATOM   1263 N  N   . LYS A 1 153 ? 8.062   -21.128 -10.970 1.00 39.47 ? 158 LYS A N   1 
ATOM   1264 C  CA  . LYS A 1 153 ? 8.671   -22.451 -10.887 1.00 36.73 ? 158 LYS A CA  1 
ATOM   1265 C  C   . LYS A 1 153 ? 7.741   -23.515 -11.454 1.00 41.59 ? 158 LYS A C   1 
ATOM   1266 O  O   . LYS A 1 153 ? 8.189   -24.443 -12.139 1.00 43.75 ? 158 LYS A O   1 
ATOM   1267 C  CB  . LYS A 1 153 ? 9.050   -22.781 -9.444  1.00 38.38 ? 158 LYS A CB  1 
ATOM   1268 C  CG  . LYS A 1 153 ? 10.511  -22.531 -9.112  1.00 38.06 ? 158 LYS A CG  1 
ATOM   1269 C  CD  . LYS A 1 153 ? 10.704  -22.237 -7.636  1.00 39.89 ? 158 LYS A CD  1 
ATOM   1270 C  CE  . LYS A 1 153 ? 12.171  -22.031 -7.301  1.00 41.86 ? 158 LYS A CE  1 
ATOM   1271 N  NZ  . LYS A 1 153 ? 12.886  -21.259 -8.354  1.00 44.73 ? 158 LYS A NZ  1 
ATOM   1272 N  N   . MET A 1 154 ? 6.440   -23.399 -11.180 1.00 36.04 ? 159 MET A N   1 
ATOM   1273 C  CA  . MET A 1 154 ? 5.462   -24.320 -11.742 1.00 33.24 ? 159 MET A CA  1 
ATOM   1274 C  C   . MET A 1 154 ? 5.293   -24.168 -13.247 1.00 35.10 ? 159 MET A C   1 
ATOM   1275 O  O   . MET A 1 154 ? 4.753   -25.080 -13.882 1.00 43.49 ? 159 MET A O   1 
ATOM   1276 C  CB  . MET A 1 154 ? 4.102   -24.130 -11.080 1.00 32.60 ? 159 MET A CB  1 
ATOM   1277 C  CG  . MET A 1 154 ? 4.129   -23.884 -9.598  1.00 31.23 ? 159 MET A CG  1 
ATOM   1278 S  SD  . MET A 1 154 ? 2.492   -24.151 -8.902  1.00 45.36 ? 159 MET A SD  1 
ATOM   1279 C  CE  . MET A 1 154 ? 2.603   -23.151 -7.436  1.00 32.01 ? 159 MET A CE  1 
ATOM   1280 N  N   . GLY A 1 155 ? 5.721   -23.051 -13.830 1.00 29.21 ? 160 GLY A N   1 
ATOM   1281 C  CA  . GLY A 1 155 ? 5.546   -22.801 -15.244 1.00 37.73 ? 160 GLY A CA  1 
ATOM   1282 C  C   . GLY A 1 155 ? 4.545   -21.717 -15.581 1.00 42.81 ? 160 GLY A C   1 
ATOM   1283 O  O   . GLY A 1 155 ? 4.173   -21.586 -16.753 1.00 43.89 ? 160 GLY A O   1 
ATOM   1284 N  N   . ALA A 1 156 ? 4.094   -20.950 -14.597 1.00 39.33 ? 161 ALA A N   1 
ATOM   1285 C  CA  . ALA A 1 156 ? 3.175   -19.857 -14.869 1.00 32.18 ? 161 ALA A CA  1 
ATOM   1286 C  C   . ALA A 1 156 ? 3.909   -18.731 -15.595 1.00 41.30 ? 161 ALA A C   1 
ATOM   1287 O  O   . ALA A 1 156 ? 5.132   -18.603 -15.463 1.00 43.01 ? 161 ALA A O   1 
ATOM   1288 C  CB  . ALA A 1 156 ? 2.567   -19.343 -13.564 1.00 32.69 ? 161 ALA A CB  1 
ATOM   1289 N  N   . PRO A 1 157 ? 3.204   -17.896 -16.374 1.00 52.81 ? 162 PRO A N   1 
ATOM   1290 C  CA  . PRO A 1 157 ? 1.761   -17.885 -16.642 1.00 49.93 ? 162 PRO A CA  1 
ATOM   1291 C  C   . PRO A 1 157 ? 1.373   -18.753 -17.832 1.00 51.67 ? 162 PRO A C   1 
ATOM   1292 O  O   . PRO A 1 157 ? 0.204   -18.821 -18.199 1.00 50.81 ? 162 PRO A O   1 
ATOM   1293 C  CB  . PRO A 1 157 ? 1.495   -16.405 -16.912 1.00 45.68 ? 162 PRO A CB  1 
ATOM   1294 C  CG  . PRO A 1 157 ? 2.748   -15.941 -17.617 1.00 44.93 ? 162 PRO A CG  1 
ATOM   1295 C  CD  . PRO A 1 157 ? 3.885   -16.803 -17.092 1.00 47.23 ? 162 PRO A CD  1 
ATOM   1296 N  N   . GLU A 1 158 ? 2.345   -19.420 -18.458 1.00 56.44 ? 163 GLU A N   1 
ATOM   1297 C  CA  . GLU A 1 158 ? 2.041   -20.280 -19.597 1.00 54.46 ? 163 GLU A CA  1 
ATOM   1298 C  C   . GLU A 1 158 ? 1.174   -21.461 -19.180 1.00 52.49 ? 163 GLU A C   1 
ATOM   1299 O  O   . GLU A 1 158 ? 0.253   -21.852 -19.906 1.00 54.00 ? 163 GLU A O   1 
ATOM   1300 C  CB  . GLU A 1 158 ? 3.337   -20.766 -20.245 1.00 52.51 ? 163 GLU A CB  1 
ATOM   1301 C  CG  . GLU A 1 158 ? 4.236   -19.643 -20.730 1.00 54.90 ? 163 GLU A CG  1 
ATOM   1302 C  CD  . GLU A 1 158 ? 5.536   -20.152 -21.317 1.00 61.86 ? 163 GLU A CD  1 
ATOM   1303 O  OE1 . GLU A 1 158 ? 5.751   -21.381 -21.316 1.00 58.05 ? 163 GLU A OE1 1 
ATOM   1304 O  OE2 . GLU A 1 158 ? 6.349   -19.319 -21.771 1.00 63.36 ? 163 GLU A OE2 1 
ATOM   1305 N  N   . SER A 1 159 ? 1.451   -22.038 -18.015 1.00 43.03 ? 164 SER A N   1 
ATOM   1306 C  CA  . SER A 1 159 ? 0.716   -23.197 -17.525 1.00 43.25 ? 164 SER A CA  1 
ATOM   1307 C  C   . SER A 1 159 ? -0.524  -22.734 -16.772 1.00 50.70 ? 164 SER A C   1 
ATOM   1308 O  O   . SER A 1 159 ? -0.416  -22.124 -15.704 1.00 50.04 ? 164 SER A O   1 
ATOM   1309 C  CB  . SER A 1 159 ? 1.606   -24.052 -16.624 1.00 38.64 ? 164 SER A CB  1 
ATOM   1310 O  OG  . SER A 1 159 ? 0.888   -25.143 -16.080 1.00 41.56 ? 164 SER A OG  1 
ATOM   1311 N  N   . GLY A 1 160 ? -1.702  -23.020 -17.332 1.00 49.71 ? 165 GLY A N   1 
ATOM   1312 C  CA  . GLY A 1 160 ? -2.935  -22.694 -16.636 1.00 41.26 ? 165 GLY A CA  1 
ATOM   1313 C  C   . GLY A 1 160 ? -3.191  -23.616 -15.461 1.00 42.86 ? 165 GLY A C   1 
ATOM   1314 O  O   . GLY A 1 160 ? -3.931  -23.272 -14.536 1.00 40.14 ? 165 GLY A O   1 
ATOM   1315 N  N   . LEU A 1 161 ? -2.587  -24.805 -15.487 1.00 36.05 ? 166 LEU A N   1 
ATOM   1316 C  CA  . LEU A 1 161 ? -2.648  -25.698 -14.335 1.00 36.98 ? 166 LEU A CA  1 
ATOM   1317 C  C   . LEU A 1 161 ? -1.856  -25.131 -13.163 1.00 37.09 ? 166 LEU A C   1 
ATOM   1318 O  O   . LEU A 1 161 ? -2.212  -25.350 -12.000 1.00 34.03 ? 166 LEU A O   1 
ATOM   1319 C  CB  . LEU A 1 161 ? -2.128  -27.082 -14.726 1.00 29.68 ? 166 LEU A CB  1 
ATOM   1320 C  CG  . LEU A 1 161 ? -2.403  -28.242 -13.769 1.00 32.06 ? 166 LEU A CG  1 
ATOM   1321 C  CD1 . LEU A 1 161 ? -3.884  -28.358 -13.467 1.00 33.76 ? 166 LEU A CD1 1 
ATOM   1322 C  CD2 . LEU A 1 161 ? -1.875  -29.540 -14.348 1.00 28.08 ? 166 LEU A CD2 1 
ATOM   1323 N  N   . ALA A 1 162 ? -0.773  -24.406 -13.453 1.00 35.87 ? 167 ALA A N   1 
ATOM   1324 C  CA  . ALA A 1 162 ? 0.043   -23.817 -12.395 1.00 30.25 ? 167 ALA A CA  1 
ATOM   1325 C  C   . ALA A 1 162 ? -0.740  -22.789 -11.588 1.00 35.23 ? 167 ALA A C   1 
ATOM   1326 O  O   . ALA A 1 162 ? -0.682  -22.786 -10.354 1.00 32.15 ? 167 ALA A O   1 
ATOM   1327 C  CB  . ALA A 1 162 ? 1.293   -23.180 -12.997 1.00 30.11 ? 167 ALA A CB  1 
ATOM   1328 N  N   . GLU A 1 163 ? -1.467  -21.899 -12.267 1.00 40.33 ? 168 GLU A N   1 
ATOM   1329 C  CA  . GLU A 1 163 ? -2.281  -20.915 -11.561 1.00 36.03 ? 168 GLU A CA  1 
ATOM   1330 C  C   . GLU A 1 163 ? -3.384  -21.585 -10.754 1.00 35.48 ? 168 GLU A C   1 
ATOM   1331 O  O   . GLU A 1 163 ? -3.691  -21.157 -9.636  1.00 33.93 ? 168 GLU A O   1 
ATOM   1332 C  CB  . GLU A 1 163 ? -2.887  -19.919 -12.547 1.00 33.20 ? 168 GLU A CB  1 
ATOM   1333 C  CG  . GLU A 1 163 ? -1.897  -19.234 -13.465 1.00 37.69 ? 168 GLU A CG  1 
ATOM   1334 C  CD  . GLU A 1 163 ? -1.159  -18.109 -12.777 1.00 42.59 ? 168 GLU A CD  1 
ATOM   1335 O  OE1 . GLU A 1 163 ? -1.701  -17.561 -11.796 1.00 44.93 ? 168 GLU A OE1 1 
ATOM   1336 O  OE2 . GLU A 1 163 ? -0.053  -17.750 -13.229 1.00 44.89 ? 168 GLU A OE2 1 
ATOM   1337 N  N   . TYR A 1 164 ? -4.000  -22.629 -11.311 1.00 28.25 ? 169 TYR A N   1 
ATOM   1338 C  CA  . TYR A 1 164 ? -5.127  -23.269 -10.641 1.00 25.62 ? 169 TYR A CA  1 
ATOM   1339 C  C   . TYR A 1 164 ? -4.683  -23.977 -9.366  1.00 27.63 ? 169 TYR A C   1 
ATOM   1340 O  O   . TYR A 1 164 ? -5.389  -23.945 -8.352  1.00 24.96 ? 169 TYR A O   1 
ATOM   1341 C  CB  . TYR A 1 164 ? -5.813  -24.248 -11.596 1.00 27.55 ? 169 TYR A CB  1 
ATOM   1342 C  CG  . TYR A 1 164 ? -6.873  -25.112 -10.947 1.00 36.21 ? 169 TYR A CG  1 
ATOM   1343 C  CD1 . TYR A 1 164 ? -8.174  -24.653 -10.809 1.00 33.69 ? 169 TYR A CD1 1 
ATOM   1344 C  CD2 . TYR A 1 164 ? -6.575  -26.383 -10.476 1.00 31.26 ? 169 TYR A CD2 1 
ATOM   1345 C  CE1 . TYR A 1 164 ? -9.147  -25.432 -10.220 1.00 29.31 ? 169 TYR A CE1 1 
ATOM   1346 C  CE2 . TYR A 1 164 ? -7.541  -27.166 -9.878  1.00 24.58 ? 169 TYR A CE2 1 
ATOM   1347 C  CZ  . TYR A 1 164 ? -8.825  -26.686 -9.757  1.00 29.17 ? 169 TYR A CZ  1 
ATOM   1348 O  OH  . TYR A 1 164 ? -9.792  -27.462 -9.169  1.00 35.58 ? 169 TYR A OH  1 
ATOM   1349 N  N   . LEU A 1 165 ? -3.516  -24.623 -9.399  1.00 31.17 ? 170 LEU A N   1 
ATOM   1350 C  CA  . LEU A 1 165 ? -3.048  -25.367 -8.233  1.00 30.51 ? 170 LEU A CA  1 
ATOM   1351 C  C   . LEU A 1 165 ? -2.504  -24.435 -7.157  1.00 34.03 ? 170 LEU A C   1 
ATOM   1352 O  O   . LEU A 1 165 ? -2.692  -24.686 -5.962  1.00 35.83 ? 170 LEU A O   1 
ATOM   1353 C  CB  . LEU A 1 165 ? -1.988  -26.385 -8.653  1.00 28.37 ? 170 LEU A CB  1 
ATOM   1354 C  CG  . LEU A 1 165 ? -2.481  -27.521 -9.552  1.00 30.67 ? 170 LEU A CG  1 
ATOM   1355 C  CD1 . LEU A 1 165 ? -1.320  -28.369 -10.037 1.00 26.75 ? 170 LEU A CD1 1 
ATOM   1356 C  CD2 . LEU A 1 165 ? -3.501  -28.375 -8.824  1.00 31.56 ? 170 LEU A CD2 1 
ATOM   1357 N  N   . PHE A 1 166 ? -1.820  -23.362 -7.559  1.00 31.07 ? 171 PHE A N   1 
ATOM   1358 C  CA  . PHE A 1 166 ? -1.388  -22.356 -6.594  1.00 21.68 ? 171 PHE A CA  1 
ATOM   1359 C  C   . PHE A 1 166 ? -2.587  -21.694 -5.931  1.00 24.96 ? 171 PHE A C   1 
ATOM   1360 O  O   . PHE A 1 166 ? -2.566  -21.406 -4.729  1.00 30.66 ? 171 PHE A O   1 
ATOM   1361 C  CB  . PHE A 1 166 ? -0.513  -21.311 -7.288  1.00 26.85 ? 171 PHE A CB  1 
ATOM   1362 C  CG  . PHE A 1 166 ? 0.061   -20.277 -6.359  1.00 31.26 ? 171 PHE A CG  1 
ATOM   1363 C  CD1 . PHE A 1 166 ? 1.244   -20.513 -5.683  1.00 29.38 ? 171 PHE A CD1 1 
ATOM   1364 C  CD2 . PHE A 1 166 ? -0.581  -19.067 -6.165  1.00 30.72 ? 171 PHE A CD2 1 
ATOM   1365 C  CE1 . PHE A 1 166 ? 1.774   -19.565 -4.838  1.00 28.61 ? 171 PHE A CE1 1 
ATOM   1366 C  CE2 . PHE A 1 166 ? -0.057  -18.119 -5.317  1.00 27.81 ? 171 PHE A CE2 1 
ATOM   1367 C  CZ  . PHE A 1 166 ? 1.121   -18.368 -4.652  1.00 28.72 ? 171 PHE A CZ  1 
ATOM   1368 N  N   . ASP A 1 167 ? -3.645  -21.454 -6.704  1.00 31.89 ? 172 ASP A N   1 
ATOM   1369 C  CA  . ASP A 1 167 ? -4.861  -20.864 -6.160  1.00 26.82 ? 172 ASP A CA  1 
ATOM   1370 C  C   . ASP A 1 167 ? -5.504  -21.783 -5.127  1.00 29.65 ? 172 ASP A C   1 
ATOM   1371 O  O   . ASP A 1 167 ? -6.142  -21.314 -4.178  1.00 31.95 ? 172 ASP A O   1 
ATOM   1372 C  CB  . ASP A 1 167 ? -5.822  -20.559 -7.312  1.00 24.52 ? 172 ASP A CB  1 
ATOM   1373 C  CG  . ASP A 1 167 ? -7.266  -20.496 -6.878  1.00 34.56 ? 172 ASP A CG  1 
ATOM   1374 O  OD1 . ASP A 1 167 ? -7.646  -19.503 -6.237  1.00 37.87 ? 172 ASP A OD1 1 
ATOM   1375 O  OD2 . ASP A 1 167 ? -8.026  -21.441 -7.178  1.00 35.96 ? 172 ASP A OD2 1 
ATOM   1376 N  N   . LYS A 1 168 ? -5.331  -23.097 -5.282  1.00 31.31 ? 173 LYS A N   1 
ATOM   1377 C  CA  . LYS A 1 168 ? -5.959  -24.051 -4.374  1.00 30.21 ? 173 LYS A CA  1 
ATOM   1378 C  C   . LYS A 1 168 ? -5.108  -24.313 -3.137  1.00 28.19 ? 173 LYS A C   1 
ATOM   1379 O  O   . LYS A 1 168 ? -5.577  -24.132 -2.008  1.00 32.34 ? 173 LYS A O   1 
ATOM   1380 C  CB  . LYS A 1 168 ? -6.236  -25.364 -5.106  1.00 29.55 ? 173 LYS A CB  1 
ATOM   1381 C  CG  . LYS A 1 168 ? -7.394  -25.295 -6.082  1.00 34.05 ? 173 LYS A CG  1 
ATOM   1382 C  CD  . LYS A 1 168 ? -8.725  -25.212 -5.365  1.00 34.62 ? 173 LYS A CD  1 
ATOM   1383 C  CE  . LYS A 1 168 ? -9.843  -24.914 -6.342  1.00 32.28 ? 173 LYS A CE  1 
ATOM   1384 N  NZ  . LYS A 1 168 ? -9.528  -23.714 -7.162  1.00 35.85 ? 173 LYS A NZ  1 
ATOM   1385 N  N   . HIS A 1 169 ? -3.865  -24.754 -3.325  1.00 28.70 ? 174 HIS A N   1 
ATOM   1386 C  CA  . HIS A 1 169 ? -3.014  -25.177 -2.206  1.00 25.38 ? 174 HIS A CA  1 
ATOM   1387 C  C   . HIS A 1 169 ? -2.428  -23.999 -1.431  1.00 25.79 ? 174 HIS A C   1 
ATOM   1388 O  O   . HIS A 1 169 ? -2.464  -23.979 -0.199  1.00 28.83 ? 174 HIS A O   1 
ATOM   1389 C  CB  . HIS A 1 169 ? -1.914  -26.108 -2.719  1.00 27.38 ? 174 HIS A CB  1 
ATOM   1390 C  CG  . HIS A 1 169 ? -2.435  -27.297 -3.461  1.00 29.09 ? 174 HIS A CG  1 
ATOM   1391 N  ND1 . HIS A 1 169 ? -2.015  -27.627 -4.732  1.00 30.86 ? 174 HIS A ND1 1 
ATOM   1392 C  CD2 . HIS A 1 169 ? -3.334  -28.244 -3.105  1.00 27.62 ? 174 HIS A CD2 1 
ATOM   1393 C  CE1 . HIS A 1 169 ? -2.640  -28.721 -5.129  1.00 28.45 ? 174 HIS A CE1 1 
ATOM   1394 N  NE2 . HIS A 1 169 ? -3.446  -29.116 -4.160  1.00 29.74 ? 174 HIS A NE2 1 
ATOM   1395 N  N   . THR A 1 170 ? -1.882  -23.011 -2.142  1.00 30.73 ? 175 THR A N   1 
ATOM   1396 C  CA  . THR A 1 170 ? -1.221  -21.905 -1.454  1.00 24.91 ? 175 THR A CA  1 
ATOM   1397 C  C   . THR A 1 170 ? -2.230  -20.872 -0.968  1.00 24.52 ? 175 THR A C   1 
ATOM   1398 O  O   . THR A 1 170 ? -2.287  -20.556 0.225   1.00 25.98 ? 175 THR A O   1 
ATOM   1399 C  CB  . THR A 1 170 ? -0.188  -21.246 -2.366  1.00 22.61 ? 175 THR A CB  1 
ATOM   1400 O  OG1 . THR A 1 170 ? 0.666   -22.247 -2.931  1.00 36.59 ? 175 THR A OG1 1 
ATOM   1401 C  CG2 . THR A 1 170 ? 0.652   -20.261 -1.579  1.00 22.88 ? 175 THR A CG2 1 
ATOM   1402 N  N   . LEU A 1 171 ? -3.033  -20.330 -1.883  1.00 24.03 ? 176 LEU A N   1 
ATOM   1403 C  CA  . LEU A 1 171 ? -3.921  -19.232 -1.520  1.00 24.04 ? 176 LEU A CA  1 
ATOM   1404 C  C   . LEU A 1 171 ? -5.170  -19.734 -0.810  1.00 28.01 ? 176 LEU A C   1 
ATOM   1405 O  O   . LEU A 1 171 ? -5.897  -18.948 -0.192  1.00 34.97 ? 176 LEU A O   1 
ATOM   1406 C  CB  . LEU A 1 171 ? -4.289  -18.429 -2.766  1.00 26.03 ? 176 LEU A CB  1 
ATOM   1407 C  CG  . LEU A 1 171 ? -3.166  -17.556 -3.323  1.00 25.40 ? 176 LEU A CG  1 
ATOM   1408 C  CD1 . LEU A 1 171 ? -3.705  -16.608 -4.368  1.00 30.88 ? 176 LEU A CD1 1 
ATOM   1409 C  CD2 . LEU A 1 171 ? -2.480  -16.790 -2.207  1.00 22.78 ? 176 LEU A CD2 1 
ATOM   1410 N  N   . GLY A 1 172 ? -5.438  -21.031 -0.884  1.00 26.46 ? 177 GLY A N   1 
ATOM   1411 C  CA  . GLY A 1 172 ? -6.599  -21.603 -0.231  1.00 27.29 ? 177 GLY A CA  1 
ATOM   1412 C  C   . GLY A 1 172 ? -6.241  -22.512 0.928   1.00 35.37 ? 177 GLY A C   1 
ATOM   1413 O  O   . GLY A 1 172 ? -5.533  -22.113 1.851   1.00 40.22 ? 177 GLY A O   1 
ATOM   1414 N  N   . ASP B 2 1   ? 3.230   4.594   -12.108 1.00 65.64 ? 484 ASP B N   1 
ATOM   1415 C  CA  . ASP B 2 1   ? 3.191   5.912   -12.728 1.00 64.39 ? 484 ASP B CA  1 
ATOM   1416 C  C   . ASP B 2 1   ? 2.374   6.888   -11.890 1.00 64.93 ? 484 ASP B C   1 
ATOM   1417 O  O   . ASP B 2 1   ? 2.844   7.973   -11.549 1.00 66.26 ? 484 ASP B O   1 
ATOM   1418 C  CB  . ASP B 2 1   ? 2.616   5.822   -14.142 1.00 63.48 ? 484 ASP B CB  1 
ATOM   1419 C  CG  . ASP B 2 1   ? 2.609   7.159   -14.851 1.00 67.74 ? 484 ASP B CG  1 
ATOM   1420 O  OD1 . ASP B 2 1   ? 3.462   8.011   -14.525 1.00 66.19 ? 484 ASP B OD1 1 
ATOM   1421 O  OD2 . ASP B 2 1   ? 1.750   7.357   -15.735 1.00 68.70 ? 484 ASP B OD2 1 
ATOM   1422 N  N   . SER B 2 2   ? 1.142   6.496   -11.565 1.00 60.77 ? 485 SER B N   1 
ATOM   1423 C  CA  . SER B 2 2   ? 0.291   7.344   -10.737 1.00 60.54 ? 485 SER B CA  1 
ATOM   1424 C  C   . SER B 2 2   ? 0.796   7.393   -9.300  1.00 61.85 ? 485 SER B C   1 
ATOM   1425 O  O   . SER B 2 2   ? 0.443   8.297   -8.535  1.00 60.45 ? 485 SER B O   1 
ATOM   1426 C  CB  . SER B 2 2   ? -1.152  6.842   -10.787 1.00 56.50 ? 485 SER B CB  1 
ATOM   1427 O  OG  . SER B 2 2   ? -1.865  7.234   -9.629  1.00 59.15 ? 485 SER B OG  1 
ATOM   1428 N  N   . PHE B 2 3   ? 1.629   6.425   -8.915  1.00 56.28 ? 486 PHE B N   1 
ATOM   1429 C  CA  . PHE B 2 3   ? 2.126   6.377   -7.544  1.00 53.94 ? 486 PHE B CA  1 
ATOM   1430 C  C   . PHE B 2 3   ? 3.229   7.406   -7.333  1.00 56.14 ? 486 PHE B C   1 
ATOM   1431 O  O   . PHE B 2 3   ? 3.357   7.985   -6.248  1.00 57.32 ? 486 PHE B O   1 
ATOM   1432 C  CB  . PHE B 2 3   ? 2.620   4.963   -7.226  1.00 53.72 ? 486 PHE B CB  1 
ATOM   1433 C  CG  . PHE B 2 3   ? 2.944   4.736   -5.774  1.00 55.90 ? 486 PHE B CG  1 
ATOM   1434 C  CD1 . PHE B 2 3   ? 4.154   5.144   -5.238  1.00 54.79 ? 486 PHE B CD1 1 
ATOM   1435 C  CD2 . PHE B 2 3   ? 2.038   4.089   -4.949  1.00 55.19 ? 486 PHE B CD2 1 
ATOM   1436 C  CE1 . PHE B 2 3   ? 4.444   4.928   -3.906  1.00 56.54 ? 486 PHE B CE1 1 
ATOM   1437 C  CE2 . PHE B 2 3   ? 2.324   3.869   -3.618  1.00 53.98 ? 486 PHE B CE2 1 
ATOM   1438 C  CZ  . PHE B 2 3   ? 3.529   4.288   -3.095  1.00 55.67 ? 486 PHE B CZ  1 
ATOM   1439 N  N   . GLN B 2 4   ? 4.038   7.650   -8.366  1.00 62.32 ? 487 GLN B N   1 
ATOM   1440 C  CA  . GLN B 2 4   ? 5.140   8.598   -8.234  1.00 62.55 ? 487 GLN B CA  1 
ATOM   1441 C  C   . GLN B 2 4   ? 4.660   10.037  -8.370  1.00 63.57 ? 487 GLN B C   1 
ATOM   1442 O  O   . GLN B 2 4   ? 5.323   10.965  -7.894  1.00 62.42 ? 487 GLN B O   1 
ATOM   1443 C  CB  . GLN B 2 4   ? 6.220   8.293   -9.271  1.00 62.20 ? 487 GLN B CB  1 
ATOM   1444 C  CG  . GLN B 2 4   ? 6.755   6.876   -9.207  1.00 63.07 ? 487 GLN B CG  1 
ATOM   1445 C  CD  . GLN B 2 4   ? 7.265   6.510   -7.828  1.00 64.00 ? 487 GLN B CD  1 
ATOM   1446 O  OE1 . GLN B 2 4   ? 6.964   5.440   -7.308  1.00 65.82 ? 487 GLN B OE1 1 
ATOM   1447 N  NE2 . GLN B 2 4   ? 8.051   7.399   -7.232  1.00 63.14 ? 487 GLN B NE2 1 
ATOM   1448 N  N   . VAL B 2 5   ? 3.517   10.245  -9.025  1.00 63.97 ? 488 VAL B N   1 
ATOM   1449 C  CA  . VAL B 2 5   ? 2.965   11.592  -9.136  1.00 63.57 ? 488 VAL B CA  1 
ATOM   1450 C  C   . VAL B 2 5   ? 2.539   12.100  -7.764  1.00 63.00 ? 488 VAL B C   1 
ATOM   1451 O  O   . VAL B 2 5   ? 2.819   13.245  -7.389  1.00 62.65 ? 488 VAL B O   1 
ATOM   1452 C  CB  . VAL B 2 5   ? 1.797   11.616  -10.138 1.00 60.69 ? 488 VAL B CB  1 
ATOM   1453 C  CG1 . VAL B 2 5   ? 1.040   12.931  -10.042 1.00 60.22 ? 488 VAL B CG1 1 
ATOM   1454 C  CG2 . VAL B 2 5   ? 2.313   11.407  -11.549 1.00 59.42 ? 488 VAL B CG2 1 
ATOM   1455 N  N   . ILE B 2 6   ? 1.857   11.250  -6.993  1.00 57.80 ? 489 ILE B N   1 
ATOM   1456 C  CA  . ILE B 2 6   ? 1.462   11.628  -5.641  1.00 58.21 ? 489 ILE B CA  1 
ATOM   1457 C  C   . ILE B 2 6   ? 2.688   11.755  -4.748  1.00 58.85 ? 489 ILE B C   1 
ATOM   1458 O  O   . ILE B 2 6   ? 2.785   12.670  -3.922  1.00 56.89 ? 489 ILE B O   1 
ATOM   1459 C  CB  . ILE B 2 6   ? 0.458   10.606  -5.076  1.00 59.24 ? 489 ILE B CB  1 
ATOM   1460 C  CG1 . ILE B 2 6   ? -0.554  10.200  -6.147  1.00 61.28 ? 489 ILE B CG1 1 
ATOM   1461 C  CG2 . ILE B 2 6   ? -0.262  11.184  -3.872  1.00 55.50 ? 489 ILE B CG2 1 
ATOM   1462 C  CD1 . ILE B 2 6   ? -1.382  8.991   -5.772  1.00 57.76 ? 489 ILE B CD1 1 
ATOM   1463 N  N   . LYS B 2 7   ? 3.643   10.837  -4.906  1.00 57.37 ? 490 LYS B N   1 
ATOM   1464 C  CA  . LYS B 2 7   ? 4.829   10.822  -4.054  1.00 59.29 ? 490 LYS B CA  1 
ATOM   1465 C  C   . LYS B 2 7   ? 5.709   12.043  -4.288  1.00 59.99 ? 490 LYS B C   1 
ATOM   1466 O  O   . LYS B 2 7   ? 6.325   12.561  -3.350  1.00 60.06 ? 490 LYS B O   1 
ATOM   1467 C  CB  . LYS B 2 7   ? 5.615   9.536   -4.303  1.00 60.57 ? 490 LYS B CB  1 
ATOM   1468 C  CG  . LYS B 2 7   ? 6.777   9.297   -3.365  1.00 58.57 ? 490 LYS B CG  1 
ATOM   1469 C  CD  . LYS B 2 7   ? 7.514   8.043   -3.789  1.00 60.25 ? 490 LYS B CD  1 
ATOM   1470 C  CE  . LYS B 2 7   ? 8.743   7.794   -2.947  1.00 58.24 ? 490 LYS B CE  1 
ATOM   1471 N  NZ  . LYS B 2 7   ? 9.521   6.642   -3.475  1.00 61.31 ? 490 LYS B NZ  1 
ATOM   1472 N  N   . ASN B 2 8   ? 5.789   12.515  -5.534  1.00 63.53 ? 491 ASN B N   1 
ATOM   1473 C  CA  . ASN B 2 8   ? 6.670   13.640  -5.835  1.00 64.37 ? 491 ASN B CA  1 
ATOM   1474 C  C   . ASN B 2 8   ? 5.987   14.980  -5.598  1.00 66.16 ? 491 ASN B C   1 
ATOM   1475 O  O   . ASN B 2 8   ? 6.595   16.030  -5.830  1.00 66.43 ? 491 ASN B O   1 
ATOM   1476 C  CB  . ASN B 2 8   ? 7.167   13.551  -7.279  1.00 65.95 ? 491 ASN B CB  1 
ATOM   1477 C  CG  . ASN B 2 8   ? 8.211   12.470  -7.469  1.00 68.16 ? 491 ASN B CG  1 
ATOM   1478 O  OD1 . ASN B 2 8   ? 8.478   12.041  -8.592  1.00 68.98 ? 491 ASN B OD1 1 
ATOM   1479 N  ND2 . ASN B 2 8   ? 8.802   12.017  -6.370  1.00 63.13 ? 491 ASN B ND2 1 
ATOM   1480 N  N   . SER B 2 9   ? 4.735   14.969  -5.151  1.00 62.57 ? 492 SER B N   1 
ATOM   1481 C  CA  . SER B 2 9   ? 4.019   16.215  -4.923  1.00 62.51 ? 492 SER B CA  1 
ATOM   1482 C  C   . SER B 2 9   ? 4.670   16.998  -3.786  1.00 63.74 ? 492 SER B C   1 
ATOM   1483 O  O   . SER B 2 9   ? 5.050   16.412  -2.764  1.00 64.62 ? 492 SER B O   1 
ATOM   1484 C  CB  . SER B 2 9   ? 2.553   15.937  -4.594  1.00 62.70 ? 492 SER B CB  1 
ATOM   1485 O  OG  . SER B 2 9   ? 1.952   15.131  -5.592  1.00 66.49 ? 492 SER B OG  1 
ATOM   1486 N  N   . PRO B 2 10  ? 4.821   18.314  -3.925  1.00 63.38 ? 493 PRO B N   1 
ATOM   1487 C  CA  . PRO B 2 10  ? 5.406   19.111  -2.843  1.00 60.81 ? 493 PRO B CA  1 
ATOM   1488 C  C   . PRO B 2 10  ? 4.509   19.127  -1.615  1.00 59.91 ? 493 PRO B C   1 
ATOM   1489 O  O   . PRO B 2 10  ? 3.291   18.950  -1.693  1.00 61.19 ? 493 PRO B O   1 
ATOM   1490 C  CB  . PRO B 2 10  ? 5.536   20.511  -3.455  1.00 60.07 ? 493 PRO B CB  1 
ATOM   1491 C  CG  . PRO B 2 10  ? 5.458   20.295  -4.939  1.00 61.37 ? 493 PRO B CG  1 
ATOM   1492 C  CD  . PRO B 2 10  ? 4.549   19.124  -5.123  1.00 60.04 ? 493 PRO B CD  1 
ATOM   1493 N  N   . LEU B 2 11  ? 5.142   19.341  -0.461  1.00 56.49 ? 494 LEU B N   1 
ATOM   1494 C  CA  . LEU B 2 11  ? 4.419   19.269  0.806   1.00 56.23 ? 494 LEU B CA  1 
ATOM   1495 C  C   . LEU B 2 11  ? 3.405   20.401  0.937   1.00 58.34 ? 494 LEU B C   1 
ATOM   1496 O  O   . LEU B 2 11  ? 2.475   20.318  1.747   1.00 55.32 ? 494 LEU B O   1 
ATOM   1497 C  CB  . LEU B 2 11  ? 5.405   19.290  1.972   1.00 55.06 ? 494 LEU B CB  1 
ATOM   1498 C  CG  . LEU B 2 11  ? 6.255   18.030  2.150   1.00 57.58 ? 494 LEU B CG  1 
ATOM   1499 C  CD1 . LEU B 2 11  ? 7.541   18.345  2.899   1.00 53.75 ? 494 LEU B CD1 1 
ATOM   1500 C  CD2 . LEU B 2 11  ? 5.474   16.931  2.851   1.00 53.75 ? 494 LEU B CD2 1 
ATOM   1501 N  N   . SER B 2 12  ? 3.566   21.464  0.146   1.00 62.46 ? 495 SER B N   1 
ATOM   1502 C  CA  . SER B 2 12  ? 2.636   22.588  0.220   1.00 59.09 ? 495 SER B CA  1 
ATOM   1503 C  C   . SER B 2 12  ? 1.259   22.208  -0.309  1.00 61.50 ? 495 SER B C   1 
ATOM   1504 O  O   . SER B 2 12  ? 0.265   22.880  -0.012  1.00 65.25 ? 495 SER B O   1 
ATOM   1505 C  CB  . SER B 2 12  ? 3.196   23.781  -0.552  1.00 58.30 ? 495 SER B CB  1 
ATOM   1506 O  OG  . SER B 2 12  ? 4.566   23.985  -0.257  1.00 60.36 ? 495 SER B OG  1 
ATOM   1507 N  N   . GLU B 2 13  ? 1.176   21.130  -1.093  1.00 56.37 ? 496 GLU B N   1 
ATOM   1508 C  CA  . GLU B 2 13  ? -0.110  20.725  -1.649  1.00 56.50 ? 496 GLU B CA  1 
ATOM   1509 C  C   . GLU B 2 13  ? -0.841  19.777  -0.710  1.00 55.70 ? 496 GLU B C   1 
ATOM   1510 O  O   . GLU B 2 13  ? -1.928  19.284  -1.034  1.00 57.92 ? 496 GLU B O   1 
ATOM   1511 C  CB  . GLU B 2 13  ? 0.089   20.071  -3.015  1.00 56.19 ? 496 GLU B CB  1 
ATOM   1512 C  CG  . GLU B 2 13  ? 0.839   20.930  -4.017  1.00 58.57 ? 496 GLU B CG  1 
ATOM   1513 C  CD  . GLU B 2 13  ? 0.845   20.326  -5.406  1.00 62.00 ? 496 GLU B CD  1 
ATOM   1514 O  OE1 . GLU B 2 13  ? 0.282   19.226  -5.579  1.00 59.64 ? 496 GLU B OE1 1 
ATOM   1515 O  OE2 . GLU B 2 13  ? 1.411   20.952  -6.327  1.00 63.38 ? 496 GLU B OE2 1 
ATOM   1516 N  N   . TRP B 2 14  ? -0.262  19.509  0.460   1.00 44.64 ? 497 TRP B N   1 
ATOM   1517 C  CA  . TRP B 2 14  ? -0.877  18.569  1.389   1.00 44.58 ? 497 TRP B CA  1 
ATOM   1518 C  C   . TRP B 2 14  ? -1.195  19.236  2.720   1.00 48.05 ? 497 TRP B C   1 
ATOM   1519 O  O   . TRP B 2 14  ? -1.635  18.575  3.667   1.00 51.39 ? 497 TRP B O   1 
ATOM   1520 C  CB  . TRP B 2 14  ? 0.034   17.360  1.570   1.00 46.21 ? 497 TRP B CB  1 
ATOM   1521 C  CG  . TRP B 2 14  ? 0.209   16.611  0.294   1.00 48.92 ? 497 TRP B CG  1 
ATOM   1522 C  CD1 . TRP B 2 14  ? 1.263   16.692  -0.566  1.00 46.64 ? 497 TRP B CD1 1 
ATOM   1523 C  CD2 . TRP B 2 14  ? -0.706  15.669  -0.278  1.00 50.13 ? 497 TRP B CD2 1 
ATOM   1524 N  NE1 . TRP B 2 14  ? 1.061   15.860  -1.638  1.00 47.35 ? 497 TRP B NE1 1 
ATOM   1525 C  CE2 . TRP B 2 14  ? -0.139  15.219  -1.484  1.00 48.24 ? 497 TRP B CE2 1 
ATOM   1526 C  CE3 . TRP B 2 14  ? -1.947  15.161  0.116   1.00 42.58 ? 497 TRP B CE3 1 
ATOM   1527 C  CZ2 . TRP B 2 14  ? -0.770  14.286  -2.299  1.00 44.16 ? 497 TRP B CZ2 1 
ATOM   1528 C  CZ3 . TRP B 2 14  ? -2.568  14.235  -0.693  1.00 42.65 ? 497 TRP B CZ3 1 
ATOM   1529 C  CH2 . TRP B 2 14  ? -1.981  13.807  -1.887  1.00 44.15 ? 497 TRP B CH2 1 
ATOM   1530 N  N   . LEU B 2 15  ? -0.964  20.542  2.814   1.00 46.60 ? 498 LEU B N   1 
ATOM   1531 C  CA  . LEU B 2 15  ? -1.379  21.292  3.990   1.00 44.80 ? 498 LEU B CA  1 
ATOM   1532 C  C   . LEU B 2 15  ? -2.711  21.987  3.732   1.00 46.29 ? 498 LEU B C   1 
ATOM   1533 O  O   . LEU B 2 15  ? -2.996  22.423  2.614   1.00 49.74 ? 498 LEU B O   1 
ATOM   1534 C  CB  . LEU B 2 15  ? -0.314  22.322  4.365   1.00 40.66 ? 498 LEU B CB  1 
ATOM   1535 C  CG  . LEU B 2 15  ? 0.917   21.790  5.097   1.00 46.77 ? 498 LEU B CG  1 
ATOM   1536 C  CD1 . LEU B 2 15  ? 2.013   22.842  5.121   1.00 47.97 ? 498 LEU B CD1 1 
ATOM   1537 C  CD2 . LEU B 2 15  ? 0.563   21.347  6.502   1.00 42.94 ? 498 LEU B CD2 1 
ATOM   1538 N  N   . ILE B 2 16  ? -3.529  22.087  4.774   1.00 44.25 ? 499 ILE B N   1 
ATOM   1539 C  CA  . ILE B 2 16  ? -4.796  22.798  4.674   1.00 43.43 ? 499 ILE B CA  1 
ATOM   1540 C  C   . ILE B 2 16  ? -4.547  24.297  4.561   1.00 47.11 ? 499 ILE B C   1 
ATOM   1541 O  O   . ILE B 2 16  ? -3.505  24.797  4.983   1.00 49.74 ? 499 ILE B O   1 
ATOM   1542 C  CB  . ILE B 2 16  ? -5.711  22.484  5.868   1.00 43.35 ? 499 ILE B CB  1 
ATOM   1543 C  CG1 . ILE B 2 16  ? -6.481  21.189  5.622   1.00 45.36 ? 499 ILE B CG1 1 
ATOM   1544 C  CG2 . ILE B 2 16  ? -6.672  23.634  6.123   1.00 43.53 ? 499 ILE B CG2 1 
ATOM   1545 C  CD1 . ILE B 2 16  ? -7.281  20.722  6.809   1.00 46.17 ? 499 ILE B CD1 1 
HETATM 1546 FE FE  . FE  C 3 .   ? 0.461   -4.275  2.692   1.00 87.11 ? 201 FE  A FE  1 
HETATM 1547 FE FE  . FE  D 3 .   ? 0.252   -0.243  4.644   1.00 65.73 ? 202 FE  A FE  1 
HETATM 1548 O  O   . HOH E 4 .   ? 5.276   23.858  12.360  1.00 45.43 ? 301 HOH A O   1 
# 
